data_5WNG
#
_entry.id   5WNG
#
_cell.length_a   160.924
_cell.length_b   81.415
_cell.length_c   168.892
_cell.angle_alpha   90.00
_cell.angle_beta   115.10
_cell.angle_gamma   90.00
#
_symmetry.space_group_name_H-M   'C 1 2 1'
#
loop_
_entity.id
_entity.type
_entity.pdbx_description
1 polymer 'Rho-associated protein kinase 1'
2 non-polymer (2R)-N-(3-cyanophenyl)-2-(3-{[(6S)-6-(dimethylamino)-4,5,6,7-tetrahydro-1,3-benzothiazol-2-yl]carbamoyl}phenyl)pyrrolidine-1-carboxamide
3 water water
#
_entity_poly.entity_id   1
_entity_poly.type   'polypeptide(L)'
_entity_poly.pdbx_seq_one_letter_code
;GSLHMSFETRFEKMDNLLRDPKSEVNSDCLLDGLDALVYDLDFPALRKNKNIDNFLSRYKDTINKIRDLRMKAEDYEVVK
VIGRGAFGEVQLVRHKSTRKVYAMKLLSKFEMIKRSDSAFFWEERDIMAFANSPWVVQLFYAFQDDRYLYMVMEYMPGGD
LVNLMSNYDVPEKWARFYTAEVVLALDAIHSMGFIHRDVKPDNMLLDKSGHLKLADFGTCMKMNKEGMVRCDTAVGTPDY
ISPEVLKSQGGDGYYGRECDWWSVGVFLYEMLVGDTPFYADSLVGTYSKIMNHKNSLTFPDDNDISKEAKNLICAFLTDR
EVRLGRNGVEEIKRHLFFKNDQWAWETLRDTVAPVVPDLSSDIDTSNFDDLEEDKGEEETFPIPKAFVGNQLPFVGFTYY
SNRRYLSSANPNDNR
;
_entity_poly.pdbx_strand_id   A,B,C,D
#
# COMPACT_ATOMS: atom_id res chain seq x y z
N PHE A 7 -8.18 -32.17 15.47
CA PHE A 7 -8.12 -33.34 14.58
C PHE A 7 -9.29 -33.34 13.59
N GLU A 8 -10.53 -33.20 14.10
CA GLU A 8 -11.76 -33.17 13.30
C GLU A 8 -12.06 -31.73 12.85
N THR A 9 -11.82 -30.75 13.74
CA THR A 9 -12.02 -29.31 13.50
C THR A 9 -11.18 -28.81 12.31
N ARG A 10 -9.94 -29.34 12.16
CA ARG A 10 -9.02 -29.00 11.07
C ARG A 10 -8.00 -30.14 10.79
N PHE A 11 -7.86 -30.50 9.49
CA PHE A 11 -6.97 -31.53 8.91
C PHE A 11 -7.29 -31.69 7.43
N GLU A 12 -8.61 -31.76 7.11
CA GLU A 12 -9.19 -31.92 5.77
C GLU A 12 -8.67 -30.85 4.80
N LYS A 13 -8.48 -29.63 5.32
CA LYS A 13 -8.00 -28.43 4.64
C LYS A 13 -6.52 -28.55 4.27
N MET A 14 -5.70 -29.18 5.16
CA MET A 14 -4.27 -29.40 4.94
C MET A 14 -4.02 -30.31 3.74
N ASP A 15 -4.80 -31.40 3.63
CA ASP A 15 -4.71 -32.38 2.54
C ASP A 15 -5.01 -31.74 1.20
N ASN A 16 -6.00 -30.81 1.15
CA ASN A 16 -6.38 -30.08 -0.06
C ASN A 16 -5.25 -29.15 -0.49
N LEU A 17 -4.62 -28.46 0.48
CA LEU A 17 -3.49 -27.53 0.28
C LEU A 17 -2.27 -28.21 -0.33
N LEU A 18 -2.09 -29.52 -0.06
CA LEU A 18 -0.97 -30.32 -0.57
C LEU A 18 -1.25 -30.94 -1.94
N ARG A 19 -2.55 -31.14 -2.26
CA ARG A 19 -3.00 -31.76 -3.52
C ARG A 19 -3.34 -30.76 -4.63
N ASP A 20 -3.97 -29.62 -4.26
CA ASP A 20 -4.43 -28.55 -5.16
C ASP A 20 -3.34 -28.05 -6.12
N PRO A 21 -3.56 -28.09 -7.47
CA PRO A 21 -2.52 -27.59 -8.40
C PRO A 21 -2.34 -26.07 -8.38
N LYS A 22 -3.40 -25.34 -7.98
CA LYS A 22 -3.41 -23.87 -7.88
C LYS A 22 -2.77 -23.40 -6.55
N SER A 23 -2.54 -24.33 -5.60
CA SER A 23 -1.95 -24.05 -4.28
C SER A 23 -0.51 -23.56 -4.35
N GLU A 24 -0.09 -22.77 -3.34
CA GLU A 24 1.28 -22.26 -3.24
C GLU A 24 2.16 -23.23 -2.43
N VAL A 25 1.54 -24.12 -1.64
CA VAL A 25 2.23 -25.08 -0.77
C VAL A 25 1.90 -26.56 -1.11
N ASN A 26 1.72 -26.86 -2.41
CA ASN A 26 1.46 -28.24 -2.83
C ASN A 26 2.76 -29.06 -2.86
N SER A 27 2.65 -30.39 -3.03
CA SER A 27 3.75 -31.36 -3.07
C SER A 27 4.99 -30.90 -3.87
N ASP A 28 4.79 -30.48 -5.14
CA ASP A 28 5.85 -30.02 -6.05
C ASP A 28 6.48 -28.70 -5.63
N CYS A 29 5.69 -27.78 -5.05
CA CYS A 29 6.17 -26.48 -4.59
C CYS A 29 7.02 -26.60 -3.34
N LEU A 30 6.72 -27.57 -2.45
CA LEU A 30 7.47 -27.82 -1.22
C LEU A 30 8.83 -28.42 -1.50
N LEU A 31 8.92 -29.24 -2.57
CA LEU A 31 10.17 -29.86 -3.01
C LEU A 31 11.08 -28.77 -3.54
N ASP A 32 10.51 -27.73 -4.19
CA ASP A 32 11.22 -26.56 -4.72
C ASP A 32 11.97 -25.86 -3.61
N GLY A 33 11.34 -25.74 -2.44
CA GLY A 33 11.90 -25.12 -1.24
C GLY A 33 13.14 -25.85 -0.74
N LEU A 34 13.04 -27.18 -0.59
CA LEU A 34 14.13 -28.05 -0.16
C LEU A 34 15.26 -28.02 -1.19
N ASP A 35 14.90 -28.03 -2.47
CA ASP A 35 15.83 -27.99 -3.61
C ASP A 35 16.60 -26.68 -3.65
N ALA A 36 15.89 -25.54 -3.46
CA ALA A 36 16.46 -24.20 -3.46
C ALA A 36 17.43 -24.03 -2.30
N LEU A 37 17.04 -24.57 -1.13
CA LEU A 37 17.82 -24.51 0.11
C LEU A 37 19.17 -25.19 -0.07
N VAL A 38 19.19 -26.37 -0.73
CA VAL A 38 20.42 -27.12 -1.02
C VAL A 38 21.32 -26.31 -1.96
N TYR A 39 20.76 -25.78 -3.06
CA TYR A 39 21.47 -24.95 -4.04
C TYR A 39 22.13 -23.72 -3.39
N ASP A 40 21.36 -22.97 -2.57
CA ASP A 40 21.78 -21.74 -1.89
C ASP A 40 22.73 -21.93 -0.70
N LEU A 41 22.77 -23.12 -0.09
CA LEU A 41 23.62 -23.36 1.08
C LEU A 41 24.94 -24.10 0.77
N ASP A 42 24.96 -24.97 -0.24
CA ASP A 42 26.13 -25.78 -0.58
C ASP A 42 27.28 -24.95 -1.20
N PHE A 43 28.03 -24.27 -0.32
CA PHE A 43 29.20 -23.45 -0.62
C PHE A 43 30.18 -23.57 0.56
N PRO A 44 31.51 -23.66 0.32
CA PRO A 44 32.47 -23.85 1.43
C PRO A 44 32.37 -22.85 2.59
N ALA A 45 32.20 -21.54 2.28
CA ALA A 45 32.08 -20.48 3.27
C ALA A 45 30.86 -20.69 4.18
N LEU A 46 29.73 -21.09 3.59
CA LEU A 46 28.46 -21.34 4.28
C LEU A 46 28.51 -22.66 5.05
N ARG A 47 29.16 -23.69 4.46
CA ARG A 47 29.32 -25.02 5.04
C ARG A 47 30.04 -25.01 6.39
N LYS A 48 30.84 -23.94 6.68
CA LYS A 48 31.58 -23.74 7.93
C LYS A 48 30.64 -23.76 9.15
N ASN A 49 29.39 -23.30 8.94
CA ASN A 49 28.31 -23.27 9.92
C ASN A 49 27.85 -24.70 10.19
N LYS A 50 27.92 -25.12 11.47
CA LYS A 50 27.54 -26.46 11.96
C LYS A 50 26.11 -26.85 11.54
N ASN A 51 25.16 -25.89 11.62
CA ASN A 51 23.75 -26.09 11.26
C ASN A 51 23.57 -26.33 9.76
N ILE A 52 24.26 -25.53 8.92
CA ILE A 52 24.23 -25.62 7.46
C ILE A 52 24.86 -26.95 7.00
N ASP A 53 25.96 -27.36 7.66
CA ASP A 53 26.63 -28.63 7.36
C ASP A 53 25.78 -29.82 7.79
N ASN A 54 25.09 -29.70 8.96
CA ASN A 54 24.19 -30.73 9.50
C ASN A 54 23.04 -31.02 8.54
N PHE A 55 22.45 -29.97 7.95
CA PHE A 55 21.35 -30.08 7.01
C PHE A 55 21.80 -30.68 5.67
N LEU A 56 22.90 -30.17 5.09
CA LEU A 56 23.42 -30.63 3.80
C LEU A 56 23.93 -32.07 3.83
N SER A 57 24.55 -32.50 4.95
CA SER A 57 25.02 -33.89 5.08
C SER A 57 23.84 -34.87 5.13
N ARG A 58 22.68 -34.44 5.65
CA ARG A 58 21.48 -35.27 5.75
C ARG A 58 20.64 -35.25 4.48
N TYR A 59 20.54 -34.09 3.82
CA TYR A 59 19.65 -33.93 2.67
C TYR A 59 20.31 -33.86 1.27
N LYS A 60 21.65 -33.70 1.15
CA LYS A 60 22.29 -33.60 -0.19
C LYS A 60 22.12 -34.83 -1.07
N ASP A 61 22.29 -36.04 -0.49
CA ASP A 61 22.16 -37.28 -1.24
C ASP A 61 20.73 -37.57 -1.71
N THR A 62 19.72 -37.38 -0.82
CA THR A 62 18.32 -37.60 -1.16
C THR A 62 17.79 -36.54 -2.13
N ILE A 63 18.28 -35.29 -2.04
CA ILE A 63 17.87 -34.21 -2.95
C ILE A 63 18.42 -34.44 -4.36
N ASN A 64 19.62 -35.05 -4.44
CA ASN A 64 20.25 -35.42 -5.71
C ASN A 64 19.42 -36.53 -6.36
N LYS A 65 18.88 -37.47 -5.53
CA LYS A 65 18.00 -38.58 -5.95
C LYS A 65 16.68 -37.98 -6.48
N ILE A 66 16.16 -36.94 -5.78
CA ILE A 66 14.95 -36.19 -6.12
C ILE A 66 15.14 -35.55 -7.50
N ARG A 67 16.24 -34.77 -7.67
CA ARG A 67 16.63 -34.05 -8.89
C ARG A 67 16.62 -34.94 -10.12
N ASP A 68 17.09 -36.19 -9.97
CA ASP A 68 17.16 -37.22 -11.02
C ASP A 68 15.75 -37.73 -11.35
N LEU A 69 14.89 -37.89 -10.32
CA LEU A 69 13.51 -38.38 -10.47
C LEU A 69 12.57 -37.34 -11.10
N ARG A 70 12.53 -36.11 -10.55
CA ARG A 70 11.67 -35.04 -11.09
C ARG A 70 12.18 -34.51 -12.44
N MET A 71 11.29 -33.83 -13.20
CA MET A 71 11.55 -33.29 -14.54
C MET A 71 12.76 -32.38 -14.60
N LYS A 72 13.62 -32.62 -15.58
CA LYS A 72 14.86 -31.87 -15.83
C LYS A 72 15.03 -31.57 -17.32
N ALA A 73 15.91 -30.60 -17.66
CA ALA A 73 16.20 -30.19 -19.03
C ALA A 73 16.76 -31.33 -19.88
N GLU A 74 17.43 -32.31 -19.23
CA GLU A 74 18.03 -33.50 -19.84
C GLU A 74 16.97 -34.43 -20.45
N ASP A 75 15.72 -34.41 -19.91
CA ASP A 75 14.60 -35.21 -20.38
C ASP A 75 14.10 -34.79 -21.76
N TYR A 76 14.51 -33.60 -22.23
CA TYR A 76 14.08 -33.04 -23.52
C TYR A 76 15.22 -32.90 -24.51
N GLU A 77 14.97 -33.36 -25.74
CA GLU A 77 15.90 -33.29 -26.87
C GLU A 77 15.55 -32.02 -27.64
N VAL A 78 16.47 -31.03 -27.64
CA VAL A 78 16.25 -29.76 -28.32
C VAL A 78 16.45 -29.93 -29.84
N VAL A 79 15.39 -29.65 -30.61
CA VAL A 79 15.36 -29.73 -32.08
C VAL A 79 16.09 -28.50 -32.64
N LYS A 80 15.58 -27.28 -32.32
CA LYS A 80 16.15 -25.98 -32.71
C LYS A 80 15.52 -24.80 -31.96
N VAL A 81 16.25 -23.66 -31.87
CA VAL A 81 15.80 -22.42 -31.23
C VAL A 81 14.85 -21.72 -32.21
N ILE A 82 13.58 -21.54 -31.81
CA ILE A 82 12.54 -20.95 -32.66
C ILE A 82 12.23 -19.48 -32.30
N GLY A 83 12.63 -19.04 -31.10
CA GLY A 83 12.40 -17.68 -30.62
C GLY A 83 13.38 -17.23 -29.55
N ARG A 84 13.41 -15.90 -29.28
CA ARG A 84 14.28 -15.30 -28.28
C ARG A 84 13.68 -14.01 -27.71
N GLY A 85 13.64 -13.93 -26.38
CA GLY A 85 13.14 -12.77 -25.64
C GLY A 85 14.23 -12.07 -24.86
N ALA A 86 13.83 -11.20 -23.92
CA ALA A 86 14.75 -10.43 -23.07
C ALA A 86 15.54 -11.28 -22.08
N PHE A 87 14.85 -12.22 -21.38
CA PHE A 87 15.49 -13.08 -20.37
C PHE A 87 15.67 -14.54 -20.78
N GLY A 88 15.45 -14.86 -22.05
CA GLY A 88 15.61 -16.23 -22.52
C GLY A 88 15.33 -16.49 -23.98
N GLU A 89 15.08 -17.77 -24.29
CA GLU A 89 14.81 -18.27 -25.64
C GLU A 89 13.76 -19.37 -25.65
N VAL A 90 13.02 -19.49 -26.77
CA VAL A 90 12.01 -20.51 -26.97
C VAL A 90 12.60 -21.51 -27.97
N GLN A 91 12.66 -22.78 -27.57
CA GLN A 91 13.20 -23.83 -28.41
C GLN A 91 12.24 -24.99 -28.60
N LEU A 92 12.18 -25.55 -29.82
CA LEU A 92 11.33 -26.69 -30.15
C LEU A 92 11.99 -27.93 -29.54
N VAL A 93 11.26 -28.63 -28.67
CA VAL A 93 11.80 -29.82 -27.99
C VAL A 93 10.92 -31.07 -28.18
N ARG A 94 11.54 -32.23 -28.00
CA ARG A 94 10.88 -33.53 -28.03
C ARG A 94 11.23 -34.24 -26.72
N HIS A 95 10.21 -34.68 -25.95
CA HIS A 95 10.44 -35.38 -24.69
C HIS A 95 11.04 -36.75 -25.02
N LYS A 96 12.23 -37.03 -24.48
CA LYS A 96 12.97 -38.27 -24.74
C LYS A 96 12.16 -39.56 -24.51
N SER A 97 11.40 -39.63 -23.42
CA SER A 97 10.59 -40.82 -23.07
C SER A 97 9.28 -40.94 -23.87
N THR A 98 8.38 -39.95 -23.74
CA THR A 98 7.07 -39.93 -24.38
C THR A 98 7.11 -39.65 -25.88
N ARG A 99 8.21 -39.02 -26.36
CA ARG A 99 8.45 -38.63 -27.76
C ARG A 99 7.48 -37.51 -28.22
N LYS A 100 6.82 -36.84 -27.26
CA LYS A 100 5.88 -35.76 -27.51
C LYS A 100 6.62 -34.46 -27.82
N VAL A 101 6.14 -33.73 -28.85
CA VAL A 101 6.73 -32.49 -29.32
C VAL A 101 6.10 -31.28 -28.63
N TYR A 102 6.96 -30.42 -28.04
CA TYR A 102 6.57 -29.21 -27.31
C TYR A 102 7.46 -28.02 -27.71
N ALA A 103 7.11 -26.84 -27.19
CA ALA A 103 7.86 -25.59 -27.32
C ALA A 103 8.28 -25.22 -25.91
N MET A 104 9.60 -25.24 -25.64
CA MET A 104 10.14 -24.94 -24.31
C MET A 104 10.72 -23.54 -24.20
N LYS A 105 10.21 -22.78 -23.22
CA LYS A 105 10.65 -21.41 -22.93
C LYS A 105 11.60 -21.44 -21.76
N LEU A 106 12.80 -20.88 -21.94
CA LEU A 106 13.83 -20.80 -20.90
C LEU A 106 13.90 -19.38 -20.38
N LEU A 107 14.11 -19.23 -19.07
CA LEU A 107 14.23 -17.91 -18.44
C LEU A 107 15.44 -17.90 -17.52
N SER A 108 16.46 -17.10 -17.87
CA SER A 108 17.71 -16.97 -17.15
C SER A 108 17.52 -16.39 -15.75
N LYS A 109 17.79 -17.22 -14.72
CA LYS A 109 17.70 -16.83 -13.31
C LYS A 109 18.72 -15.73 -13.01
N PHE A 110 19.89 -15.76 -13.70
CA PHE A 110 20.93 -14.74 -13.55
C PHE A 110 20.42 -13.37 -14.02
N GLU A 111 19.97 -13.25 -15.29
CA GLU A 111 19.45 -11.99 -15.84
C GLU A 111 18.23 -11.50 -15.08
N MET A 112 17.47 -12.42 -14.47
CA MET A 112 16.31 -12.06 -13.65
C MET A 112 16.74 -11.44 -12.31
N ILE A 113 17.75 -12.04 -11.65
CA ILE A 113 18.32 -11.56 -10.38
C ILE A 113 19.13 -10.25 -10.58
N LYS A 114 19.95 -10.20 -11.66
CA LYS A 114 20.80 -9.05 -12.04
C LYS A 114 19.97 -7.77 -12.09
N ARG A 115 18.78 -7.83 -12.72
CA ARG A 115 17.86 -6.70 -12.80
C ARG A 115 17.05 -6.72 -11.48
N SER A 116 15.76 -7.06 -11.52
CA SER A 116 14.87 -7.17 -10.36
C SER A 116 13.62 -7.98 -10.71
N ASP A 117 13.42 -8.23 -12.02
CA ASP A 117 12.30 -9.00 -12.57
C ASP A 117 12.37 -10.45 -12.08
N SER A 118 11.57 -10.80 -11.05
CA SER A 118 11.49 -12.13 -10.46
C SER A 118 10.05 -12.42 -10.03
N ALA A 119 9.08 -11.75 -10.70
CA ALA A 119 7.65 -11.86 -10.40
C ALA A 119 6.74 -11.89 -11.63
N PHE A 120 7.25 -11.47 -12.81
CA PHE A 120 6.49 -11.41 -14.08
C PHE A 120 5.96 -12.77 -14.55
N PHE A 121 6.73 -13.84 -14.33
CA PHE A 121 6.41 -15.20 -14.75
C PHE A 121 5.26 -15.85 -14.00
N TRP A 122 4.93 -15.38 -12.78
CA TRP A 122 3.85 -15.95 -11.97
C TRP A 122 2.49 -15.88 -12.65
N GLU A 123 2.14 -14.74 -13.26
CA GLU A 123 0.87 -14.53 -13.99
C GLU A 123 0.84 -15.39 -15.23
N GLU A 124 1.95 -15.39 -16.01
CA GLU A 124 2.11 -16.16 -17.24
C GLU A 124 1.89 -17.65 -16.96
N ARG A 125 2.57 -18.17 -15.91
CA ARG A 125 2.47 -19.56 -15.44
C ARG A 125 1.02 -19.90 -15.10
N ASP A 126 0.37 -19.06 -14.29
CA ASP A 126 -1.02 -19.23 -13.86
C ASP A 126 -2.01 -19.20 -15.03
N ILE A 127 -1.87 -18.22 -15.95
CA ILE A 127 -2.74 -18.07 -17.12
C ILE A 127 -2.64 -19.30 -18.02
N MET A 128 -1.45 -19.59 -18.55
CA MET A 128 -1.18 -20.73 -19.46
C MET A 128 -1.57 -22.08 -18.88
N ALA A 129 -1.31 -22.32 -17.59
CA ALA A 129 -1.59 -23.59 -16.94
C ALA A 129 -3.06 -23.83 -16.57
N PHE A 130 -3.79 -22.76 -16.20
CA PHE A 130 -5.17 -22.91 -15.73
C PHE A 130 -6.23 -22.18 -16.58
N ALA A 131 -5.89 -21.72 -17.81
CA ALA A 131 -6.84 -21.02 -18.70
C ALA A 131 -7.91 -21.95 -19.23
N ASN A 132 -7.51 -23.12 -19.80
CA ASN A 132 -8.38 -24.11 -20.43
C ASN A 132 -9.26 -23.45 -21.51
N SER A 133 -8.61 -22.63 -22.35
CA SER A 133 -9.23 -21.88 -23.44
C SER A 133 -8.47 -22.15 -24.76
N PRO A 134 -9.19 -22.29 -25.90
CA PRO A 134 -8.47 -22.49 -27.18
C PRO A 134 -7.78 -21.22 -27.69
N TRP A 135 -7.82 -20.14 -26.89
CA TRP A 135 -7.24 -18.83 -27.21
C TRP A 135 -5.91 -18.60 -26.50
N VAL A 136 -5.57 -19.47 -25.55
CA VAL A 136 -4.36 -19.38 -24.74
C VAL A 136 -3.49 -20.62 -25.00
N VAL A 137 -2.19 -20.40 -25.25
CA VAL A 137 -1.19 -21.46 -25.45
C VAL A 137 -1.08 -22.20 -24.09
N GLN A 138 -1.38 -23.50 -24.11
CA GLN A 138 -1.40 -24.35 -22.92
C GLN A 138 -0.01 -24.68 -22.38
N LEU A 139 0.15 -24.62 -21.05
CA LEU A 139 1.38 -24.99 -20.35
C LEU A 139 1.16 -26.37 -19.75
N PHE A 140 1.94 -27.36 -20.18
CA PHE A 140 1.81 -28.73 -19.70
C PHE A 140 2.67 -28.98 -18.47
N TYR A 141 3.92 -28.49 -18.49
CA TYR A 141 4.85 -28.65 -17.37
C TYR A 141 5.69 -27.41 -17.16
N ALA A 142 5.97 -27.10 -15.89
CA ALA A 142 6.83 -26.01 -15.48
C ALA A 142 7.86 -26.58 -14.51
N PHE A 143 9.16 -26.38 -14.79
CA PHE A 143 10.23 -26.88 -13.93
C PHE A 143 11.41 -25.92 -13.89
N GLN A 144 12.43 -26.22 -13.05
CA GLN A 144 13.59 -25.35 -12.86
C GLN A 144 14.85 -26.07 -12.37
N ASP A 145 16.01 -25.43 -12.60
CA ASP A 145 17.32 -25.84 -12.09
C ASP A 145 17.98 -24.59 -11.51
N ASP A 146 19.26 -24.64 -11.14
CA ASP A 146 19.96 -23.49 -10.56
C ASP A 146 20.14 -22.31 -11.53
N ARG A 147 20.03 -22.55 -12.85
CA ARG A 147 20.26 -21.54 -13.88
C ARG A 147 19.00 -21.03 -14.59
N TYR A 148 18.00 -21.90 -14.84
CA TYR A 148 16.81 -21.51 -15.61
C TYR A 148 15.46 -21.93 -15.05
N LEU A 149 14.40 -21.31 -15.61
CA LEU A 149 12.99 -21.59 -15.40
C LEU A 149 12.51 -22.13 -16.75
N TYR A 150 11.92 -23.32 -16.74
CA TYR A 150 11.47 -23.98 -17.96
C TYR A 150 9.96 -24.04 -18.06
N MET A 151 9.43 -23.67 -19.22
CA MET A 151 8.00 -23.69 -19.51
C MET A 151 7.73 -24.58 -20.72
N VAL A 152 7.25 -25.80 -20.46
CA VAL A 152 6.91 -26.77 -21.50
C VAL A 152 5.47 -26.48 -21.96
N MET A 153 5.36 -25.80 -23.11
CA MET A 153 4.08 -25.37 -23.70
C MET A 153 3.81 -26.07 -25.02
N GLU A 154 2.56 -25.94 -25.54
CA GLU A 154 2.16 -26.52 -26.83
C GLU A 154 2.83 -25.77 -27.98
N TYR A 155 3.35 -26.52 -28.95
CA TYR A 155 4.01 -25.94 -30.11
C TYR A 155 2.97 -25.39 -31.09
N MET A 156 3.20 -24.16 -31.58
CA MET A 156 2.34 -23.49 -32.54
C MET A 156 3.06 -23.58 -33.89
N PRO A 157 2.72 -24.58 -34.73
CA PRO A 157 3.46 -24.77 -35.98
C PRO A 157 3.26 -23.74 -37.09
N GLY A 158 2.21 -22.92 -36.98
CA GLY A 158 1.90 -21.88 -37.95
C GLY A 158 2.69 -20.58 -37.80
N GLY A 159 3.50 -20.49 -36.74
CA GLY A 159 4.32 -19.33 -36.45
C GLY A 159 3.54 -18.14 -35.94
N ASP A 160 4.18 -16.95 -35.96
CA ASP A 160 3.56 -15.71 -35.49
C ASP A 160 3.00 -14.86 -36.63
N LEU A 161 2.20 -13.84 -36.28
CA LEU A 161 1.59 -12.93 -37.24
C LEU A 161 2.59 -11.99 -37.92
N VAL A 162 3.78 -11.78 -37.28
CA VAL A 162 4.89 -10.96 -37.82
C VAL A 162 5.37 -11.64 -39.11
N ASN A 163 5.59 -12.97 -39.02
CA ASN A 163 6.03 -13.81 -40.14
C ASN A 163 4.99 -13.84 -41.26
N LEU A 164 3.70 -13.92 -40.89
CA LEU A 164 2.58 -13.94 -41.84
C LEU A 164 2.49 -12.62 -42.62
N MET A 165 2.56 -11.48 -41.91
CA MET A 165 2.50 -10.14 -42.50
C MET A 165 3.69 -9.83 -43.42
N SER A 166 4.85 -10.46 -43.16
CA SER A 166 6.05 -10.28 -43.97
C SER A 166 6.03 -11.22 -45.19
N ASN A 167 5.41 -12.41 -45.03
CA ASN A 167 5.30 -13.42 -46.08
C ASN A 167 4.06 -13.29 -46.97
N TYR A 168 3.08 -12.46 -46.58
CA TYR A 168 1.85 -12.26 -47.35
C TYR A 168 1.40 -10.81 -47.37
N ASP A 169 0.76 -10.40 -48.48
CA ASP A 169 0.15 -9.07 -48.59
C ASP A 169 -1.29 -9.31 -48.14
N VAL A 170 -1.49 -9.21 -46.81
CA VAL A 170 -2.76 -9.49 -46.10
C VAL A 170 -3.93 -8.65 -46.65
N PRO A 171 -4.93 -9.31 -47.31
CA PRO A 171 -6.12 -8.58 -47.77
C PRO A 171 -7.06 -8.30 -46.59
N GLU A 172 -8.11 -7.49 -46.82
CA GLU A 172 -9.08 -7.14 -45.79
C GLU A 172 -9.88 -8.35 -45.26
N LYS A 173 -10.13 -9.36 -46.11
CA LYS A 173 -10.86 -10.58 -45.71
C LYS A 173 -10.09 -11.36 -44.63
N TRP A 174 -8.75 -11.42 -44.76
CA TRP A 174 -7.86 -12.08 -43.82
C TRP A 174 -7.71 -11.22 -42.57
N ALA A 175 -7.51 -9.89 -42.75
CA ALA A 175 -7.36 -8.90 -41.68
C ALA A 175 -8.58 -8.89 -40.75
N ARG A 176 -9.79 -9.13 -41.31
CA ARG A 176 -11.06 -9.20 -40.57
C ARG A 176 -11.05 -10.42 -39.64
N PHE A 177 -10.54 -11.57 -40.13
CA PHE A 177 -10.45 -12.84 -39.40
C PHE A 177 -9.49 -12.71 -38.21
N TYR A 178 -8.23 -12.35 -38.47
CA TYR A 178 -7.19 -12.24 -37.44
C TYR A 178 -7.47 -11.16 -36.39
N THR A 179 -8.12 -10.04 -36.76
CA THR A 179 -8.49 -8.98 -35.81
C THR A 179 -9.57 -9.50 -34.86
N ALA A 180 -10.58 -10.19 -35.40
CA ALA A 180 -11.70 -10.78 -34.65
C ALA A 180 -11.23 -11.86 -33.67
N GLU A 181 -10.26 -12.69 -34.10
CA GLU A 181 -9.68 -13.76 -33.28
C GLU A 181 -8.96 -13.14 -32.08
N VAL A 182 -8.21 -12.02 -32.29
CA VAL A 182 -7.48 -11.25 -31.26
C VAL A 182 -8.47 -10.69 -30.24
N VAL A 183 -9.64 -10.19 -30.74
CA VAL A 183 -10.73 -9.64 -29.92
C VAL A 183 -11.28 -10.72 -28.98
N LEU A 184 -11.63 -11.91 -29.53
CA LEU A 184 -12.12 -13.04 -28.74
C LEU A 184 -11.06 -13.56 -27.79
N ALA A 185 -9.78 -13.56 -28.23
CA ALA A 185 -8.65 -14.00 -27.41
C ALA A 185 -8.46 -13.08 -26.23
N LEU A 186 -8.48 -11.75 -26.45
CA LEU A 186 -8.30 -10.75 -25.39
C LEU A 186 -9.45 -10.74 -24.41
N ASP A 187 -10.70 -10.96 -24.90
CA ASP A 187 -11.89 -11.04 -24.06
C ASP A 187 -11.81 -12.23 -23.10
N ALA A 188 -11.16 -13.35 -23.52
CA ALA A 188 -10.93 -14.54 -22.69
C ALA A 188 -9.97 -14.21 -21.55
N ILE A 189 -8.92 -13.40 -21.85
CA ILE A 189 -7.92 -12.93 -20.88
C ILE A 189 -8.60 -11.95 -19.91
N HIS A 190 -9.50 -11.09 -20.43
CA HIS A 190 -10.26 -10.12 -19.66
C HIS A 190 -11.25 -10.82 -18.72
N SER A 191 -11.92 -11.90 -19.19
CA SER A 191 -12.87 -12.70 -18.40
C SER A 191 -12.17 -13.48 -17.28
N MET A 192 -10.84 -13.71 -17.43
CA MET A 192 -9.97 -14.34 -16.43
C MET A 192 -9.51 -13.30 -15.40
N GLY A 193 -9.82 -12.03 -15.68
CA GLY A 193 -9.53 -10.88 -14.82
C GLY A 193 -8.17 -10.27 -15.06
N PHE A 194 -7.75 -10.16 -16.33
CA PHE A 194 -6.44 -9.61 -16.68
C PHE A 194 -6.43 -8.64 -17.84
N ILE A 195 -5.48 -7.70 -17.78
CA ILE A 195 -5.17 -6.76 -18.85
C ILE A 195 -3.86 -7.33 -19.39
N HIS A 196 -3.76 -7.52 -20.72
CA HIS A 196 -2.55 -8.04 -21.35
C HIS A 196 -1.36 -7.08 -21.23
N ARG A 197 -1.57 -5.80 -21.63
CA ARG A 197 -0.61 -4.68 -21.64
C ARG A 197 0.47 -4.79 -22.73
N ASP A 198 0.56 -5.95 -23.45
CA ASP A 198 1.55 -6.14 -24.51
C ASP A 198 0.95 -6.91 -25.71
N VAL A 199 -0.12 -6.36 -26.30
CA VAL A 199 -0.80 -6.96 -27.45
C VAL A 199 -0.01 -6.58 -28.72
N LYS A 200 0.60 -7.56 -29.40
CA LYS A 200 1.40 -7.36 -30.63
C LYS A 200 1.51 -8.64 -31.47
N PRO A 201 1.74 -8.55 -32.81
CA PRO A 201 1.79 -9.77 -33.63
C PRO A 201 2.84 -10.81 -33.23
N ASP A 202 3.84 -10.40 -32.43
CA ASP A 202 4.91 -11.27 -31.91
C ASP A 202 4.33 -12.28 -30.93
N ASN A 203 3.25 -11.87 -30.20
CA ASN A 203 2.54 -12.67 -29.20
C ASN A 203 1.37 -13.47 -29.77
N MET A 204 0.96 -13.16 -31.02
CA MET A 204 -0.15 -13.85 -31.70
C MET A 204 0.42 -15.02 -32.48
N LEU A 205 0.20 -16.23 -32.00
CA LEU A 205 0.73 -17.46 -32.60
C LEU A 205 -0.38 -18.29 -33.25
N LEU A 206 -0.03 -19.03 -34.32
CA LEU A 206 -0.99 -19.85 -35.07
C LEU A 206 -0.70 -21.35 -34.90
N ASP A 207 -1.76 -22.15 -34.69
CA ASP A 207 -1.66 -23.61 -34.51
C ASP A 207 -1.57 -24.37 -35.86
N LYS A 208 -1.69 -25.71 -35.83
CA LYS A 208 -1.66 -26.55 -37.04
C LYS A 208 -2.83 -26.25 -37.98
N SER A 209 -3.96 -25.77 -37.42
CA SER A 209 -5.18 -25.42 -38.14
C SER A 209 -5.05 -24.05 -38.80
N GLY A 210 -4.22 -23.19 -38.22
CA GLY A 210 -3.98 -21.82 -38.70
C GLY A 210 -4.75 -20.78 -37.92
N HIS A 211 -5.25 -21.16 -36.73
CA HIS A 211 -6.02 -20.29 -35.83
C HIS A 211 -5.16 -19.66 -34.75
N LEU A 212 -5.48 -18.41 -34.40
CA LEU A 212 -4.80 -17.59 -33.41
C LEU A 212 -4.90 -18.12 -31.97
N LYS A 213 -3.84 -17.83 -31.18
CA LYS A 213 -3.65 -18.15 -29.76
C LYS A 213 -2.65 -17.15 -29.21
N LEU A 214 -2.95 -16.53 -28.05
CA LEU A 214 -2.02 -15.60 -27.41
C LEU A 214 -0.94 -16.41 -26.70
N ALA A 215 0.34 -16.04 -26.90
CA ALA A 215 1.46 -16.84 -26.40
C ALA A 215 2.19 -16.30 -25.17
N ASP A 216 2.55 -14.99 -25.13
CA ASP A 216 3.28 -14.42 -23.97
C ASP A 216 2.33 -13.63 -23.09
N PHE A 217 2.40 -13.84 -21.76
CA PHE A 217 1.54 -13.17 -20.77
C PHE A 217 2.34 -12.54 -19.63
N GLY A 218 3.64 -12.31 -19.86
CA GLY A 218 4.57 -11.74 -18.90
C GLY A 218 4.20 -10.38 -18.34
N THR A 219 3.51 -9.54 -19.17
CA THR A 219 3.08 -8.19 -18.77
C THR A 219 1.65 -8.15 -18.21
N CYS A 220 0.97 -9.31 -18.11
CA CYS A 220 -0.40 -9.38 -17.60
C CYS A 220 -0.53 -8.88 -16.16
N MET A 221 -1.63 -8.18 -15.87
CA MET A 221 -1.90 -7.64 -14.54
C MET A 221 -3.37 -7.84 -14.16
N LYS A 222 -3.61 -8.35 -12.95
CA LYS A 222 -4.95 -8.62 -12.45
C LYS A 222 -5.74 -7.32 -12.20
N MET A 223 -6.96 -7.23 -12.75
CA MET A 223 -7.81 -6.04 -12.59
C MET A 223 -8.46 -6.03 -11.22
N ASN A 224 -8.72 -4.83 -10.67
CA ASN A 224 -9.43 -4.70 -9.39
C ASN A 224 -10.94 -4.85 -9.66
N LYS A 225 -11.79 -4.69 -8.62
CA LYS A 225 -13.25 -4.82 -8.74
C LYS A 225 -13.89 -3.84 -9.75
N GLU A 226 -13.12 -2.82 -10.20
CA GLU A 226 -13.54 -1.77 -11.14
C GLU A 226 -12.98 -1.96 -12.55
N GLY A 227 -12.18 -3.01 -12.71
CA GLY A 227 -11.55 -3.36 -13.98
C GLY A 227 -10.43 -2.40 -14.35
N MET A 228 -9.83 -1.80 -13.32
CA MET A 228 -8.76 -0.82 -13.41
C MET A 228 -7.46 -1.39 -12.85
N VAL A 229 -6.35 -0.70 -13.12
CA VAL A 229 -5.02 -1.11 -12.69
C VAL A 229 -4.15 0.11 -12.36
N ARG A 230 -3.28 -0.01 -11.33
CA ARG A 230 -2.35 1.03 -10.92
C ARG A 230 -0.91 0.57 -11.18
N CYS A 231 -0.19 1.28 -12.08
CA CYS A 231 1.19 0.97 -12.44
C CYS A 231 2.04 2.23 -12.63
N ASP A 232 3.15 2.33 -11.86
CA ASP A 232 4.09 3.46 -11.91
C ASP A 232 5.06 3.35 -13.10
N THR A 233 5.31 2.12 -13.59
CA THR A 233 6.22 1.89 -14.71
C THR A 233 5.47 1.38 -15.94
N ALA A 234 5.68 2.08 -17.05
CA ALA A 234 5.11 1.79 -18.36
C ALA A 234 5.61 0.45 -18.89
N VAL A 235 4.71 -0.36 -19.48
CA VAL A 235 5.02 -1.69 -20.04
C VAL A 235 4.45 -1.88 -21.45
N GLY A 236 5.14 -2.66 -22.27
CA GLY A 236 4.72 -2.95 -23.64
C GLY A 236 5.84 -2.85 -24.64
N THR A 237 5.51 -2.40 -25.87
CA THR A 237 6.48 -2.24 -26.95
C THR A 237 6.31 -0.87 -27.62
N PRO A 238 7.45 -0.15 -27.88
CA PRO A 238 7.38 1.22 -28.43
C PRO A 238 6.28 1.57 -29.42
N ASP A 239 5.92 0.68 -30.35
CA ASP A 239 4.90 1.01 -31.35
C ASP A 239 3.44 0.76 -30.93
N TYR A 240 3.17 -0.32 -30.17
CA TYR A 240 1.82 -0.75 -29.79
C TYR A 240 1.30 -0.18 -28.46
N ILE A 241 2.17 0.51 -27.70
CA ILE A 241 1.85 1.16 -26.44
C ILE A 241 0.77 2.25 -26.64
N SER A 242 -0.16 2.37 -25.69
CA SER A 242 -1.24 3.36 -25.70
C SER A 242 -0.74 4.63 -25.00
N PRO A 243 -1.34 5.83 -25.26
CA PRO A 243 -0.85 7.06 -24.60
C PRO A 243 -0.92 7.04 -23.06
N GLU A 244 -1.97 6.42 -22.49
CA GLU A 244 -2.17 6.32 -21.04
C GLU A 244 -1.12 5.45 -20.35
N VAL A 245 -0.68 4.35 -21.02
CA VAL A 245 0.32 3.44 -20.47
C VAL A 245 1.70 4.06 -20.68
N LEU A 246 1.93 4.74 -21.83
CA LEU A 246 3.17 5.45 -22.14
C LEU A 246 3.40 6.61 -21.14
N LYS A 247 2.32 7.27 -20.70
CA LYS A 247 2.31 8.39 -19.73
C LYS A 247 2.63 7.95 -18.29
N SER A 248 2.63 6.62 -18.00
CA SER A 248 2.88 6.08 -16.67
C SER A 248 4.12 6.64 -15.99
N GLN A 249 3.93 7.03 -14.73
CA GLN A 249 4.90 7.57 -13.79
C GLN A 249 4.30 7.50 -12.37
N GLY A 250 5.14 7.69 -11.36
CA GLY A 250 4.73 7.69 -9.95
C GLY A 250 3.77 8.82 -9.67
N GLY A 251 2.49 8.49 -9.66
CA GLY A 251 1.39 9.42 -9.44
C GLY A 251 0.20 9.06 -10.30
N ASP A 252 0.30 9.33 -11.62
CA ASP A 252 -0.75 9.03 -12.58
C ASP A 252 -0.37 7.87 -13.51
N GLY A 253 -0.73 6.67 -13.06
CA GLY A 253 -0.53 5.41 -13.77
C GLY A 253 -1.76 4.54 -13.59
N TYR A 254 -2.94 5.13 -13.86
CA TYR A 254 -4.26 4.54 -13.68
C TYR A 254 -4.96 4.21 -15.01
N TYR A 255 -5.09 2.90 -15.33
CA TYR A 255 -5.71 2.45 -16.60
C TYR A 255 -6.42 1.09 -16.53
N GLY A 256 -7.49 0.96 -17.32
CA GLY A 256 -8.30 -0.24 -17.45
C GLY A 256 -7.96 -1.09 -18.67
N ARG A 257 -8.92 -1.88 -19.15
CA ARG A 257 -8.73 -2.80 -20.30
C ARG A 257 -8.76 -2.12 -21.69
N GLU A 258 -9.15 -0.82 -21.74
CA GLU A 258 -9.21 -0.01 -22.97
C GLU A 258 -7.87 0.09 -23.68
N CYS A 259 -6.76 0.00 -22.93
CA CYS A 259 -5.39 0.10 -23.43
C CYS A 259 -5.03 -1.04 -24.38
N ASP A 260 -5.63 -2.24 -24.18
CA ASP A 260 -5.40 -3.41 -25.02
C ASP A 260 -6.10 -3.25 -26.37
N TRP A 261 -7.24 -2.53 -26.39
CA TRP A 261 -8.00 -2.28 -27.61
C TRP A 261 -7.29 -1.29 -28.54
N TRP A 262 -6.44 -0.39 -27.98
CA TRP A 262 -5.61 0.56 -28.73
C TRP A 262 -4.65 -0.25 -29.60
N SER A 263 -3.97 -1.24 -28.99
CA SER A 263 -3.02 -2.15 -29.63
C SER A 263 -3.65 -2.98 -30.76
N VAL A 264 -4.97 -3.26 -30.68
CA VAL A 264 -5.73 -3.99 -31.70
C VAL A 264 -5.80 -3.12 -32.97
N GLY A 265 -6.02 -1.82 -32.79
CA GLY A 265 -6.06 -0.84 -33.87
C GLY A 265 -4.71 -0.64 -34.53
N VAL A 266 -3.63 -0.71 -33.71
CA VAL A 266 -2.22 -0.60 -34.13
C VAL A 266 -1.87 -1.83 -34.99
N PHE A 267 -2.41 -3.00 -34.61
CA PHE A 267 -2.25 -4.27 -35.31
C PHE A 267 -2.96 -4.24 -36.66
N LEU A 268 -4.22 -3.77 -36.69
CA LEU A 268 -5.05 -3.66 -37.89
C LEU A 268 -4.44 -2.70 -38.93
N TYR A 269 -3.87 -1.56 -38.48
CA TYR A 269 -3.21 -0.57 -39.34
C TYR A 269 -1.98 -1.22 -40.03
N GLU A 270 -1.13 -1.90 -39.25
CA GLU A 270 0.08 -2.56 -39.76
C GLU A 270 -0.25 -3.73 -40.71
N MET A 271 -1.41 -4.38 -40.50
CA MET A 271 -1.89 -5.49 -41.33
C MET A 271 -2.29 -5.05 -42.72
N LEU A 272 -2.89 -3.86 -42.82
CA LEU A 272 -3.41 -3.30 -44.07
C LEU A 272 -2.44 -2.34 -44.78
N VAL A 273 -1.67 -1.54 -44.02
CA VAL A 273 -0.73 -0.56 -44.58
C VAL A 273 0.64 -1.20 -44.86
N GLY A 274 1.18 -1.94 -43.90
CA GLY A 274 2.47 -2.60 -44.00
C GLY A 274 3.47 -2.09 -42.97
N ASP A 275 3.24 -0.85 -42.51
CA ASP A 275 4.04 -0.17 -41.50
C ASP A 275 3.17 0.14 -40.28
N THR A 276 3.82 0.26 -39.11
CA THR A 276 3.17 0.61 -37.84
C THR A 276 2.71 2.07 -37.94
N PRO A 277 1.55 2.44 -37.33
CA PRO A 277 1.04 3.81 -37.49
C PRO A 277 1.92 4.94 -36.97
N PHE A 278 2.70 4.69 -35.92
CA PHE A 278 3.53 5.74 -35.33
C PHE A 278 5.02 5.46 -35.51
N TYR A 279 5.39 4.92 -36.69
CA TYR A 279 6.77 4.61 -37.02
C TYR A 279 7.61 5.87 -37.23
N ALA A 280 8.77 5.90 -36.56
CA ALA A 280 9.77 6.95 -36.64
C ALA A 280 11.15 6.27 -36.67
N ASP A 281 12.13 6.95 -37.27
CA ASP A 281 13.49 6.46 -37.42
C ASP A 281 14.27 6.45 -36.10
N SER A 282 13.85 7.30 -35.15
CA SER A 282 14.38 7.45 -33.80
C SER A 282 13.28 6.93 -32.84
N LEU A 283 13.65 6.18 -31.79
CA LEU A 283 12.68 5.63 -30.82
C LEU A 283 11.93 6.69 -30.02
N VAL A 284 12.54 7.87 -29.81
CA VAL A 284 11.93 8.99 -29.09
C VAL A 284 10.86 9.64 -29.98
N GLY A 285 11.04 9.58 -31.30
CA GLY A 285 10.11 10.10 -32.29
C GLY A 285 8.75 9.40 -32.26
N THR A 286 8.76 8.10 -31.93
CA THR A 286 7.58 7.24 -31.81
C THR A 286 6.72 7.70 -30.61
N TYR A 287 7.40 8.03 -29.49
CA TYR A 287 6.83 8.52 -28.23
C TYR A 287 5.97 9.77 -28.48
N SER A 288 6.50 10.75 -29.22
CA SER A 288 5.82 12.00 -29.57
C SER A 288 4.67 11.76 -30.53
N LYS A 289 4.80 10.78 -31.44
CA LYS A 289 3.80 10.42 -32.43
C LYS A 289 2.54 9.85 -31.78
N ILE A 290 2.72 8.95 -30.78
CA ILE A 290 1.62 8.30 -30.05
C ILE A 290 0.84 9.35 -29.25
N MET A 291 1.56 10.23 -28.53
CA MET A 291 0.99 11.30 -27.70
C MET A 291 0.21 12.32 -28.53
N ASN A 292 0.57 12.44 -29.82
CA ASN A 292 -0.05 13.37 -30.78
C ASN A 292 -0.75 12.56 -31.89
N HIS A 293 -1.54 11.53 -31.49
CA HIS A 293 -2.29 10.64 -32.40
C HIS A 293 -3.38 11.38 -33.19
N LYS A 294 -3.83 12.51 -32.66
CA LYS A 294 -4.84 13.40 -33.26
C LYS A 294 -4.33 14.05 -34.54
N ASN A 295 -3.00 14.21 -34.68
CA ASN A 295 -2.36 14.82 -35.84
C ASN A 295 -1.38 13.88 -36.56
N SER A 296 -0.79 12.91 -35.85
CA SER A 296 0.17 11.96 -36.44
C SER A 296 -0.47 10.87 -37.28
N LEU A 297 -1.66 10.37 -36.88
CA LEU A 297 -2.35 9.30 -37.60
C LEU A 297 -2.84 9.75 -38.98
N THR A 298 -2.12 9.31 -40.01
CA THR A 298 -2.41 9.56 -41.41
C THR A 298 -2.48 8.21 -42.11
N PHE A 299 -3.03 8.19 -43.32
CA PHE A 299 -3.15 7.00 -44.15
C PHE A 299 -2.56 7.31 -45.52
N PRO A 300 -1.78 6.40 -46.13
CA PRO A 300 -1.20 6.71 -47.46
C PRO A 300 -2.24 7.09 -48.51
N ASP A 301 -1.84 7.97 -49.45
CA ASP A 301 -2.67 8.50 -50.55
C ASP A 301 -3.36 7.39 -51.36
N ASP A 302 -2.63 6.29 -51.63
CA ASP A 302 -3.15 5.12 -52.32
C ASP A 302 -3.90 4.26 -51.29
N ASN A 303 -5.19 4.01 -51.51
CA ASN A 303 -6.00 3.21 -50.58
C ASN A 303 -6.94 2.22 -51.27
N ASP A 304 -6.67 0.93 -51.02
CA ASP A 304 -7.46 -0.20 -51.48
C ASP A 304 -8.28 -0.70 -50.28
N ILE A 305 -8.00 -0.13 -49.09
CA ILE A 305 -8.62 -0.43 -47.80
C ILE A 305 -9.90 0.38 -47.57
N SER A 306 -10.94 -0.32 -47.09
CA SER A 306 -12.30 0.18 -46.87
C SER A 306 -12.43 1.32 -45.85
N LYS A 307 -13.52 2.11 -46.01
CA LYS A 307 -14.00 3.20 -45.16
C LYS A 307 -14.15 2.72 -43.71
N GLU A 308 -14.81 1.55 -43.51
CA GLU A 308 -15.06 0.95 -42.20
C GLU A 308 -13.79 0.44 -41.50
N ALA A 309 -12.74 0.12 -42.26
CA ALA A 309 -11.46 -0.34 -41.70
C ALA A 309 -10.75 0.85 -41.05
N LYS A 310 -10.70 2.00 -41.75
CA LYS A 310 -10.10 3.24 -41.25
C LYS A 310 -10.85 3.77 -40.03
N ASN A 311 -12.20 3.61 -40.02
CA ASN A 311 -13.09 4.02 -38.92
C ASN A 311 -12.80 3.25 -37.63
N LEU A 312 -12.58 1.92 -37.74
CA LEU A 312 -12.26 1.08 -36.59
C LEU A 312 -10.90 1.44 -36.04
N ILE A 313 -9.93 1.71 -36.95
CA ILE A 313 -8.56 2.10 -36.63
C ILE A 313 -8.57 3.44 -35.87
N CYS A 314 -9.27 4.46 -36.41
CA CYS A 314 -9.40 5.77 -35.78
C CYS A 314 -10.20 5.72 -34.48
N ALA A 315 -11.22 4.83 -34.40
CA ALA A 315 -12.05 4.64 -33.20
C ALA A 315 -11.22 4.08 -32.03
N PHE A 316 -10.28 3.19 -32.34
CA PHE A 316 -9.37 2.59 -31.37
C PHE A 316 -8.25 3.56 -31.05
N LEU A 317 -7.73 4.26 -32.08
CA LEU A 317 -6.59 5.18 -31.97
C LEU A 317 -7.01 6.61 -31.60
N THR A 318 -7.69 6.73 -30.45
CA THR A 318 -8.13 7.99 -29.85
C THR A 318 -7.80 8.00 -28.37
N ASP A 319 -7.99 9.16 -27.72
CA ASP A 319 -7.75 9.36 -26.30
C ASP A 319 -8.62 8.37 -25.52
N ARG A 320 -8.01 7.72 -24.52
CA ARG A 320 -8.60 6.70 -23.62
C ARG A 320 -10.14 6.77 -23.45
N GLU A 321 -10.66 7.95 -23.07
CA GLU A 321 -12.08 8.20 -22.79
C GLU A 321 -13.01 8.04 -24.00
N VAL A 322 -12.58 8.48 -25.19
CA VAL A 322 -13.37 8.45 -26.43
C VAL A 322 -13.09 7.21 -27.29
N ARG A 323 -12.22 6.31 -26.79
CA ARG A 323 -11.82 5.06 -27.43
C ARG A 323 -12.97 4.07 -27.50
N LEU A 324 -13.02 3.26 -28.57
CA LEU A 324 -14.01 2.22 -28.75
C LEU A 324 -13.63 1.04 -27.86
N GLY A 325 -14.64 0.40 -27.27
CA GLY A 325 -14.44 -0.73 -26.37
C GLY A 325 -14.47 -0.36 -24.89
N ARG A 326 -14.78 0.92 -24.61
CA ARG A 326 -14.90 1.45 -23.25
C ARG A 326 -16.16 0.90 -22.59
N ASN A 327 -17.18 0.59 -23.42
CA ASN A 327 -18.48 0.07 -22.99
C ASN A 327 -18.65 -1.42 -23.32
N GLY A 328 -17.56 -2.18 -23.16
CA GLY A 328 -17.56 -3.62 -23.39
C GLY A 328 -17.14 -4.08 -24.77
N VAL A 329 -16.96 -5.41 -24.90
CA VAL A 329 -16.56 -6.11 -26.11
C VAL A 329 -17.65 -6.08 -27.17
N GLU A 330 -18.93 -6.02 -26.74
CA GLU A 330 -20.10 -5.99 -27.63
C GLU A 330 -20.09 -4.79 -28.58
N GLU A 331 -19.49 -3.68 -28.12
CA GLU A 331 -19.29 -2.42 -28.85
C GLU A 331 -18.37 -2.66 -30.06
N ILE A 332 -17.34 -3.54 -29.88
CA ILE A 332 -16.37 -3.92 -30.90
C ILE A 332 -17.00 -4.89 -31.89
N LYS A 333 -17.63 -5.96 -31.36
CA LYS A 333 -18.29 -7.02 -32.12
C LYS A 333 -19.34 -6.50 -33.11
N ARG A 334 -20.03 -5.41 -32.74
CA ARG A 334 -21.07 -4.77 -33.54
C ARG A 334 -20.56 -3.76 -34.57
N HIS A 335 -19.23 -3.60 -34.75
CA HIS A 335 -18.66 -2.68 -35.73
C HIS A 335 -18.89 -3.21 -37.14
N LEU A 336 -19.17 -2.30 -38.10
CA LEU A 336 -19.45 -2.59 -39.50
C LEU A 336 -18.34 -3.36 -40.21
N PHE A 337 -17.09 -3.23 -39.73
CA PHE A 337 -15.91 -3.92 -40.24
C PHE A 337 -16.01 -5.44 -40.05
N PHE A 338 -16.66 -5.89 -38.97
CA PHE A 338 -16.82 -7.31 -38.66
C PHE A 338 -18.06 -7.93 -39.30
N LYS A 339 -18.93 -7.09 -39.90
CA LYS A 339 -20.13 -7.53 -40.60
C LYS A 339 -19.72 -8.21 -41.91
N ASN A 340 -19.76 -9.55 -41.92
CA ASN A 340 -19.35 -10.38 -43.06
C ASN A 340 -20.35 -11.52 -43.37
N ASP A 341 -19.95 -12.45 -44.26
CA ASP A 341 -20.78 -13.58 -44.69
C ASP A 341 -20.09 -14.93 -44.46
N GLN A 342 -18.74 -14.93 -44.41
CA GLN A 342 -17.89 -16.11 -44.26
C GLN A 342 -17.91 -16.77 -42.88
N TRP A 343 -17.90 -15.97 -41.79
CA TRP A 343 -17.88 -16.51 -40.42
C TRP A 343 -18.86 -15.82 -39.46
N ALA A 344 -19.03 -16.42 -38.26
CA ALA A 344 -19.86 -15.93 -37.16
C ALA A 344 -19.02 -15.95 -35.87
N TRP A 345 -19.18 -14.91 -35.01
CA TRP A 345 -18.46 -14.70 -33.75
C TRP A 345 -18.38 -15.93 -32.83
N GLU A 346 -19.49 -16.68 -32.69
CA GLU A 346 -19.55 -17.86 -31.82
C GLU A 346 -18.90 -19.12 -32.41
N THR A 347 -18.76 -19.21 -33.75
CA THR A 347 -18.18 -20.38 -34.43
C THR A 347 -16.92 -20.02 -35.26
N LEU A 348 -16.33 -18.83 -35.03
CA LEU A 348 -15.14 -18.31 -35.73
C LEU A 348 -13.94 -19.27 -35.71
N ARG A 349 -13.63 -19.88 -34.55
CA ARG A 349 -12.49 -20.80 -34.45
C ARG A 349 -12.76 -22.16 -35.10
N ASP A 350 -14.04 -22.48 -35.35
CA ASP A 350 -14.45 -23.73 -35.98
C ASP A 350 -14.38 -23.66 -37.52
N THR A 351 -14.40 -22.44 -38.09
CA THR A 351 -14.32 -22.20 -39.54
C THR A 351 -12.89 -22.37 -40.05
N VAL A 352 -12.70 -22.49 -41.39
CA VAL A 352 -11.38 -22.65 -42.00
C VAL A 352 -10.62 -21.33 -41.98
N ALA A 353 -9.38 -21.38 -41.47
CA ALA A 353 -8.46 -20.26 -41.36
C ALA A 353 -7.94 -19.81 -42.74
N PRO A 354 -7.54 -18.52 -42.92
CA PRO A 354 -7.05 -18.08 -44.24
C PRO A 354 -5.76 -18.76 -44.67
N VAL A 355 -4.82 -18.95 -43.71
CA VAL A 355 -3.53 -19.61 -43.96
C VAL A 355 -3.44 -20.86 -43.08
N VAL A 356 -3.49 -22.04 -43.71
CA VAL A 356 -3.37 -23.33 -43.03
C VAL A 356 -1.94 -23.82 -43.30
N PRO A 357 -1.10 -23.95 -42.25
CA PRO A 357 0.31 -24.34 -42.48
C PRO A 357 0.51 -25.72 -43.11
N ASP A 358 1.31 -25.75 -44.19
CA ASP A 358 1.67 -26.97 -44.92
C ASP A 358 2.81 -27.61 -44.14
N LEU A 359 2.47 -28.60 -43.31
CA LEU A 359 3.44 -29.27 -42.44
C LEU A 359 3.81 -30.67 -42.94
N SER A 360 5.13 -30.92 -43.03
CA SER A 360 5.71 -32.17 -43.50
C SER A 360 5.99 -33.16 -42.37
N SER A 361 6.41 -32.65 -41.20
CA SER A 361 6.74 -33.47 -40.03
C SER A 361 6.27 -32.81 -38.73
N ASP A 362 6.31 -33.56 -37.62
CA ASP A 362 5.93 -33.06 -36.29
C ASP A 362 6.92 -32.03 -35.73
N ILE A 363 8.13 -31.93 -36.35
CA ILE A 363 9.19 -30.99 -35.98
C ILE A 363 9.49 -29.97 -37.10
N ASP A 364 8.45 -29.66 -37.93
CA ASP A 364 8.53 -28.70 -39.04
C ASP A 364 8.64 -27.29 -38.47
N THR A 365 9.65 -26.53 -38.92
CA THR A 365 9.92 -25.16 -38.46
C THR A 365 9.96 -24.14 -39.60
N SER A 366 9.32 -24.45 -40.75
CA SER A 366 9.27 -23.58 -41.93
C SER A 366 8.71 -22.18 -41.65
N ASN A 367 7.69 -22.11 -40.76
CA ASN A 367 7.04 -20.85 -40.38
C ASN A 367 7.84 -20.05 -39.34
N PHE A 368 9.01 -20.54 -38.91
CA PHE A 368 9.89 -19.86 -37.95
C PHE A 368 11.24 -19.54 -38.58
N ASP A 369 11.59 -18.24 -38.64
CA ASP A 369 12.85 -17.78 -39.21
C ASP A 369 14.03 -18.19 -38.33
N ASP A 370 15.09 -18.72 -38.97
CA ASP A 370 16.33 -19.16 -38.33
C ASP A 370 17.01 -18.00 -37.57
N LEU A 371 17.48 -18.25 -36.35
CA LEU A 371 18.17 -17.25 -35.55
C LEU A 371 19.44 -17.84 -34.94
N GLU A 372 20.42 -16.96 -34.59
CA GLU A 372 21.71 -17.34 -34.00
C GLU A 372 21.48 -18.24 -32.79
N GLU A 373 21.83 -19.54 -32.90
CA GLU A 373 21.63 -20.54 -31.86
C GLU A 373 22.49 -20.28 -30.62
N ASP A 374 23.77 -19.88 -30.82
CA ASP A 374 24.71 -19.61 -29.74
C ASP A 374 24.45 -18.27 -29.04
N LYS A 375 24.29 -18.34 -27.70
CA LYS A 375 24.10 -17.19 -26.81
C LYS A 375 25.44 -16.81 -26.17
N GLY A 376 26.52 -17.38 -26.73
CA GLY A 376 27.89 -17.19 -26.26
C GLY A 376 28.08 -17.95 -24.97
N GLU A 377 28.50 -17.22 -23.91
CA GLU A 377 28.67 -17.79 -22.59
C GLU A 377 27.88 -17.00 -21.56
N GLU A 378 26.77 -17.60 -21.09
CA GLU A 378 25.86 -17.01 -20.11
C GLU A 378 26.54 -16.88 -18.76
N GLU A 379 26.33 -15.73 -18.09
CA GLU A 379 26.90 -15.45 -16.77
C GLU A 379 26.20 -16.29 -15.70
N THR A 380 26.98 -16.80 -14.74
CA THR A 380 26.45 -17.59 -13.63
C THR A 380 26.77 -16.83 -12.34
N PHE A 381 25.87 -16.95 -11.35
CA PHE A 381 25.96 -16.29 -10.05
C PHE A 381 27.34 -16.50 -9.41
N PRO A 382 27.98 -15.43 -8.86
CA PRO A 382 29.28 -15.63 -8.20
C PRO A 382 29.12 -16.43 -6.90
N ILE A 383 30.18 -17.16 -6.49
CA ILE A 383 30.20 -17.97 -5.26
C ILE A 383 29.99 -17.04 -4.06
N PRO A 384 28.88 -17.19 -3.31
CA PRO A 384 28.61 -16.28 -2.19
C PRO A 384 29.49 -16.50 -0.95
N LYS A 385 29.78 -15.39 -0.26
CA LYS A 385 30.59 -15.37 0.97
C LYS A 385 29.68 -15.54 2.20
N ALA A 386 28.36 -15.35 2.00
CA ALA A 386 27.28 -15.47 2.98
C ALA A 386 25.97 -15.81 2.25
N PHE A 387 24.93 -16.25 2.98
CA PHE A 387 23.63 -16.60 2.41
C PHE A 387 22.96 -15.43 1.68
N VAL A 388 22.82 -15.55 0.34
CA VAL A 388 22.18 -14.57 -0.53
C VAL A 388 20.78 -15.05 -0.91
N GLY A 389 20.63 -16.36 -1.13
CA GLY A 389 19.36 -17.00 -1.47
C GLY A 389 18.76 -16.61 -2.80
N ASN A 390 19.56 -16.69 -3.88
CA ASN A 390 19.13 -16.35 -5.24
C ASN A 390 18.04 -17.28 -5.80
N GLN A 391 17.87 -18.47 -5.22
CA GLN A 391 16.89 -19.46 -5.66
C GLN A 391 15.51 -19.28 -5.01
N LEU A 392 15.44 -18.47 -3.93
CA LEU A 392 14.21 -18.20 -3.18
C LEU A 392 13.07 -17.56 -4.01
N PRO A 393 13.30 -16.55 -4.90
CA PRO A 393 12.17 -15.97 -5.66
C PRO A 393 11.53 -16.89 -6.71
N PHE A 394 12.11 -18.09 -6.91
CA PHE A 394 11.67 -19.07 -7.88
C PHE A 394 10.98 -20.28 -7.24
N VAL A 395 10.98 -20.38 -5.90
CA VAL A 395 10.36 -21.45 -5.13
C VAL A 395 8.85 -21.44 -5.41
N GLY A 396 8.34 -22.58 -5.90
CA GLY A 396 6.93 -22.74 -6.21
C GLY A 396 6.57 -22.67 -7.68
N PHE A 397 7.57 -22.51 -8.55
CA PHE A 397 7.37 -22.42 -9.99
C PHE A 397 7.03 -23.77 -10.63
N THR A 398 7.54 -24.89 -10.07
CA THR A 398 7.32 -26.22 -10.61
C THR A 398 5.82 -26.57 -10.64
N TYR A 399 5.35 -27.03 -11.82
CA TYR A 399 3.96 -27.43 -12.10
C TYR A 399 3.93 -28.64 -13.02
N TYR A 400 2.96 -29.54 -12.77
CA TYR A 400 2.71 -30.76 -13.55
C TYR A 400 1.21 -30.89 -13.86
N SER A 401 0.88 -31.48 -15.02
CA SER A 401 -0.50 -31.72 -15.43
C SER A 401 -0.77 -33.23 -15.58
N MET B 5 13.60 -44.92 -13.60
CA MET B 5 13.77 -44.23 -14.88
C MET B 5 13.38 -45.10 -16.09
N SER B 6 12.52 -44.63 -17.01
CA SER B 6 11.86 -43.31 -17.01
C SER B 6 10.34 -43.40 -17.27
N PHE B 7 9.64 -42.23 -17.22
CA PHE B 7 8.21 -41.96 -17.46
C PHE B 7 7.31 -43.18 -17.81
N GLU B 8 6.29 -43.53 -16.99
CA GLU B 8 5.89 -42.87 -15.74
C GLU B 8 6.53 -43.50 -14.50
N THR B 9 7.55 -44.38 -14.70
CA THR B 9 8.26 -45.07 -13.61
C THR B 9 8.93 -44.08 -12.66
N ARG B 10 9.56 -43.01 -13.19
CA ARG B 10 10.19 -41.96 -12.38
C ARG B 10 9.15 -41.15 -11.57
N PHE B 11 7.93 -40.98 -12.14
CA PHE B 11 6.81 -40.29 -11.51
C PHE B 11 6.23 -41.15 -10.38
N GLU B 12 6.14 -42.48 -10.62
CA GLU B 12 5.66 -43.47 -9.64
C GLU B 12 6.58 -43.52 -8.43
N LYS B 13 7.92 -43.60 -8.67
CA LYS B 13 8.93 -43.63 -7.62
C LYS B 13 8.89 -42.35 -6.78
N MET B 14 8.65 -41.19 -7.43
CA MET B 14 8.53 -39.88 -6.79
C MET B 14 7.32 -39.82 -5.86
N ASP B 15 6.18 -40.38 -6.31
CA ASP B 15 4.93 -40.42 -5.56
C ASP B 15 5.09 -41.25 -4.28
N ASN B 16 5.86 -42.36 -4.35
CA ASN B 16 6.14 -43.24 -3.21
C ASN B 16 7.01 -42.51 -2.19
N LEU B 17 8.03 -41.75 -2.66
CA LEU B 17 8.96 -40.95 -1.86
C LEU B 17 8.25 -39.86 -1.05
N LEU B 18 7.12 -39.35 -1.56
CA LEU B 18 6.31 -38.32 -0.91
C LEU B 18 5.27 -38.90 0.07
N ARG B 19 4.85 -40.15 -0.16
CA ARG B 19 3.85 -40.85 0.66
C ARG B 19 4.44 -41.69 1.80
N ASP B 20 5.61 -42.33 1.55
CA ASP B 20 6.31 -43.20 2.52
C ASP B 20 6.61 -42.52 3.86
N PRO B 21 6.18 -43.12 4.99
CA PRO B 21 6.45 -42.49 6.31
C PRO B 21 7.93 -42.55 6.72
N LYS B 22 8.67 -43.53 6.18
CA LYS B 22 10.10 -43.72 6.47
C LYS B 22 11.00 -42.81 5.63
N SER B 23 10.44 -42.19 4.58
CA SER B 23 11.13 -41.29 3.66
C SER B 23 11.56 -39.98 4.31
N GLU B 24 12.76 -39.48 3.93
CA GLU B 24 13.33 -38.23 4.42
C GLU B 24 12.70 -37.02 3.70
N VAL B 25 12.05 -37.27 2.55
CA VAL B 25 11.44 -36.25 1.70
C VAL B 25 9.92 -36.44 1.54
N ASN B 26 9.23 -36.94 2.58
CA ASN B 26 7.78 -37.10 2.51
C ASN B 26 7.08 -35.77 2.80
N SER B 27 5.76 -35.69 2.53
CA SER B 27 4.90 -34.52 2.69
C SER B 27 5.18 -33.70 3.95
N ASP B 28 5.19 -34.39 5.12
CA ASP B 28 5.41 -33.83 6.46
C ASP B 28 6.84 -33.33 6.67
N CYS B 29 7.83 -33.93 6.01
CA CYS B 29 9.23 -33.53 6.15
C CYS B 29 9.56 -32.31 5.29
N LEU B 30 8.85 -32.15 4.16
CA LEU B 30 9.06 -31.03 3.24
C LEU B 30 8.47 -29.75 3.79
N LEU B 31 7.36 -29.87 4.54
CA LEU B 31 6.69 -28.74 5.18
C LEU B 31 7.60 -28.19 6.27
N ASP B 32 8.34 -29.08 6.95
CA ASP B 32 9.31 -28.73 8.00
C ASP B 32 10.37 -27.79 7.46
N GLY B 33 10.82 -28.05 6.23
CA GLY B 33 11.81 -27.25 5.52
C GLY B 33 11.34 -25.84 5.28
N LEU B 34 10.12 -25.70 4.73
CA LEU B 34 9.48 -24.41 4.46
C LEU B 34 9.22 -23.66 5.76
N ASP B 35 8.79 -24.39 6.81
CA ASP B 35 8.51 -23.87 8.15
C ASP B 35 9.77 -23.33 8.82
N ALA B 36 10.89 -24.10 8.73
CA ALA B 36 12.18 -23.75 9.31
C ALA B 36 12.75 -22.52 8.62
N LEU B 37 12.59 -22.46 7.29
CA LEU B 37 13.05 -21.35 6.45
C LEU B 37 12.40 -20.04 6.86
N VAL B 38 11.08 -20.05 7.13
CA VAL B 38 10.32 -18.89 7.58
C VAL B 38 10.83 -18.43 8.97
N TYR B 39 10.98 -19.37 9.93
CA TYR B 39 11.48 -19.11 11.28
C TYR B 39 12.87 -18.44 11.24
N ASP B 40 13.81 -19.03 10.47
CA ASP B 40 15.20 -18.60 10.34
C ASP B 40 15.44 -17.32 9.52
N LEU B 41 14.51 -16.94 8.63
CA LEU B 41 14.67 -15.76 7.78
C LEU B 41 13.93 -14.51 8.24
N ASP B 42 12.78 -14.67 8.93
CA ASP B 42 11.95 -13.54 9.37
C ASP B 42 12.58 -12.73 10.52
N PHE B 43 13.55 -11.86 10.15
CA PHE B 43 14.28 -10.94 11.02
C PHE B 43 14.59 -9.67 10.23
N PRO B 44 14.48 -8.46 10.85
CA PRO B 44 14.70 -7.20 10.08
C PRO B 44 16.03 -7.10 9.31
N ALA B 45 17.14 -7.55 9.92
CA ALA B 45 18.47 -7.53 9.30
C ALA B 45 18.51 -8.38 8.03
N LEU B 46 17.89 -9.57 8.08
CA LEU B 46 17.82 -10.53 6.99
C LEU B 46 16.81 -10.07 5.92
N ARG B 47 15.69 -9.47 6.35
CA ARG B 47 14.62 -8.95 5.49
C ARG B 47 15.08 -7.84 4.54
N LYS B 48 16.25 -7.22 4.81
CA LYS B 48 16.88 -6.18 3.98
C LYS B 48 17.21 -6.72 2.59
N ASN B 49 17.51 -8.03 2.50
CA ASN B 49 17.81 -8.77 1.28
C ASN B 49 16.50 -8.91 0.48
N LYS B 50 16.51 -8.43 -0.78
CA LYS B 50 15.37 -8.45 -1.70
C LYS B 50 14.80 -9.87 -1.88
N ASN B 51 15.68 -10.88 -2.00
CA ASN B 51 15.32 -12.29 -2.18
C ASN B 51 14.62 -12.86 -0.95
N ILE B 52 15.14 -12.56 0.26
CA ILE B 52 14.59 -13.00 1.55
C ILE B 52 13.22 -12.35 1.78
N ASP B 53 13.09 -11.05 1.41
CA ASP B 53 11.85 -10.29 1.53
C ASP B 53 10.79 -10.82 0.54
N ASN B 54 11.23 -11.17 -0.69
CA ASN B 54 10.38 -11.73 -1.76
C ASN B 54 9.75 -13.05 -1.34
N PHE B 55 10.55 -13.93 -0.69
CA PHE B 55 10.11 -15.23 -0.22
C PHE B 55 9.14 -15.11 0.94
N LEU B 56 9.50 -14.31 1.96
CA LEU B 56 8.69 -14.10 3.16
C LEU B 56 7.33 -13.47 2.86
N SER B 57 7.27 -12.47 1.97
CA SER B 57 6.02 -11.83 1.59
C SER B 57 5.07 -12.81 0.89
N ARG B 58 5.65 -13.79 0.20
CA ARG B 58 4.95 -14.82 -0.58
C ARG B 58 4.55 -16.06 0.23
N TYR B 59 5.29 -16.39 1.30
CA TYR B 59 5.04 -17.61 2.07
C TYR B 59 4.74 -17.44 3.57
N LYS B 60 4.94 -16.25 4.16
CA LYS B 60 4.71 -16.02 5.60
C LYS B 60 3.27 -16.33 6.04
N ASP B 61 2.28 -15.79 5.30
CA ASP B 61 0.85 -15.96 5.57
C ASP B 61 0.36 -17.40 5.47
N THR B 62 0.75 -18.12 4.40
CA THR B 62 0.34 -19.52 4.19
C THR B 62 1.00 -20.45 5.20
N ILE B 63 2.25 -20.16 5.62
CA ILE B 63 2.97 -20.96 6.62
C ILE B 63 2.30 -20.81 7.99
N ASN B 64 1.79 -19.59 8.31
CA ASN B 64 1.07 -19.30 9.55
C ASN B 64 -0.25 -20.10 9.58
N LYS B 65 -0.89 -20.23 8.40
CA LYS B 65 -2.13 -20.99 8.18
C LYS B 65 -1.84 -22.47 8.41
N ILE B 66 -0.70 -22.98 7.91
CA ILE B 66 -0.24 -24.36 8.06
C ILE B 66 0.08 -24.67 9.52
N ARG B 67 0.78 -23.75 10.23
CA ARG B 67 1.14 -23.87 11.66
C ARG B 67 -0.08 -24.09 12.56
N ASP B 68 -1.20 -23.40 12.22
CA ASP B 68 -2.46 -23.49 12.92
C ASP B 68 -3.17 -24.82 12.61
N LEU B 69 -3.10 -25.28 11.35
CA LEU B 69 -3.70 -26.53 10.88
C LEU B 69 -2.98 -27.77 11.44
N ARG B 70 -1.64 -27.78 11.34
CA ARG B 70 -0.75 -28.86 11.80
C ARG B 70 -0.79 -29.00 13.31
N MET B 71 -0.35 -30.18 13.81
CA MET B 71 -0.29 -30.50 15.24
C MET B 71 0.66 -29.54 15.97
N LYS B 72 0.17 -29.02 17.11
CA LYS B 72 0.87 -28.07 17.97
C LYS B 72 0.70 -28.44 19.45
N ALA B 73 1.56 -27.87 20.31
CA ALA B 73 1.56 -28.08 21.77
C ALA B 73 0.23 -27.67 22.42
N GLU B 74 -0.46 -26.68 21.80
CA GLU B 74 -1.76 -26.15 22.24
C GLU B 74 -2.87 -27.20 22.17
N ASP B 75 -2.75 -28.19 21.26
CA ASP B 75 -3.71 -29.29 21.09
C ASP B 75 -3.74 -30.27 22.26
N TYR B 76 -2.72 -30.22 23.14
CA TYR B 76 -2.58 -31.12 24.29
C TYR B 76 -2.70 -30.41 25.63
N GLU B 77 -3.50 -30.99 26.53
CA GLU B 77 -3.71 -30.51 27.90
C GLU B 77 -2.75 -31.28 28.80
N VAL B 78 -1.78 -30.58 29.40
CA VAL B 78 -0.78 -31.20 30.27
C VAL B 78 -1.38 -31.49 31.67
N VAL B 79 -1.38 -32.79 32.06
CA VAL B 79 -1.89 -33.30 33.33
C VAL B 79 -0.85 -33.00 34.42
N LYS B 80 0.38 -33.55 34.27
CA LYS B 80 1.53 -33.36 35.17
C LYS B 80 2.85 -33.88 34.57
N VAL B 81 3.99 -33.33 35.06
CA VAL B 81 5.33 -33.73 34.63
C VAL B 81 5.68 -35.04 35.35
N ILE B 82 5.90 -36.12 34.57
CA ILE B 82 6.19 -37.46 35.10
C ILE B 82 7.69 -37.84 35.04
N GLY B 83 8.46 -37.11 34.25
CA GLY B 83 9.89 -37.33 34.09
C GLY B 83 10.66 -36.12 33.61
N ARG B 84 12.00 -36.16 33.74
CA ARG B 84 12.88 -35.07 33.32
C ARG B 84 14.26 -35.60 32.95
N GLY B 85 14.73 -35.22 31.77
CA GLY B 85 16.04 -35.58 31.24
C GLY B 85 16.97 -34.38 31.13
N ALA B 86 18.08 -34.54 30.39
CA ALA B 86 19.07 -33.50 30.19
C ALA B 86 18.58 -32.31 29.35
N PHE B 87 17.89 -32.59 28.22
CA PHE B 87 17.40 -31.55 27.31
C PHE B 87 15.88 -31.34 27.33
N GLY B 88 15.19 -31.93 28.30
CA GLY B 88 13.75 -31.76 28.41
C GLY B 88 13.05 -32.49 29.53
N GLU B 89 11.74 -32.66 29.38
CA GLU B 89 10.86 -33.30 30.35
C GLU B 89 9.77 -34.13 29.69
N VAL B 90 9.32 -35.19 30.39
CA VAL B 90 8.24 -36.07 29.94
C VAL B 90 7.02 -35.73 30.79
N GLN B 91 5.93 -35.34 30.13
CA GLN B 91 4.69 -34.97 30.81
C GLN B 91 3.49 -35.75 30.32
N LEU B 92 2.61 -36.14 31.25
CA LEU B 92 1.37 -36.86 30.94
C LEU B 92 0.41 -35.85 30.30
N VAL B 93 -0.04 -36.13 29.07
CA VAL B 93 -0.95 -35.23 28.35
C VAL B 93 -2.23 -35.91 27.89
N ARG B 94 -3.26 -35.10 27.62
CA ARG B 94 -4.54 -35.53 27.09
C ARG B 94 -4.80 -34.67 25.85
N HIS B 95 -5.00 -35.29 24.67
CA HIS B 95 -5.28 -34.55 23.43
C HIS B 95 -6.67 -33.94 23.56
N LYS B 96 -6.76 -32.61 23.47
CA LYS B 96 -7.99 -31.82 23.66
C LYS B 96 -9.21 -32.31 22.85
N SER B 97 -9.01 -32.67 21.57
CA SER B 97 -10.07 -33.12 20.68
C SER B 97 -10.49 -34.58 20.90
N THR B 98 -9.55 -35.53 20.71
CA THR B 98 -9.78 -36.97 20.83
C THR B 98 -9.94 -37.47 22.26
N ARG B 99 -9.44 -36.69 23.25
CA ARG B 99 -9.45 -36.97 24.69
C ARG B 99 -8.57 -38.19 25.05
N LYS B 100 -7.68 -38.60 24.12
CA LYS B 100 -6.77 -39.73 24.30
C LYS B 100 -5.58 -39.32 25.18
N VAL B 101 -5.21 -40.21 26.10
CA VAL B 101 -4.12 -39.99 27.07
C VAL B 101 -2.79 -40.52 26.52
N TYR B 102 -1.77 -39.65 26.52
CA TYR B 102 -0.42 -39.95 26.05
C TYR B 102 0.65 -39.44 27.02
N ALA B 103 1.91 -39.77 26.73
CA ALA B 103 3.10 -39.31 27.44
C ALA B 103 3.88 -38.49 26.41
N MET B 104 4.02 -37.17 26.65
CA MET B 104 4.71 -36.27 25.73
C MET B 104 6.11 -35.89 26.20
N LYS B 105 7.12 -36.14 25.35
CA LYS B 105 8.52 -35.83 25.60
C LYS B 105 8.87 -34.53 24.88
N LEU B 106 9.40 -33.56 25.62
CA LEU B 106 9.81 -32.26 25.08
C LEU B 106 11.34 -32.21 25.02
N LEU B 107 11.89 -31.60 23.96
CA LEU B 107 13.33 -31.45 23.81
C LEU B 107 13.66 -30.03 23.40
N SER B 108 14.35 -29.30 24.30
CA SER B 108 14.73 -27.90 24.12
C SER B 108 15.70 -27.70 22.96
N LYS B 109 15.23 -27.00 21.90
CA LYS B 109 16.05 -26.68 20.72
C LYS B 109 17.19 -25.75 21.10
N PHE B 110 16.96 -24.82 22.05
CA PHE B 110 17.95 -23.87 22.54
C PHE B 110 19.10 -24.60 23.27
N GLU B 111 18.78 -25.57 24.15
CA GLU B 111 19.76 -26.37 24.88
C GLU B 111 20.53 -27.27 23.92
N MET B 112 19.85 -27.83 22.91
CA MET B 112 20.42 -28.70 21.88
C MET B 112 21.44 -27.93 21.00
N ILE B 113 21.09 -26.69 20.60
CA ILE B 113 21.94 -25.81 19.79
C ILE B 113 23.13 -25.28 20.61
N LYS B 114 22.89 -24.87 21.88
CA LYS B 114 23.88 -24.37 22.84
C LYS B 114 25.10 -25.32 22.91
N ARG B 115 24.84 -26.63 23.06
CA ARG B 115 25.87 -27.68 23.10
C ARG B 115 26.26 -27.97 21.64
N SER B 116 25.82 -29.13 21.11
CA SER B 116 26.04 -29.58 19.72
C SER B 116 25.15 -30.79 19.41
N ASP B 117 24.50 -31.35 20.45
CA ASP B 117 23.58 -32.48 20.36
C ASP B 117 22.35 -32.09 19.56
N SER B 118 22.29 -32.52 18.29
CA SER B 118 21.20 -32.24 17.36
C SER B 118 21.02 -33.42 16.40
N ALA B 119 21.41 -34.63 16.85
CA ALA B 119 21.34 -35.86 16.06
C ALA B 119 20.89 -37.11 16.85
N PHE B 120 20.96 -37.06 18.19
CA PHE B 120 20.62 -38.17 19.09
C PHE B 120 19.16 -38.63 18.98
N PHE B 121 18.22 -37.68 18.79
CA PHE B 121 16.78 -37.93 18.71
C PHE B 121 16.31 -38.69 17.46
N TRP B 122 17.10 -38.66 16.36
CA TRP B 122 16.74 -39.34 15.10
C TRP B 122 16.54 -40.85 15.24
N GLU B 123 17.41 -41.51 16.01
CA GLU B 123 17.34 -42.96 16.27
C GLU B 123 16.10 -43.27 17.09
N GLU B 124 15.88 -42.52 18.20
CA GLU B 124 14.74 -42.63 19.11
C GLU B 124 13.42 -42.51 18.34
N ARG B 125 13.32 -41.50 17.45
CA ARG B 125 12.16 -41.24 16.59
C ARG B 125 11.90 -42.43 15.67
N ASP B 126 12.94 -42.89 14.96
CA ASP B 126 12.90 -44.01 14.03
C ASP B 126 12.49 -45.32 14.71
N ILE B 127 13.12 -45.64 15.85
CA ILE B 127 12.85 -46.86 16.63
C ILE B 127 11.39 -46.90 17.10
N MET B 128 10.99 -45.92 17.92
CA MET B 128 9.65 -45.80 18.49
C MET B 128 8.52 -45.77 17.46
N ALA B 129 8.72 -45.05 16.34
CA ALA B 129 7.72 -44.90 15.30
C ALA B 129 7.56 -46.09 14.37
N PHE B 130 8.66 -46.81 14.08
CA PHE B 130 8.62 -47.91 13.12
C PHE B 130 8.97 -49.30 13.69
N ALA B 131 8.97 -49.45 15.03
CA ALA B 131 9.27 -50.73 15.65
C ALA B 131 8.16 -51.75 15.46
N ASN B 132 6.90 -51.34 15.79
CA ASN B 132 5.68 -52.17 15.75
C ASN B 132 5.89 -53.47 16.55
N SER B 133 6.46 -53.31 17.76
CA SER B 133 6.78 -54.39 18.69
C SER B 133 6.19 -54.10 20.07
N PRO B 134 5.67 -55.12 20.78
CA PRO B 134 5.13 -54.87 22.13
C PRO B 134 6.24 -54.63 23.18
N TRP B 135 7.51 -54.60 22.75
CA TRP B 135 8.66 -54.39 23.62
C TRP B 135 9.18 -52.95 23.55
N VAL B 136 8.70 -52.16 22.57
CA VAL B 136 9.11 -50.78 22.33
C VAL B 136 7.92 -49.85 22.56
N VAL B 137 8.12 -48.75 23.32
CA VAL B 137 7.12 -47.71 23.59
C VAL B 137 6.83 -47.05 22.23
N GLN B 138 5.57 -47.13 21.78
CA GLN B 138 5.13 -46.62 20.49
C GLN B 138 5.05 -45.10 20.42
N LEU B 139 5.51 -44.52 19.30
CA LEU B 139 5.43 -43.09 19.02
C LEU B 139 4.29 -42.90 18.03
N PHE B 140 3.24 -42.18 18.45
CA PHE B 140 2.07 -41.93 17.62
C PHE B 140 2.24 -40.69 16.76
N TYR B 141 2.76 -39.60 17.35
CA TYR B 141 2.99 -38.34 16.64
C TYR B 141 4.29 -37.67 17.08
N ALA B 142 4.98 -37.06 16.12
CA ALA B 142 6.20 -36.28 16.35
C ALA B 142 5.99 -34.93 15.68
N PHE B 143 6.15 -33.83 16.44
CA PHE B 143 5.99 -32.48 15.90
C PHE B 143 6.99 -31.51 16.52
N GLN B 144 7.00 -30.25 16.06
CA GLN B 144 7.95 -29.23 16.52
C GLN B 144 7.47 -27.80 16.31
N ASP B 145 8.05 -26.87 17.09
CA ASP B 145 7.88 -25.43 16.96
C ASP B 145 9.28 -24.80 16.99
N ASP B 146 9.40 -23.47 17.08
CA ASP B 146 10.71 -22.81 17.12
C ASP B 146 11.52 -23.11 18.40
N ARG B 147 10.86 -23.59 19.47
CA ARG B 147 11.51 -23.84 20.76
C ARG B 147 11.71 -25.32 21.13
N TYR B 148 10.76 -26.22 20.77
CA TYR B 148 10.85 -27.63 21.16
C TYR B 148 10.59 -28.66 20.09
N LEU B 149 10.97 -29.92 20.39
CA LEU B 149 10.71 -31.13 19.63
C LEU B 149 9.77 -31.94 20.53
N TYR B 150 8.60 -32.32 20.00
CA TYR B 150 7.58 -33.04 20.75
C TYR B 150 7.42 -34.48 20.30
N MET B 151 7.40 -35.41 21.26
CA MET B 151 7.23 -36.83 20.99
C MET B 151 6.02 -37.35 21.75
N VAL B 152 4.90 -37.55 21.03
CA VAL B 152 3.65 -38.07 21.58
C VAL B 152 3.72 -39.60 21.55
N MET B 153 4.02 -40.19 22.72
CA MET B 153 4.20 -41.63 22.90
C MET B 153 3.12 -42.23 23.79
N GLU B 154 3.04 -43.59 23.85
CA GLU B 154 2.09 -44.28 24.71
C GLU B 154 2.49 -44.17 26.17
N TYR B 155 1.51 -43.89 27.04
CA TYR B 155 1.76 -43.77 28.47
C TYR B 155 1.95 -45.14 29.12
N MET B 156 2.97 -45.26 29.96
CA MET B 156 3.29 -46.48 30.71
C MET B 156 2.87 -46.26 32.17
N PRO B 157 1.65 -46.69 32.55
CA PRO B 157 1.15 -46.40 33.91
C PRO B 157 1.83 -47.14 35.06
N GLY B 158 2.53 -48.23 34.76
CA GLY B 158 3.23 -49.03 35.76
C GLY B 158 4.55 -48.46 36.25
N GLY B 159 5.00 -47.37 35.62
CA GLY B 159 6.25 -46.68 35.96
C GLY B 159 7.49 -47.44 35.53
N ASP B 160 8.65 -47.06 36.08
CA ASP B 160 9.93 -47.68 35.76
C ASP B 160 10.36 -48.74 36.77
N LEU B 161 11.39 -49.53 36.41
CA LEU B 161 11.94 -50.59 37.27
C LEU B 161 12.71 -50.06 38.47
N VAL B 162 13.16 -48.78 38.42
CA VAL B 162 13.85 -48.08 39.52
C VAL B 162 12.85 -47.95 40.67
N ASN B 163 11.63 -47.50 40.36
CA ASN B 163 10.52 -47.33 41.31
C ASN B 163 10.11 -48.68 41.91
N LEU B 164 10.06 -49.74 41.08
CA LEU B 164 9.70 -51.10 41.50
C LEU B 164 10.74 -51.67 42.48
N MET B 165 12.04 -51.53 42.15
CA MET B 165 13.15 -52.01 42.98
C MET B 165 13.26 -51.29 44.31
N SER B 166 12.81 -50.02 44.37
CA SER B 166 12.80 -49.22 45.60
C SER B 166 11.56 -49.52 46.45
N ASN B 167 10.42 -49.85 45.79
CA ASN B 167 9.16 -50.15 46.45
C ASN B 167 8.96 -51.63 46.80
N TYR B 168 9.82 -52.54 46.28
CA TYR B 168 9.73 -53.98 46.54
C TYR B 168 11.10 -54.63 46.72
N ASP B 169 11.15 -55.69 47.56
CA ASP B 169 12.37 -56.49 47.73
C ASP B 169 12.18 -57.63 46.74
N VAL B 170 12.59 -57.38 45.49
CA VAL B 170 12.46 -58.26 44.32
C VAL B 170 13.02 -59.68 44.56
N PRO B 171 12.13 -60.72 44.61
CA PRO B 171 12.62 -62.09 44.74
C PRO B 171 13.13 -62.63 43.39
N GLU B 172 13.75 -63.82 43.40
CA GLU B 172 14.30 -64.43 42.18
C GLU B 172 13.24 -64.78 41.13
N LYS B 173 12.00 -65.10 41.58
CA LYS B 173 10.84 -65.43 40.73
C LYS B 173 10.46 -64.25 39.83
N TRP B 174 10.54 -63.01 40.39
CA TRP B 174 10.26 -61.75 39.72
C TRP B 174 11.45 -61.32 38.86
N ALA B 175 12.68 -61.45 39.42
CA ALA B 175 13.95 -61.11 38.75
C ALA B 175 14.14 -61.91 37.47
N ARG B 176 13.66 -63.18 37.44
CA ARG B 176 13.72 -64.08 36.28
C ARG B 176 12.83 -63.54 35.14
N PHE B 177 11.62 -63.05 35.50
CA PHE B 177 10.64 -62.48 34.58
C PHE B 177 11.16 -61.22 33.90
N TYR B 178 11.53 -60.20 34.72
CA TYR B 178 12.00 -58.90 34.22
C TYR B 178 13.30 -58.98 33.44
N THR B 179 14.22 -59.91 33.78
CA THR B 179 15.48 -60.10 33.04
C THR B 179 15.19 -60.67 31.64
N ALA B 180 14.31 -61.69 31.57
CA ALA B 180 13.88 -62.35 30.34
C ALA B 180 13.16 -61.40 29.38
N GLU B 181 12.32 -60.49 29.92
CA GLU B 181 11.58 -59.49 29.14
C GLU B 181 12.54 -58.48 28.50
N VAL B 182 13.62 -58.12 29.25
CA VAL B 182 14.69 -57.22 28.80
C VAL B 182 15.46 -57.88 27.66
N VAL B 183 15.72 -59.20 27.77
CA VAL B 183 16.41 -60.01 26.75
C VAL B 183 15.62 -60.01 25.43
N LEU B 184 14.31 -60.31 25.48
CA LEU B 184 13.43 -60.30 24.31
C LEU B 184 13.30 -58.90 23.73
N ALA B 185 13.25 -57.87 24.60
CA ALA B 185 13.14 -56.47 24.22
C ALA B 185 14.40 -56.00 23.50
N LEU B 186 15.59 -56.35 24.02
CA LEU B 186 16.86 -55.99 23.40
C LEU B 186 17.11 -56.70 22.08
N ASP B 187 16.67 -57.97 21.97
CA ASP B 187 16.77 -58.77 20.74
C ASP B 187 15.96 -58.11 19.61
N ALA B 188 14.82 -57.49 19.95
CA ALA B 188 13.96 -56.78 19.01
C ALA B 188 14.69 -55.54 18.48
N ILE B 189 15.43 -54.83 19.36
CA ILE B 189 16.23 -53.64 19.04
C ILE B 189 17.40 -54.05 18.14
N HIS B 190 18.04 -55.19 18.46
CA HIS B 190 19.16 -55.74 17.69
C HIS B 190 18.71 -56.16 16.30
N SER B 191 17.52 -56.83 16.20
CA SER B 191 16.95 -57.27 14.92
C SER B 191 16.57 -56.09 14.01
N MET B 192 16.35 -54.91 14.62
CA MET B 192 16.04 -53.67 13.92
C MET B 192 17.33 -53.00 13.42
N GLY B 193 18.48 -53.52 13.88
CA GLY B 193 19.79 -53.02 13.54
C GLY B 193 20.27 -51.88 14.41
N PHE B 194 19.94 -51.92 15.71
CA PHE B 194 20.33 -50.88 16.66
C PHE B 194 20.97 -51.44 17.93
N ILE B 195 21.91 -50.66 18.50
CA ILE B 195 22.64 -50.98 19.73
C ILE B 195 22.27 -49.89 20.75
N HIS B 196 21.65 -50.28 21.89
CA HIS B 196 21.17 -49.37 22.92
C HIS B 196 22.26 -48.53 23.58
N ARG B 197 23.35 -49.19 24.03
CA ARG B 197 24.53 -48.59 24.68
C ARG B 197 24.26 -48.04 26.11
N ASP B 198 22.99 -48.02 26.57
CA ASP B 198 22.62 -47.51 27.89
C ASP B 198 21.40 -48.22 28.47
N VAL B 199 21.51 -49.54 28.64
CA VAL B 199 20.40 -50.33 29.19
C VAL B 199 20.43 -50.17 30.72
N LYS B 200 19.36 -49.60 31.27
CA LYS B 200 19.22 -49.32 32.71
C LYS B 200 17.75 -49.34 33.17
N PRO B 201 17.43 -49.68 34.45
CA PRO B 201 16.03 -49.70 34.90
C PRO B 201 15.23 -48.41 34.69
N ASP B 202 15.92 -47.28 34.48
CA ASP B 202 15.33 -45.96 34.22
C ASP B 202 14.62 -45.96 32.84
N ASN B 203 15.15 -46.78 31.90
CA ASN B 203 14.66 -46.94 30.53
C ASN B 203 13.64 -48.08 30.39
N MET B 204 13.56 -48.96 31.41
CA MET B 204 12.63 -50.09 31.44
C MET B 204 11.32 -49.61 32.07
N LEU B 205 10.26 -49.50 31.25
CA LEU B 205 8.95 -49.01 31.67
C LEU B 205 7.89 -50.14 31.63
N LEU B 206 6.89 -50.06 32.53
CA LEU B 206 5.82 -51.07 32.63
C LEU B 206 4.46 -50.50 32.22
N ASP B 207 3.68 -51.29 31.44
CA ASP B 207 2.35 -50.89 30.96
C ASP B 207 1.25 -51.13 32.01
N LYS B 208 -0.03 -51.01 31.62
CA LYS B 208 -1.19 -51.25 32.50
C LYS B 208 -1.25 -52.71 32.99
N SER B 209 -0.71 -53.64 32.18
CA SER B 209 -0.66 -55.08 32.45
C SER B 209 0.47 -55.42 33.44
N GLY B 210 1.52 -54.59 33.43
CA GLY B 210 2.69 -54.77 34.27
C GLY B 210 3.87 -55.39 33.54
N HIS B 211 3.82 -55.38 32.19
CA HIS B 211 4.85 -55.94 31.32
C HIS B 211 5.83 -54.86 30.82
N LEU B 212 7.11 -55.25 30.70
CA LEU B 212 8.22 -54.40 30.29
C LEU B 212 8.15 -53.91 28.83
N LYS B 213 8.69 -52.70 28.62
CA LYS B 213 8.84 -52.00 27.35
C LYS B 213 10.02 -51.03 27.48
N LEU B 214 10.93 -51.04 26.50
CA LEU B 214 12.07 -50.12 26.51
C LEU B 214 11.59 -48.73 26.08
N ALA B 215 12.05 -47.67 26.77
CA ALA B 215 11.59 -46.31 26.52
C ALA B 215 12.66 -45.32 26.05
N ASP B 216 13.67 -44.98 26.87
CA ASP B 216 14.68 -43.99 26.46
C ASP B 216 15.65 -44.57 25.44
N PHE B 217 15.66 -44.01 24.21
CA PHE B 217 16.51 -44.47 23.09
C PHE B 217 17.45 -43.39 22.55
N GLY B 218 17.81 -42.41 23.37
CA GLY B 218 18.70 -41.33 22.98
C GLY B 218 20.12 -41.77 22.69
N THR B 219 20.57 -42.80 23.41
CA THR B 219 21.92 -43.38 23.34
C THR B 219 22.09 -44.45 22.23
N CYS B 220 21.02 -44.75 21.47
CA CYS B 220 21.01 -45.75 20.41
C CYS B 220 21.88 -45.39 19.20
N MET B 221 22.35 -46.41 18.47
CA MET B 221 23.21 -46.27 17.29
C MET B 221 22.99 -47.42 16.31
N LYS B 222 22.72 -47.08 15.04
CA LYS B 222 22.48 -48.05 13.95
C LYS B 222 23.75 -48.83 13.61
N MET B 223 23.59 -50.17 13.43
CA MET B 223 24.68 -51.10 13.09
C MET B 223 25.28 -50.77 11.72
N ASN B 224 26.59 -51.03 11.54
CA ASN B 224 27.29 -50.72 10.30
C ASN B 224 27.19 -51.86 9.27
N LYS B 225 28.34 -52.48 8.95
CA LYS B 225 28.54 -53.56 7.97
C LYS B 225 27.57 -54.71 8.16
N GLU B 226 27.61 -55.33 9.34
CA GLU B 226 26.76 -56.47 9.71
C GLU B 226 26.29 -56.43 11.16
N GLY B 227 27.10 -55.82 12.03
CA GLY B 227 26.80 -55.70 13.45
C GLY B 227 27.89 -55.04 14.27
N MET B 228 28.42 -53.91 13.78
CA MET B 228 29.48 -53.16 14.46
C MET B 228 29.10 -51.70 14.61
N VAL B 229 29.60 -51.04 15.67
CA VAL B 229 29.37 -49.63 15.99
C VAL B 229 30.64 -48.96 16.52
N THR B 237 24.65 -41.34 32.46
CA THR B 237 25.57 -42.23 31.74
C THR B 237 26.08 -43.41 32.63
N PRO B 238 26.58 -43.25 33.90
CA PRO B 238 27.01 -44.43 34.66
C PRO B 238 25.83 -45.27 35.19
N ASP B 239 26.00 -46.50 35.74
CA ASP B 239 27.24 -47.27 35.98
C ASP B 239 27.23 -48.58 35.17
N TYR B 240 26.12 -48.79 34.43
CA TYR B 240 25.78 -49.94 33.57
C TYR B 240 26.67 -50.06 32.33
N ILE B 241 27.65 -49.15 32.16
CA ILE B 241 28.59 -49.11 31.03
C ILE B 241 29.54 -50.33 31.05
N SER B 242 29.78 -50.90 29.85
CA SER B 242 30.67 -52.04 29.64
C SER B 242 32.12 -51.58 29.45
N PRO B 243 33.15 -52.42 29.76
CA PRO B 243 34.55 -51.98 29.61
C PRO B 243 34.97 -51.55 28.20
N GLU B 244 34.38 -52.20 27.15
CA GLU B 244 34.67 -51.91 25.74
C GLU B 244 34.19 -50.51 25.31
N VAL B 245 33.08 -50.02 25.89
CA VAL B 245 32.51 -48.70 25.60
C VAL B 245 33.28 -47.64 26.39
N LEU B 246 33.53 -47.92 27.69
CA LEU B 246 34.25 -47.07 28.64
C LEU B 246 35.69 -46.77 28.22
N LYS B 247 36.42 -47.78 27.68
CA LYS B 247 37.82 -47.72 27.21
C LYS B 247 38.79 -47.28 28.30
N TYR B 254 35.76 -50.13 18.96
CA TYR B 254 34.67 -50.75 18.20
C TYR B 254 34.14 -52.01 18.86
N TYR B 255 32.80 -52.20 18.83
CA TYR B 255 32.09 -53.32 19.47
C TYR B 255 30.75 -53.67 18.77
N GLY B 256 30.14 -54.76 19.21
CA GLY B 256 28.85 -55.25 18.71
C GLY B 256 27.71 -55.12 19.70
N ARG B 257 26.76 -56.07 19.68
CA ARG B 257 25.58 -56.08 20.56
C ARG B 257 25.87 -56.64 21.96
N GLU B 258 27.06 -57.25 22.15
CA GLU B 258 27.52 -57.85 23.41
C GLU B 258 27.65 -56.84 24.56
N CYS B 259 27.81 -55.53 24.27
CA CYS B 259 27.91 -54.46 25.27
C CYS B 259 26.58 -54.25 26.01
N ASP B 260 25.45 -54.51 25.33
CA ASP B 260 24.11 -54.40 25.91
C ASP B 260 23.82 -55.55 26.87
N TRP B 261 24.42 -56.73 26.60
CA TRP B 261 24.26 -57.91 27.45
C TRP B 261 24.98 -57.76 28.79
N TRP B 262 26.06 -56.94 28.83
CA TRP B 262 26.82 -56.63 30.04
C TRP B 262 25.87 -55.92 31.02
N SER B 263 25.13 -54.91 30.51
CA SER B 263 24.16 -54.11 31.25
C SER B 263 23.00 -54.94 31.82
N VAL B 264 22.65 -56.08 31.16
CA VAL B 264 21.61 -57.02 31.60
C VAL B 264 22.06 -57.68 32.91
N GLY B 265 23.34 -58.07 32.98
CA GLY B 265 23.96 -58.65 34.15
C GLY B 265 24.05 -57.66 35.30
N VAL B 266 24.32 -56.38 34.96
CA VAL B 266 24.41 -55.25 35.91
C VAL B 266 23.01 -54.97 36.51
N PHE B 267 21.96 -55.18 35.70
CA PHE B 267 20.55 -55.03 36.09
C PHE B 267 20.13 -56.16 37.03
N LEU B 268 20.47 -57.42 36.68
CA LEU B 268 20.17 -58.63 37.46
C LEU B 268 20.83 -58.60 38.85
N TYR B 269 22.09 -58.12 38.93
CA TYR B 269 22.85 -57.99 40.18
C TYR B 269 22.16 -56.98 41.10
N GLU B 270 21.79 -55.80 40.58
CA GLU B 270 21.11 -54.74 41.33
C GLU B 270 19.71 -55.15 41.80
N MET B 271 19.03 -56.02 41.01
CA MET B 271 17.69 -56.54 41.32
C MET B 271 17.71 -57.48 42.53
N LEU B 272 18.76 -58.29 42.66
CA LEU B 272 18.89 -59.29 43.72
C LEU B 272 19.69 -58.81 44.94
N VAL B 273 20.75 -58.01 44.73
CA VAL B 273 21.61 -57.50 45.81
C VAL B 273 21.05 -56.20 46.43
N GLY B 274 20.68 -55.24 45.57
CA GLY B 274 20.15 -53.95 45.98
C GLY B 274 21.03 -52.80 45.54
N ASP B 275 22.32 -53.08 45.36
CA ASP B 275 23.35 -52.14 44.91
C ASP B 275 23.93 -52.61 43.58
N THR B 276 24.50 -51.67 42.80
CA THR B 276 25.14 -51.98 41.51
C THR B 276 26.45 -52.74 41.75
N PRO B 277 26.85 -53.70 40.86
CA PRO B 277 28.09 -54.47 41.10
C PRO B 277 29.40 -53.68 41.13
N PHE B 278 29.36 -52.43 40.64
CA PHE B 278 30.54 -51.56 40.61
C PHE B 278 30.31 -50.22 41.33
N TYR B 279 29.32 -50.19 42.26
CA TYR B 279 28.97 -49.00 43.03
C TYR B 279 30.15 -48.49 43.85
N ALA B 280 30.46 -47.20 43.69
CA ALA B 280 31.54 -46.55 44.41
C ALA B 280 31.06 -45.18 44.91
N ASP B 281 31.47 -44.81 46.14
CA ASP B 281 31.13 -43.54 46.80
C ASP B 281 31.58 -42.32 45.99
N SER B 282 32.64 -42.51 45.18
CA SER B 282 33.21 -41.53 44.25
C SER B 282 32.91 -42.05 42.84
N LEU B 283 32.45 -41.17 41.93
CA LEU B 283 32.12 -41.54 40.56
C LEU B 283 33.32 -42.04 39.73
N VAL B 284 34.53 -41.57 40.05
CA VAL B 284 35.77 -41.98 39.39
C VAL B 284 36.14 -43.42 39.80
N GLY B 285 35.77 -43.79 41.03
CA GLY B 285 35.98 -45.12 41.58
C GLY B 285 35.26 -46.22 40.82
N THR B 286 34.07 -45.88 40.26
CA THR B 286 33.22 -46.76 39.46
C THR B 286 33.92 -47.16 38.15
N TYR B 287 34.55 -46.16 37.48
CA TYR B 287 35.30 -46.29 36.21
C TYR B 287 36.38 -47.37 36.34
N SER B 288 37.17 -47.33 37.43
CA SER B 288 38.26 -48.26 37.73
C SER B 288 37.74 -49.65 38.11
N LYS B 289 36.57 -49.71 38.77
CA LYS B 289 35.93 -50.96 39.19
C LYS B 289 35.46 -51.80 37.99
N ILE B 290 34.88 -51.14 36.97
CA ILE B 290 34.38 -51.77 35.73
C ILE B 290 35.54 -52.39 34.94
N MET B 291 36.67 -51.65 34.82
CA MET B 291 37.88 -52.09 34.12
C MET B 291 38.56 -53.29 34.81
N ASN B 292 38.36 -53.43 36.14
CA ASN B 292 38.91 -54.53 36.94
C ASN B 292 37.79 -55.44 37.48
N HIS B 293 36.81 -55.78 36.61
CA HIS B 293 35.65 -56.64 36.91
C HIS B 293 36.02 -58.06 37.37
N LYS B 294 37.23 -58.53 37.03
CA LYS B 294 37.78 -59.83 37.42
C LYS B 294 38.04 -59.90 38.93
N ASN B 295 38.29 -58.74 39.57
CA ASN B 295 38.58 -58.63 41.00
C ASN B 295 37.52 -57.81 41.78
N SER B 296 36.84 -56.85 41.12
CA SER B 296 35.83 -56.00 41.74
C SER B 296 34.49 -56.68 41.99
N LEU B 297 34.08 -57.60 41.08
CA LEU B 297 32.80 -58.33 41.21
C LEU B 297 32.80 -59.31 42.39
N THR B 298 32.03 -58.97 43.44
CA THR B 298 31.88 -59.78 44.65
C THR B 298 30.79 -60.83 44.49
N ILE B 305 19.89 -65.04 46.08
CA ILE B 305 20.97 -65.95 46.49
C ILE B 305 20.75 -67.35 45.87
N SER B 306 21.42 -67.62 44.72
CA SER B 306 21.35 -68.88 43.98
C SER B 306 22.62 -69.17 43.20
N LYS B 307 22.81 -70.45 42.79
CA LYS B 307 23.97 -70.88 42.03
C LYS B 307 23.91 -70.41 40.57
N GLU B 308 22.78 -70.70 39.88
CA GLU B 308 22.56 -70.36 38.47
C GLU B 308 22.42 -68.86 38.22
N ALA B 309 22.01 -68.10 39.26
CA ALA B 309 21.87 -66.65 39.21
C ALA B 309 23.25 -65.99 39.11
N LYS B 310 24.19 -66.43 39.98
CA LYS B 310 25.58 -65.96 40.03
C LYS B 310 26.34 -66.37 38.76
N ASN B 311 26.03 -67.55 38.21
CA ASN B 311 26.63 -68.08 36.97
C ASN B 311 26.31 -67.20 35.77
N LEU B 312 25.06 -66.66 35.69
CA LEU B 312 24.62 -65.79 34.61
C LEU B 312 25.23 -64.39 34.70
N ILE B 313 25.37 -63.84 35.92
CA ILE B 313 25.97 -62.52 36.18
C ILE B 313 27.43 -62.53 35.71
N CYS B 314 28.18 -63.60 36.02
CA CYS B 314 29.58 -63.78 35.61
C CYS B 314 29.73 -64.05 34.10
N ALA B 315 28.69 -64.67 33.48
CA ALA B 315 28.64 -64.99 32.04
C ALA B 315 28.60 -63.75 31.16
N PHE B 316 27.77 -62.74 31.55
CA PHE B 316 27.65 -61.47 30.85
C PHE B 316 28.81 -60.54 31.19
N LEU B 317 29.30 -60.62 32.43
CA LEU B 317 30.40 -59.80 32.93
C LEU B 317 31.77 -60.40 32.56
N THR B 318 32.06 -60.39 31.24
CA THR B 318 33.30 -60.89 30.63
C THR B 318 33.89 -59.81 29.70
N ASP B 319 34.31 -60.19 28.48
CA ASP B 319 34.89 -59.31 27.48
C ASP B 319 34.42 -59.68 26.07
N LEU B 324 28.95 -64.60 26.63
CA LEU B 324 27.54 -64.73 26.32
C LEU B 324 27.06 -63.58 25.43
N GLY B 325 26.27 -63.92 24.42
CA GLY B 325 25.74 -62.97 23.44
C GLY B 325 26.69 -62.62 22.32
N ARG B 326 27.84 -63.32 22.26
CA ARG B 326 28.91 -63.17 21.28
C ARG B 326 28.47 -63.73 19.92
N ASN B 327 27.77 -64.89 19.94
CA ASN B 327 27.28 -65.59 18.75
C ASN B 327 25.84 -65.16 18.42
N GLY B 328 24.92 -65.40 19.37
CA GLY B 328 23.49 -65.08 19.22
C GLY B 328 22.73 -64.91 20.52
N VAL B 329 21.39 -64.83 20.42
CA VAL B 329 20.48 -64.64 21.55
C VAL B 329 20.03 -65.98 22.16
N GLU B 330 20.11 -67.08 21.39
CA GLU B 330 19.71 -68.44 21.78
C GLU B 330 20.53 -69.01 22.94
N GLU B 331 21.82 -68.61 23.04
CA GLU B 331 22.73 -69.03 24.11
C GLU B 331 22.34 -68.44 25.47
N ILE B 332 21.70 -67.24 25.44
CA ILE B 332 21.21 -66.54 26.62
C ILE B 332 19.91 -67.22 27.07
N LYS B 333 18.99 -67.47 26.12
CA LYS B 333 17.68 -68.11 26.31
C LYS B 333 17.76 -69.52 26.90
N ARG B 334 18.83 -70.27 26.58
CA ARG B 334 19.03 -71.65 27.02
C ARG B 334 19.73 -71.81 28.39
N HIS B 335 20.00 -70.69 29.10
CA HIS B 335 20.64 -70.74 30.42
C HIS B 335 19.70 -71.33 31.47
N LEU B 336 20.26 -72.10 32.42
CA LEU B 336 19.54 -72.77 33.52
C LEU B 336 18.71 -71.81 34.40
N PHE B 337 19.12 -70.53 34.51
CA PHE B 337 18.40 -69.52 35.29
C PHE B 337 17.01 -69.24 34.71
N PHE B 338 16.87 -69.30 33.38
CA PHE B 338 15.59 -69.07 32.68
C PHE B 338 14.68 -70.30 32.65
N LYS B 339 15.21 -71.47 33.08
CA LYS B 339 14.46 -72.73 33.13
C LYS B 339 13.49 -72.68 34.31
N ASN B 340 12.19 -72.51 34.00
CA ASN B 340 11.12 -72.39 34.98
C ASN B 340 9.84 -73.10 34.52
N ASP B 341 8.84 -73.16 35.41
CA ASP B 341 7.55 -73.82 35.19
C ASP B 341 6.42 -72.83 34.91
N GLN B 342 6.57 -71.57 35.38
CA GLN B 342 5.57 -70.51 35.30
C GLN B 342 5.36 -69.93 33.90
N TRP B 343 6.45 -69.69 33.12
CA TRP B 343 6.34 -69.11 31.79
C TRP B 343 7.21 -69.78 30.72
N ALA B 344 6.97 -69.43 29.44
CA ALA B 344 7.69 -69.89 28.26
C ALA B 344 8.09 -68.67 27.43
N TRP B 345 9.31 -68.69 26.84
CA TRP B 345 9.90 -67.61 26.04
C TRP B 345 8.99 -67.00 24.96
N GLU B 346 8.24 -67.85 24.23
CA GLU B 346 7.34 -67.42 23.15
C GLU B 346 6.01 -66.82 23.63
N THR B 347 5.56 -67.15 24.87
CA THR B 347 4.30 -66.67 25.43
C THR B 347 4.49 -65.86 26.74
N LEU B 348 5.73 -65.41 27.02
CA LEU B 348 6.12 -64.65 28.22
C LEU B 348 5.29 -63.36 28.44
N ARG B 349 5.04 -62.59 27.38
CA ARG B 349 4.27 -61.35 27.51
C ARG B 349 2.76 -61.59 27.66
N ASP B 350 2.30 -62.81 27.33
CA ASP B 350 0.89 -63.20 27.45
C ASP B 350 0.55 -63.67 28.87
N THR B 351 1.56 -64.09 29.66
CA THR B 351 1.40 -64.56 31.04
C THR B 351 1.19 -63.39 32.01
N VAL B 352 0.71 -63.69 33.25
CA VAL B 352 0.47 -62.69 34.30
C VAL B 352 1.79 -62.15 34.84
N ALA B 353 1.94 -60.81 34.85
CA ALA B 353 3.11 -60.08 35.35
C ALA B 353 3.19 -60.15 36.89
N PRO B 354 4.40 -60.06 37.50
CA PRO B 354 4.48 -60.12 38.98
C PRO B 354 3.78 -58.96 39.68
N VAL B 355 3.94 -57.74 39.15
CA VAL B 355 3.32 -56.52 39.69
C VAL B 355 2.40 -55.92 38.63
N VAL B 356 1.08 -55.96 38.90
CA VAL B 356 0.06 -55.40 38.02
C VAL B 356 -0.39 -54.08 38.67
N PRO B 357 -0.15 -52.91 38.01
CA PRO B 357 -0.50 -51.63 38.64
C PRO B 357 -1.98 -51.42 38.95
N ASP B 358 -2.27 -51.02 40.20
CA ASP B 358 -3.61 -50.72 40.70
C ASP B 358 -3.95 -49.31 40.23
N LEU B 359 -4.69 -49.21 39.12
CA LEU B 359 -5.03 -47.92 38.52
C LEU B 359 -6.49 -47.53 38.74
N SER B 360 -6.69 -46.28 39.20
CA SER B 360 -8.00 -45.71 39.51
C SER B 360 -8.60 -44.93 38.34
N SER B 361 -7.75 -44.22 37.58
CA SER B 361 -8.17 -43.40 36.44
C SER B 361 -7.19 -43.51 35.28
N ASP B 362 -7.57 -42.98 34.10
CA ASP B 362 -6.74 -42.95 32.89
C ASP B 362 -5.55 -42.00 33.02
N ILE B 363 -5.57 -41.11 34.03
CA ILE B 363 -4.51 -40.14 34.33
C ILE B 363 -3.85 -40.40 35.70
N ASP B 364 -3.84 -41.68 36.15
CA ASP B 364 -3.24 -42.12 37.40
C ASP B 364 -1.71 -42.06 37.30
N THR B 365 -1.06 -41.39 38.26
CA THR B 365 0.41 -41.21 38.28
C THR B 365 1.05 -41.70 39.58
N SER B 366 0.40 -42.63 40.31
CA SER B 366 0.87 -43.20 41.57
C SER B 366 2.25 -43.87 41.47
N ASN B 367 2.53 -44.53 40.32
CA ASN B 367 3.79 -45.22 40.05
C ASN B 367 4.93 -44.26 39.62
N PHE B 368 4.65 -42.95 39.52
CA PHE B 368 5.62 -41.93 39.16
C PHE B 368 5.82 -40.94 40.30
N ASP B 369 7.07 -40.86 40.82
CA ASP B 369 7.43 -39.92 41.90
C ASP B 369 7.41 -38.47 41.35
N ASP B 370 6.76 -37.54 42.07
CA ASP B 370 6.66 -36.15 41.62
C ASP B 370 7.97 -35.39 41.82
N PHE B 381 17.63 -18.55 19.93
CA PHE B 381 17.11 -17.59 20.91
C PHE B 381 17.49 -16.11 20.57
N PRO B 382 18.79 -15.69 20.46
CA PRO B 382 19.05 -14.27 20.14
C PRO B 382 18.78 -13.92 18.68
N ILE B 383 18.33 -12.66 18.45
CA ILE B 383 18.01 -12.14 17.13
C ILE B 383 19.30 -12.15 16.26
N PRO B 384 19.33 -12.94 15.18
CA PRO B 384 20.55 -12.98 14.35
C PRO B 384 20.77 -11.77 13.45
N LYS B 385 22.05 -11.41 13.25
CA LYS B 385 22.48 -10.30 12.40
C LYS B 385 22.69 -10.79 10.95
N ALA B 386 22.77 -12.12 10.78
CA ALA B 386 22.93 -12.84 9.51
C ALA B 386 22.32 -14.24 9.64
N PHE B 387 22.10 -14.95 8.51
CA PHE B 387 21.53 -16.30 8.53
C PHE B 387 22.38 -17.31 9.29
N VAL B 388 21.82 -17.82 10.40
CA VAL B 388 22.44 -18.83 11.27
C VAL B 388 21.82 -20.20 11.03
N GLY B 389 20.51 -20.22 10.80
CA GLY B 389 19.74 -21.43 10.51
C GLY B 389 19.67 -22.45 11.63
N ASN B 390 19.28 -22.02 12.84
CA ASN B 390 19.15 -22.87 14.03
C ASN B 390 18.06 -23.94 13.91
N GLN B 391 17.09 -23.75 13.00
CA GLN B 391 15.97 -24.68 12.79
C GLN B 391 16.29 -25.79 11.79
N LEU B 392 17.39 -25.65 11.02
CA LEU B 392 17.84 -26.62 10.01
C LEU B 392 18.11 -28.04 10.57
N PRO B 393 18.81 -28.24 11.73
CA PRO B 393 19.07 -29.62 12.20
C PRO B 393 17.83 -30.40 12.66
N PHE B 394 16.67 -29.74 12.69
CA PHE B 394 15.40 -30.32 13.14
C PHE B 394 14.42 -30.61 12.00
N VAL B 395 14.77 -30.18 10.77
CA VAL B 395 13.97 -30.38 9.55
C VAL B 395 13.83 -31.88 9.30
N GLY B 396 12.59 -32.36 9.23
CA GLY B 396 12.26 -33.75 8.98
C GLY B 396 11.85 -34.54 10.19
N PHE B 397 11.75 -33.89 11.36
CA PHE B 397 11.35 -34.54 12.61
C PHE B 397 9.85 -34.87 12.68
N THR B 398 8.98 -34.06 12.02
CA THR B 398 7.51 -34.24 12.06
C THR B 398 7.06 -35.59 11.45
N TYR B 399 6.26 -36.33 12.24
CA TYR B 399 5.71 -37.64 11.91
C TYR B 399 4.28 -37.77 12.43
N TYR B 400 3.40 -38.39 11.62
CA TYR B 400 2.01 -38.67 11.99
C TYR B 400 1.68 -40.11 11.56
N SER B 401 1.53 -41.02 12.54
CA SER B 401 1.19 -42.41 12.26
C SER B 401 -0.29 -42.45 11.86
N ASN B 402 -0.56 -42.87 10.60
CA ASN B 402 -1.89 -42.94 9.96
C ASN B 402 -2.43 -41.57 9.56
N HIS C 4 -24.18 42.54 10.47
CA HIS C 4 -23.58 43.03 11.72
C HIS C 4 -22.77 44.32 11.50
N MET C 5 -21.91 44.71 12.49
CA MET C 5 -21.17 45.97 12.42
C MET C 5 -19.62 45.86 12.51
N SER C 6 -18.95 47.03 12.27
CA SER C 6 -17.51 47.40 12.25
C SER C 6 -16.79 47.12 10.91
N PHE C 7 -15.47 47.41 10.87
CA PHE C 7 -14.60 47.24 9.72
C PHE C 7 -13.37 46.41 10.10
N GLU C 8 -12.61 46.87 11.11
CA GLU C 8 -11.40 46.21 11.59
C GLU C 8 -11.73 44.93 12.35
N THR C 9 -12.91 44.90 13.01
CA THR C 9 -13.40 43.75 13.77
C THR C 9 -13.75 42.61 12.80
N ARG C 10 -14.23 42.97 11.59
CA ARG C 10 -14.56 42.01 10.54
C ARG C 10 -13.28 41.27 10.14
N PHE C 11 -12.15 42.01 10.04
CA PHE C 11 -10.83 41.46 9.72
C PHE C 11 -10.30 40.60 10.86
N GLU C 12 -10.49 41.07 12.12
CA GLU C 12 -10.06 40.42 13.37
C GLU C 12 -10.69 39.02 13.49
N LYS C 13 -12.03 38.93 13.39
CA LYS C 13 -12.79 37.67 13.49
C LYS C 13 -12.38 36.69 12.39
N MET C 14 -12.13 37.22 11.17
CA MET C 14 -11.68 36.46 10.01
C MET C 14 -10.31 35.85 10.24
N ASP C 15 -9.38 36.64 10.82
CA ASP C 15 -8.01 36.24 11.12
C ASP C 15 -7.99 35.09 12.13
N ASN C 16 -8.89 35.12 13.13
CA ASN C 16 -9.03 34.08 14.16
C ASN C 16 -9.52 32.77 13.53
N LEU C 17 -10.50 32.88 12.61
CA LEU C 17 -11.10 31.75 11.87
C LEU C 17 -10.07 30.99 11.03
N LEU C 18 -9.04 31.70 10.54
CA LEU C 18 -7.97 31.14 9.71
C LEU C 18 -6.82 30.55 10.53
N ARG C 19 -6.63 31.04 11.77
CA ARG C 19 -5.56 30.61 12.67
C ARG C 19 -5.96 29.48 13.63
N ASP C 20 -7.21 29.50 14.13
CA ASP C 20 -7.74 28.51 15.08
C ASP C 20 -7.62 27.05 14.60
N PRO C 21 -6.96 26.15 15.39
CA PRO C 21 -6.83 24.75 14.95
C PRO C 21 -8.13 23.96 14.97
N LYS C 22 -9.09 24.38 15.81
CA LYS C 22 -10.39 23.75 15.96
C LYS C 22 -11.40 24.22 14.87
N SER C 23 -11.06 25.32 14.14
CA SER C 23 -11.87 25.93 13.06
C SER C 23 -12.00 25.03 11.84
N GLU C 24 -13.19 25.04 11.22
CA GLU C 24 -13.51 24.26 10.02
C GLU C 24 -12.93 24.92 8.76
N VAL C 25 -12.57 26.21 8.85
CA VAL C 25 -12.05 27.01 7.74
C VAL C 25 -10.64 27.57 8.01
N ASN C 26 -9.77 26.81 8.71
CA ASN C 26 -8.41 27.29 8.96
C ASN C 26 -7.52 27.04 7.74
N SER C 27 -6.30 27.60 7.76
CA SER C 27 -5.29 27.51 6.69
C SER C 27 -5.17 26.13 6.04
N ASP C 28 -4.95 25.08 6.85
CA ASP C 28 -4.78 23.71 6.37
C ASP C 28 -6.07 23.10 5.79
N CYS C 29 -7.22 23.45 6.36
CA CYS C 29 -8.53 22.97 5.89
C CYS C 29 -8.92 23.57 4.54
N LEU C 30 -8.49 24.82 4.27
CA LEU C 30 -8.78 25.53 3.02
C LEU C 30 -7.95 25.00 1.86
N LEU C 31 -6.72 24.54 2.17
CA LEU C 31 -5.82 23.94 1.20
C LEU C 31 -6.39 22.61 0.75
N ASP C 32 -7.08 21.89 1.68
CA ASP C 32 -7.74 20.62 1.42
C ASP C 32 -8.79 20.78 0.34
N GLY C 33 -9.51 21.90 0.36
CA GLY C 33 -10.55 22.26 -0.60
C GLY C 33 -9.99 22.41 -2.00
N LEU C 34 -8.91 23.19 -2.13
CA LEU C 34 -8.21 23.45 -3.39
C LEU C 34 -7.62 22.14 -3.92
N ASP C 35 -7.04 21.32 -3.00
CA ASP C 35 -6.43 20.03 -3.31
C ASP C 35 -7.47 19.03 -3.80
N ALA C 36 -8.64 18.96 -3.14
CA ALA C 36 -9.76 18.07 -3.49
C ALA C 36 -10.32 18.44 -4.84
N LEU C 37 -10.44 19.75 -5.11
CA LEU C 37 -10.95 20.31 -6.35
C LEU C 37 -10.10 19.87 -7.55
N VAL C 38 -8.76 19.92 -7.39
CA VAL C 38 -7.80 19.50 -8.42
C VAL C 38 -7.95 17.99 -8.69
N TYR C 39 -8.00 17.16 -7.63
CA TYR C 39 -8.18 15.71 -7.71
C TYR C 39 -9.46 15.32 -8.46
N ASP C 40 -10.60 15.94 -8.08
CA ASP C 40 -11.93 15.69 -8.63
C ASP C 40 -12.19 16.26 -10.04
N LEU C 41 -11.42 17.27 -10.48
CA LEU C 41 -11.63 17.88 -11.79
C LEU C 41 -10.67 17.41 -12.90
N ASP C 42 -9.43 17.05 -12.54
CA ASP C 42 -8.40 16.66 -13.51
C ASP C 42 -8.68 15.28 -14.17
N PHE C 43 -9.59 15.29 -15.15
CA PHE C 43 -10.02 14.15 -15.97
C PHE C 43 -10.34 14.67 -17.38
N PRO C 44 -9.97 13.93 -18.46
CA PRO C 44 -10.20 14.45 -19.82
C PRO C 44 -11.62 14.85 -20.17
N ALA C 45 -12.63 14.08 -19.72
CA ALA C 45 -14.06 14.36 -19.95
C ALA C 45 -14.46 15.71 -19.33
N LEU C 46 -13.99 15.96 -18.09
CA LEU C 46 -14.26 17.17 -17.32
C LEU C 46 -13.47 18.36 -17.86
N ARG C 47 -12.22 18.12 -18.31
CA ARG C 47 -11.30 19.12 -18.88
C ARG C 47 -11.83 19.77 -20.16
N LYS C 48 -12.83 19.14 -20.82
CA LYS C 48 -13.50 19.66 -22.02
C LYS C 48 -14.19 21.01 -21.74
N ASN C 49 -14.64 21.19 -20.48
CA ASN C 49 -15.28 22.40 -19.98
C ASN C 49 -14.21 23.50 -19.86
N LYS C 50 -14.44 24.64 -20.54
CA LYS C 50 -13.55 25.79 -20.57
C LYS C 50 -13.20 26.31 -19.17
N ASN C 51 -14.20 26.35 -18.26
CA ASN C 51 -14.06 26.79 -16.87
C ASN C 51 -13.16 25.87 -16.06
N ILE C 52 -13.37 24.54 -16.21
CA ILE C 52 -12.60 23.49 -15.52
C ILE C 52 -11.15 23.50 -16.02
N ASP C 53 -10.96 23.70 -17.34
CA ASP C 53 -9.64 23.77 -17.97
C ASP C 53 -8.90 25.04 -17.52
N ASN C 54 -9.62 26.18 -17.41
CA ASN C 54 -9.11 27.48 -16.97
C ASN C 54 -8.55 27.40 -15.56
N PHE C 55 -9.28 26.73 -14.65
CA PHE C 55 -8.89 26.55 -13.25
C PHE C 55 -7.68 25.64 -13.11
N LEU C 56 -7.72 24.46 -13.77
CA LEU C 56 -6.65 23.47 -13.72
C LEU C 56 -5.34 23.99 -14.29
N SER C 57 -5.37 24.71 -15.41
CA SER C 57 -4.16 25.28 -16.02
C SER C 57 -3.49 26.31 -15.09
N ARG C 58 -4.32 26.99 -14.28
CA ARG C 58 -3.92 28.04 -13.35
C ARG C 58 -3.50 27.55 -11.97
N TYR C 59 -4.01 26.38 -11.52
CA TYR C 59 -3.74 25.86 -10.18
C TYR C 59 -3.10 24.46 -10.09
N LYS C 60 -3.03 23.68 -11.19
CA LYS C 60 -2.46 22.32 -11.18
C LYS C 60 -1.00 22.28 -10.72
N ASP C 61 -0.15 23.16 -11.29
CA ASP C 61 1.28 23.25 -10.99
C ASP C 61 1.58 23.67 -9.55
N THR C 62 0.89 24.70 -9.04
CA THR C 62 1.08 25.19 -7.65
C THR C 62 0.56 24.18 -6.62
N ILE C 63 -0.52 23.44 -6.94
CA ILE C 63 -1.08 22.41 -6.05
C ILE C 63 -0.11 21.23 -5.95
N ASN C 64 0.57 20.90 -7.06
CA ASN C 64 1.58 19.83 -7.10
C ASN C 64 2.78 20.23 -6.21
N LYS C 65 3.14 21.54 -6.21
CA LYS C 65 4.20 22.15 -5.41
C LYS C 65 3.81 22.05 -3.92
N ILE C 66 2.53 22.33 -3.59
CA ILE C 66 1.97 22.24 -2.24
C ILE C 66 1.95 20.79 -1.75
N ARG C 67 1.53 19.84 -2.62
CA ARG C 67 1.49 18.39 -2.33
C ARG C 67 2.86 17.85 -1.89
N ASP C 68 3.93 18.36 -2.52
CA ASP C 68 5.31 18.00 -2.23
C ASP C 68 5.78 18.60 -0.91
N LEU C 69 5.36 19.86 -0.62
CA LEU C 69 5.69 20.59 0.61
C LEU C 69 4.98 20.03 1.83
N ARG C 70 3.65 19.81 1.71
CA ARG C 70 2.77 19.27 2.75
C ARG C 70 3.10 17.83 3.09
N MET C 71 2.64 17.37 4.26
CA MET C 71 2.84 16.00 4.73
C MET C 71 2.18 14.97 3.80
N LYS C 72 2.95 13.94 3.45
CA LYS C 72 2.53 12.86 2.57
C LYS C 72 2.96 11.49 3.12
N ALA C 73 2.35 10.40 2.62
CA ALA C 73 2.64 9.02 3.03
C ALA C 73 4.10 8.65 2.75
N GLU C 74 4.74 9.29 1.74
CA GLU C 74 6.12 9.09 1.34
C GLU C 74 7.12 9.51 2.43
N ASP C 75 6.72 10.47 3.31
CA ASP C 75 7.54 10.97 4.41
C ASP C 75 7.74 9.94 5.53
N TYR C 76 6.93 8.87 5.52
CA TYR C 76 6.97 7.82 6.54
C TYR C 76 7.42 6.47 5.99
N GLU C 77 8.35 5.83 6.71
CA GLU C 77 8.89 4.50 6.40
C GLU C 77 8.06 3.50 7.22
N VAL C 78 7.29 2.63 6.54
CA VAL C 78 6.44 1.64 7.22
C VAL C 78 7.30 0.45 7.71
N VAL C 79 7.31 0.23 9.03
CA VAL C 79 8.03 -0.85 9.71
C VAL C 79 7.27 -2.16 9.51
N LYS C 80 6.00 -2.22 9.98
CA LYS C 80 5.08 -3.37 9.85
C LYS C 80 3.63 -3.03 10.23
N VAL C 81 2.66 -3.80 9.69
CA VAL C 81 1.22 -3.66 9.99
C VAL C 81 0.96 -4.28 11.37
N ILE C 82 0.51 -3.46 12.33
CA ILE C 82 0.26 -3.89 13.71
C ILE C 82 -1.24 -4.12 14.03
N GLY C 83 -2.12 -3.59 13.17
CA GLY C 83 -3.57 -3.72 13.34
C GLY C 83 -4.35 -3.56 12.04
N ARG C 84 -5.62 -3.98 12.04
CA ARG C 84 -6.52 -3.88 10.88
C ARG C 84 -7.97 -3.76 11.31
N GLY C 85 -8.67 -2.76 10.78
CA GLY C 85 -10.07 -2.50 11.03
C GLY C 85 -10.93 -2.72 9.80
N ALA C 86 -12.17 -2.21 9.83
CA ALA C 86 -13.14 -2.35 8.73
C ALA C 86 -12.75 -1.57 7.47
N PHE C 87 -12.32 -0.29 7.62
CA PHE C 87 -11.96 0.56 6.50
C PHE C 87 -10.46 0.84 6.35
N GLY C 88 -9.62 0.11 7.08
CA GLY C 88 -8.19 0.31 6.96
C GLY C 88 -7.32 -0.55 7.86
N GLU C 89 -6.06 -0.09 8.04
CA GLU C 89 -5.05 -0.77 8.84
C GLU C 89 -4.19 0.20 9.63
N VAL C 90 -3.67 -0.26 10.79
CA VAL C 90 -2.76 0.51 11.63
C VAL C 90 -1.38 -0.08 11.45
N GLN C 91 -0.42 0.75 11.04
CA GLN C 91 0.95 0.34 10.79
C GLN C 91 1.96 1.16 11.56
N LEU C 92 3.00 0.49 12.09
CA LEU C 92 4.09 1.15 12.82
C LEU C 92 4.96 1.86 11.78
N VAL C 93 5.13 3.18 11.93
CA VAL C 93 5.91 3.98 10.99
C VAL C 93 7.01 4.79 11.67
N ARG C 94 8.03 5.17 10.89
CA ARG C 94 9.13 6.02 11.31
C ARG C 94 9.19 7.17 10.33
N HIS C 95 9.12 8.40 10.84
CA HIS C 95 9.20 9.62 10.03
C HIS C 95 10.62 9.69 9.45
N LYS C 96 10.75 9.71 8.11
CA LYS C 96 12.05 9.71 7.42
C LYS C 96 13.01 10.82 7.86
N SER C 97 12.51 12.07 8.03
CA SER C 97 13.35 13.20 8.43
C SER C 97 13.65 13.26 9.92
N THR C 98 12.62 13.35 10.77
CA THR C 98 12.77 13.47 12.23
C THR C 98 13.19 12.16 12.92
N ARG C 99 12.98 11.00 12.24
CA ARG C 99 13.28 9.64 12.70
C ARG C 99 12.39 9.23 13.90
N LYS C 100 11.30 9.98 14.12
CA LYS C 100 10.34 9.73 15.20
C LYS C 100 9.41 8.58 14.84
N VAL C 101 9.18 7.69 15.82
CA VAL C 101 8.36 6.49 15.69
C VAL C 101 6.91 6.78 16.09
N TYR C 102 5.98 6.45 15.18
CA TYR C 102 4.54 6.65 15.36
C TYR C 102 3.76 5.40 14.93
N ALA C 103 2.45 5.39 15.18
CA ALA C 103 1.50 4.36 14.76
C ALA C 103 0.51 5.07 13.83
N MET C 104 0.57 4.75 12.52
CA MET C 104 -0.25 5.40 11.49
C MET C 104 -1.48 4.59 11.11
N LYS C 105 -2.66 5.23 11.20
CA LYS C 105 -3.95 4.63 10.87
C LYS C 105 -4.36 5.11 9.50
N LEU C 106 -4.65 4.16 8.60
CA LEU C 106 -5.07 4.43 7.23
C LEU C 106 -6.57 4.15 7.11
N LEU C 107 -7.27 4.98 6.34
CA LEU C 107 -8.70 4.81 6.12
C LEU C 107 -9.00 4.97 4.63
N SER C 108 -9.43 3.86 4.01
CA SER C 108 -9.73 3.78 2.58
C SER C 108 -10.89 4.67 2.19
N LYS C 109 -10.59 5.71 1.38
CA LYS C 109 -11.59 6.64 0.85
C LYS C 109 -12.57 5.91 -0.06
N PHE C 110 -12.09 4.91 -0.82
CA PHE C 110 -12.93 4.11 -1.69
C PHE C 110 -13.97 3.37 -0.90
N GLU C 111 -13.53 2.61 0.13
CA GLU C 111 -14.39 1.80 1.00
C GLU C 111 -15.41 2.68 1.72
N MET C 112 -14.97 3.87 2.15
CA MET C 112 -15.81 4.86 2.82
C MET C 112 -16.92 5.41 1.91
N ILE C 113 -16.58 5.71 0.64
CA ILE C 113 -17.50 6.22 -0.39
C ILE C 113 -18.46 5.10 -0.84
N LYS C 114 -17.94 3.86 -1.05
CA LYS C 114 -18.70 2.67 -1.47
C LYS C 114 -19.92 2.47 -0.57
N ARG C 115 -19.73 2.55 0.77
CA ARG C 115 -20.81 2.42 1.75
C ARG C 115 -21.52 3.78 1.82
N SER C 116 -21.29 4.53 2.91
CA SER C 116 -21.81 5.88 3.16
C SER C 116 -21.08 6.52 4.35
N ASP C 117 -20.28 5.71 5.07
CA ASP C 117 -19.47 6.14 6.22
C ASP C 117 -18.40 7.14 5.76
N SER C 118 -18.65 8.43 5.98
CA SER C 118 -17.76 9.54 5.61
C SER C 118 -17.88 10.65 6.65
N ALA C 119 -18.26 10.28 7.90
CA ALA C 119 -18.47 11.19 9.01
C ALA C 119 -17.98 10.69 10.37
N PHE C 120 -17.77 9.37 10.51
CA PHE C 120 -17.34 8.72 11.76
C PHE C 120 -15.98 9.20 12.30
N PHE C 121 -15.02 9.46 11.41
CA PHE C 121 -13.66 9.87 11.73
C PHE C 121 -13.56 11.26 12.35
N TRP C 122 -14.50 12.17 12.02
CA TRP C 122 -14.48 13.54 12.52
C TRP C 122 -14.37 13.64 14.05
N GLU C 123 -15.13 12.80 14.78
CA GLU C 123 -15.11 12.74 16.25
C GLU C 123 -13.77 12.19 16.72
N GLU C 124 -13.28 11.08 16.12
CA GLU C 124 -11.99 10.45 16.44
C GLU C 124 -10.84 11.46 16.28
N ARG C 125 -10.83 12.21 15.16
CA ARG C 125 -9.86 13.26 14.83
C ARG C 125 -9.88 14.35 15.91
N ASP C 126 -11.07 14.87 16.24
CA ASP C 126 -11.31 15.90 17.23
C ASP C 126 -10.88 15.47 18.64
N ILE C 127 -11.27 14.26 19.07
CA ILE C 127 -10.93 13.70 20.39
C ILE C 127 -9.42 13.58 20.55
N MET C 128 -8.78 12.75 19.71
CA MET C 128 -7.34 12.47 19.73
C MET C 128 -6.46 13.72 19.61
N ALA C 129 -6.84 14.68 18.75
CA ALA C 129 -6.08 15.91 18.51
C ALA C 129 -6.22 16.98 19.58
N PHE C 130 -7.41 17.10 20.20
CA PHE C 130 -7.65 18.17 21.18
C PHE C 130 -7.98 17.68 22.60
N ALA C 131 -7.71 16.40 22.93
CA ALA C 131 -7.97 15.86 24.27
C ALA C 131 -7.01 16.40 25.31
N ASN C 132 -5.69 16.33 25.03
CA ASN C 132 -4.59 16.75 25.92
C ASN C 132 -4.71 16.02 27.29
N SER C 133 -4.96 14.71 27.23
CA SER C 133 -5.14 13.83 28.38
C SER C 133 -4.23 12.60 28.28
N PRO C 134 -3.64 12.13 29.42
CA PRO C 134 -2.80 10.92 29.36
C PRO C 134 -3.62 9.62 29.19
N TRP C 135 -4.94 9.74 29.03
CA TRP C 135 -5.85 8.60 28.88
C TRP C 135 -6.31 8.41 27.43
N VAL C 136 -5.99 9.38 26.58
CA VAL C 136 -6.35 9.38 25.16
C VAL C 136 -5.07 9.31 24.33
N VAL C 137 -5.04 8.41 23.33
CA VAL C 137 -3.92 8.26 22.39
C VAL C 137 -3.89 9.57 21.57
N GLN C 138 -2.76 10.29 21.65
CA GLN C 138 -2.58 11.59 21.00
C GLN C 138 -2.40 11.49 19.51
N LEU C 139 -3.05 12.41 18.77
CA LEU C 139 -2.93 12.54 17.31
C LEU C 139 -2.02 13.73 17.05
N PHE C 140 -0.86 13.47 16.44
CA PHE C 140 0.12 14.51 16.15
C PHE C 140 -0.16 15.15 14.80
N TYR C 141 -0.42 14.33 13.78
CA TYR C 141 -0.69 14.83 12.44
C TYR C 141 -1.80 14.05 11.77
N ALA C 142 -2.64 14.76 11.01
CA ALA C 142 -3.71 14.18 10.21
C ALA C 142 -3.55 14.72 8.80
N PHE C 143 -3.46 13.82 7.82
CA PHE C 143 -3.30 14.19 6.42
C PHE C 143 -4.04 13.23 5.48
N GLN C 144 -4.02 13.54 4.18
CA GLN C 144 -4.75 12.75 3.19
C GLN C 144 -4.20 12.87 1.78
N ASP C 145 -4.52 11.86 0.95
CA ASP C 145 -4.24 11.84 -0.47
C ASP C 145 -5.55 11.42 -1.17
N ASP C 146 -5.52 11.14 -2.48
CA ASP C 146 -6.73 10.75 -3.21
C ASP C 146 -7.30 9.38 -2.79
N ARG C 147 -6.50 8.54 -2.11
CA ARG C 147 -6.91 7.19 -1.73
C ARG C 147 -7.17 6.98 -0.24
N TYR C 148 -6.39 7.64 0.66
CA TYR C 148 -6.52 7.42 2.10
C TYR C 148 -6.56 8.65 2.98
N LEU C 149 -6.98 8.43 4.24
CA LEU C 149 -6.98 9.38 5.34
C LEU C 149 -5.94 8.81 6.31
N TYR C 150 -4.95 9.62 6.67
CA TYR C 150 -3.85 9.21 7.53
C TYR C 150 -3.92 9.86 8.89
N MET C 151 -3.77 9.05 9.94
CA MET C 151 -3.77 9.50 11.32
C MET C 151 -2.47 9.11 11.98
N VAL C 152 -1.56 10.07 12.13
CA VAL C 152 -0.25 9.88 12.76
C VAL C 152 -0.44 10.06 14.27
N MET C 153 -0.54 8.94 14.98
CA MET C 153 -0.77 8.89 16.43
C MET C 153 0.43 8.31 17.17
N GLU C 154 0.42 8.43 18.52
CA GLU C 154 1.48 7.88 19.35
C GLU C 154 1.42 6.36 19.41
N TYR C 155 2.58 5.70 19.29
CA TYR C 155 2.66 4.25 19.33
C TYR C 155 2.54 3.74 20.75
N MET C 156 1.75 2.68 20.93
CA MET C 156 1.50 2.03 22.21
C MET C 156 2.26 0.70 22.19
N PRO C 157 3.53 0.66 22.69
CA PRO C 157 4.33 -0.57 22.59
C PRO C 157 3.87 -1.75 23.45
N GLY C 158 3.05 -1.50 24.46
CA GLY C 158 2.52 -2.52 25.35
C GLY C 158 1.39 -3.35 24.79
N GLY C 159 0.88 -2.97 23.62
CA GLY C 159 -0.21 -3.66 22.94
C GLY C 159 -1.57 -3.43 23.57
N ASP C 160 -2.55 -4.27 23.21
CA ASP C 160 -3.91 -4.18 23.73
C ASP C 160 -4.17 -5.15 24.89
N LEU C 161 -5.30 -4.96 25.59
CA LEU C 161 -5.70 -5.79 26.72
C LEU C 161 -6.15 -7.20 26.31
N VAL C 162 -6.52 -7.38 25.02
CA VAL C 162 -6.92 -8.69 24.44
C VAL C 162 -5.67 -9.59 24.49
N ASN C 163 -4.51 -9.05 24.05
CA ASN C 163 -3.22 -9.73 24.04
C ASN C 163 -2.76 -10.07 25.46
N LEU C 164 -2.97 -9.13 26.41
CA LEU C 164 -2.60 -9.31 27.82
C LEU C 164 -3.43 -10.43 28.47
N MET C 165 -4.76 -10.43 28.26
CA MET C 165 -5.68 -11.44 28.79
C MET C 165 -5.43 -12.85 28.23
N SER C 166 -4.91 -12.93 27.00
CA SER C 166 -4.58 -14.20 26.35
C SER C 166 -3.19 -14.69 26.80
N ASN C 167 -2.26 -13.76 27.08
CA ASN C 167 -0.89 -14.07 27.50
C ASN C 167 -0.71 -14.21 29.02
N TYR C 168 -1.72 -13.79 29.82
CA TYR C 168 -1.65 -13.87 31.29
C TYR C 168 -2.97 -14.29 31.91
N ASP C 169 -2.89 -15.01 33.05
CA ASP C 169 -4.08 -15.37 33.84
C ASP C 169 -4.20 -14.23 34.85
N VAL C 170 -4.88 -13.15 34.43
CA VAL C 170 -5.06 -11.89 35.15
C VAL C 170 -5.64 -12.09 36.57
N PRO C 171 -4.82 -11.82 37.63
CA PRO C 171 -5.34 -11.92 39.01
C PRO C 171 -6.19 -10.68 39.34
N GLU C 172 -6.87 -10.69 40.50
CA GLU C 172 -7.71 -9.59 40.94
C GLU C 172 -6.93 -8.28 41.19
N LYS C 173 -5.65 -8.39 41.62
CA LYS C 173 -4.73 -7.28 41.88
C LYS C 173 -4.50 -6.44 40.61
N TRP C 174 -4.39 -7.12 39.46
CA TRP C 174 -4.18 -6.55 38.13
C TRP C 174 -5.51 -6.04 37.56
N ALA C 175 -6.58 -6.85 37.71
CA ALA C 175 -7.94 -6.55 37.26
C ALA C 175 -8.46 -5.26 37.89
N ARG C 176 -8.08 -4.98 39.16
CA ARG C 176 -8.45 -3.78 39.92
C ARG C 176 -7.81 -2.55 39.27
N PHE C 177 -6.52 -2.66 38.86
CA PHE C 177 -5.74 -1.60 38.23
C PHE C 177 -6.32 -1.21 36.87
N TYR C 178 -6.43 -2.18 35.95
CA TYR C 178 -6.92 -1.96 34.58
C TYR C 178 -8.38 -1.50 34.51
N THR C 179 -9.25 -1.95 35.45
CA THR C 179 -10.65 -1.50 35.51
C THR C 179 -10.71 -0.03 35.92
N ALA C 180 -9.93 0.35 36.94
CA ALA C 180 -9.83 1.72 37.46
C ALA C 180 -9.28 2.70 36.43
N GLU C 181 -8.28 2.26 35.64
CA GLU C 181 -7.68 3.08 34.59
C GLU C 181 -8.70 3.35 33.48
N VAL C 182 -9.56 2.36 33.14
CA VAL C 182 -10.64 2.44 32.16
C VAL C 182 -11.68 3.46 32.65
N VAL C 183 -11.99 3.44 33.97
CA VAL C 183 -12.94 4.33 34.62
C VAL C 183 -12.46 5.80 34.49
N LEU C 184 -11.19 6.07 34.84
CA LEU C 184 -10.60 7.42 34.73
C LEU C 184 -10.53 7.87 33.27
N ALA C 185 -10.22 6.92 32.35
CA ALA C 185 -10.14 7.16 30.91
C ALA C 185 -11.49 7.54 30.33
N LEU C 186 -12.55 6.79 30.71
CA LEU C 186 -13.90 7.05 30.24
C LEU C 186 -14.47 8.35 30.79
N ASP C 187 -14.13 8.70 32.05
CA ASP C 187 -14.56 9.94 32.69
C ASP C 187 -13.99 11.16 31.94
N ALA C 188 -12.76 11.02 31.39
CA ALA C 188 -12.10 12.06 30.59
C ALA C 188 -12.87 12.28 29.28
N ILE C 189 -13.35 11.17 28.66
CA ILE C 189 -14.15 11.18 27.42
C ILE C 189 -15.52 11.83 27.70
N HIS C 190 -16.12 11.49 28.86
CA HIS C 190 -17.40 12.03 29.30
C HIS C 190 -17.29 13.53 29.58
N SER C 191 -16.20 13.96 30.24
CA SER C 191 -15.95 15.37 30.56
C SER C 191 -15.73 16.22 29.30
N MET C 192 -15.31 15.56 28.19
CA MET C 192 -15.13 16.18 26.88
C MET C 192 -16.46 16.29 26.14
N GLY C 193 -17.49 15.65 26.68
CA GLY C 193 -18.84 15.62 26.13
C GLY C 193 -19.06 14.54 25.10
N PHE C 194 -18.48 13.35 25.34
CA PHE C 194 -18.58 12.20 24.43
C PHE C 194 -18.90 10.90 25.13
N ILE C 195 -19.68 10.04 24.44
CA ILE C 195 -20.06 8.71 24.91
C ILE C 195 -19.43 7.73 23.91
N HIS C 196 -18.50 6.88 24.41
CA HIS C 196 -17.72 5.91 23.62
C HIS C 196 -18.55 4.96 22.76
N ARG C 197 -19.59 4.34 23.37
CA ARG C 197 -20.55 3.39 22.77
C ARG C 197 -19.96 2.03 22.34
N ASP C 198 -18.62 1.83 22.46
CA ASP C 198 -17.96 0.58 22.10
C ASP C 198 -16.69 0.33 22.94
N VAL C 199 -16.86 0.27 24.27
CA VAL C 199 -15.72 0.04 25.16
C VAL C 199 -15.41 -1.45 25.16
N LYS C 200 -14.21 -1.81 24.70
CA LYS C 200 -13.73 -3.20 24.61
C LYS C 200 -12.20 -3.30 24.74
N PRO C 201 -11.63 -4.43 25.25
CA PRO C 201 -10.16 -4.54 25.39
C PRO C 201 -9.35 -4.31 24.12
N ASP C 202 -10.00 -4.38 22.94
CA ASP C 202 -9.39 -4.13 21.63
C ASP C 202 -9.01 -2.64 21.48
N ASN C 203 -9.78 -1.76 22.16
CA ASN C 203 -9.63 -0.30 22.18
C ASN C 203 -8.74 0.19 23.34
N MET C 204 -8.47 -0.69 24.33
CA MET C 204 -7.63 -0.38 25.49
C MET C 204 -6.19 -0.74 25.15
N LEU C 205 -5.35 0.29 24.97
CA LEU C 205 -3.94 0.14 24.59
C LEU C 205 -3.00 0.55 25.74
N LEU C 206 -1.82 -0.10 25.82
CA LEU C 206 -0.83 0.17 26.85
C LEU C 206 0.44 0.81 26.30
N ASP C 207 0.98 1.84 26.99
CA ASP C 207 2.19 2.56 26.58
C ASP C 207 3.48 1.82 26.99
N LYS C 208 4.66 2.50 26.87
CA LYS C 208 5.96 1.93 27.26
C LYS C 208 6.03 1.64 28.77
N SER C 209 5.26 2.42 29.57
CA SER C 209 5.18 2.30 31.03
C SER C 209 4.28 1.13 31.44
N GLY C 210 3.32 0.79 30.59
CA GLY C 210 2.36 -0.27 30.82
C GLY C 210 1.01 0.23 31.32
N HIS C 211 0.75 1.55 31.13
CA HIS C 211 -0.48 2.23 31.54
C HIS C 211 -1.47 2.35 30.39
N LEU C 212 -2.77 2.21 30.71
CA LEU C 212 -3.89 2.25 29.78
C LEU C 212 -4.13 3.62 29.13
N LYS C 213 -4.64 3.56 27.87
CA LYS C 213 -5.01 4.68 27.01
C LYS C 213 -6.06 4.18 26.03
N LEU C 214 -7.18 4.91 25.88
CA LEU C 214 -8.23 4.54 24.93
C LEU C 214 -7.78 4.93 23.51
N ALA C 215 -7.97 4.03 22.54
CA ALA C 215 -7.50 4.23 21.18
C ALA C 215 -8.60 4.43 20.11
N ASP C 216 -9.43 3.41 19.83
CA ASP C 216 -10.48 3.53 18.80
C ASP C 216 -11.59 4.47 19.29
N PHE C 217 -12.00 5.45 18.45
CA PHE C 217 -13.04 6.43 18.82
C PHE C 217 -14.10 6.69 17.74
N GLY C 218 -14.19 5.82 16.73
CA GLY C 218 -15.15 5.94 15.64
C GLY C 218 -16.61 5.91 16.07
N THR C 219 -16.90 5.12 17.12
CA THR C 219 -18.23 4.92 17.70
C THR C 219 -18.68 6.05 18.64
N CYS C 220 -17.77 7.01 18.96
CA CYS C 220 -18.06 8.14 19.84
C CYS C 220 -19.07 9.12 19.23
N MET C 221 -19.89 9.73 20.08
CA MET C 221 -20.89 10.72 19.66
C MET C 221 -21.01 11.84 20.70
N LYS C 222 -21.10 13.08 20.21
CA LYS C 222 -21.21 14.30 21.01
C LYS C 222 -22.50 14.31 21.85
N MET C 223 -22.36 14.69 23.13
CA MET C 223 -23.45 14.78 24.09
C MET C 223 -24.28 16.04 23.81
N ASN C 224 -25.62 15.89 23.86
CA ASN C 224 -26.56 16.99 23.65
C ASN C 224 -26.76 17.83 24.94
N LYS C 225 -27.60 18.87 24.85
CA LYS C 225 -27.89 19.85 25.91
C LYS C 225 -28.41 19.25 27.23
N GLU C 226 -29.17 18.13 27.18
CA GLU C 226 -29.71 17.52 28.41
C GLU C 226 -28.80 16.40 29.01
N GLY C 227 -27.47 16.57 28.83
CA GLY C 227 -26.43 15.68 29.35
C GLY C 227 -26.57 14.21 29.02
N MET C 228 -26.91 13.91 27.75
CA MET C 228 -27.07 12.55 27.21
C MET C 228 -26.79 12.52 25.70
N VAL C 229 -26.92 11.35 25.06
CA VAL C 229 -26.70 11.22 23.61
C VAL C 229 -27.96 10.65 22.93
N ARG C 230 -28.44 11.38 21.90
CA ARG C 230 -29.62 11.02 21.11
C ARG C 230 -29.14 10.28 19.86
N CYS C 231 -28.82 8.98 20.01
CA CYS C 231 -28.31 8.13 18.93
C CYS C 231 -29.40 7.79 17.91
N ASP C 232 -28.97 7.43 16.69
CA ASP C 232 -29.86 7.06 15.58
C ASP C 232 -30.23 5.58 15.66
N THR C 233 -29.21 4.68 15.68
CA THR C 233 -29.38 3.22 15.75
C THR C 233 -28.28 2.53 16.61
N ALA C 234 -28.28 1.18 16.67
CA ALA C 234 -27.35 0.38 17.46
C ALA C 234 -25.91 0.37 16.91
N VAL C 235 -24.94 0.69 17.77
CA VAL C 235 -23.50 0.74 17.45
C VAL C 235 -22.64 0.02 18.51
N GLY C 236 -21.48 -0.49 18.08
CA GLY C 236 -20.55 -1.17 18.95
C GLY C 236 -20.17 -2.56 18.48
N THR C 237 -20.08 -3.50 19.42
CA THR C 237 -19.74 -4.90 19.17
C THR C 237 -20.78 -5.79 19.88
N PRO C 238 -21.24 -6.90 19.26
CA PRO C 238 -22.29 -7.72 19.89
C PRO C 238 -22.06 -8.22 21.33
N ASP C 239 -20.82 -8.26 21.83
CA ASP C 239 -20.54 -8.78 23.18
C ASP C 239 -20.56 -7.75 24.31
N TYR C 240 -20.05 -6.52 24.07
CA TYR C 240 -19.95 -5.45 25.07
C TYR C 240 -21.10 -4.43 25.02
N ILE C 241 -22.03 -4.58 24.05
CA ILE C 241 -23.19 -3.70 23.86
C ILE C 241 -24.19 -3.81 25.05
N SER C 242 -24.73 -2.65 25.47
CA SER C 242 -25.69 -2.54 26.57
C SER C 242 -27.14 -2.73 26.04
N PRO C 243 -28.11 -3.18 26.88
CA PRO C 243 -29.48 -3.40 26.38
C PRO C 243 -30.18 -2.18 25.79
N GLU C 244 -29.94 -0.96 26.34
CA GLU C 244 -30.55 0.28 25.87
C GLU C 244 -30.20 0.64 24.42
N VAL C 245 -29.00 0.24 23.94
CA VAL C 245 -28.55 0.49 22.57
C VAL C 245 -29.33 -0.45 21.61
N LEU C 246 -29.76 -1.62 22.14
CA LEU C 246 -30.53 -2.62 21.41
C LEU C 246 -32.03 -2.30 21.48
N ASP C 252 -32.13 1.02 20.35
CA ASP C 252 -33.30 1.86 20.09
C ASP C 252 -33.66 2.70 21.31
N GLY C 253 -33.18 3.95 21.32
CA GLY C 253 -33.43 4.89 22.40
C GLY C 253 -32.48 6.08 22.49
N TYR C 254 -32.70 6.93 23.50
CA TYR C 254 -31.92 8.12 23.80
C TYR C 254 -31.37 7.95 25.24
N TYR C 255 -30.08 7.57 25.34
CA TYR C 255 -29.40 7.24 26.61
C TYR C 255 -28.22 8.17 26.95
N GLY C 256 -27.68 8.02 28.17
CA GLY C 256 -26.55 8.80 28.66
C GLY C 256 -25.23 8.06 28.65
N ARG C 257 -24.35 8.40 29.62
CA ARG C 257 -23.01 7.81 29.77
C ARG C 257 -23.02 6.43 30.45
N GLU C 258 -24.17 6.05 31.04
CA GLU C 258 -24.36 4.79 31.76
C GLU C 258 -24.17 3.53 30.88
N CYS C 259 -24.32 3.66 29.54
CA CYS C 259 -24.12 2.56 28.59
C CYS C 259 -22.66 2.12 28.51
N ASP C 260 -21.72 3.07 28.73
CA ASP C 260 -20.28 2.80 28.73
C ASP C 260 -19.85 2.06 29.98
N TRP C 261 -20.57 2.29 31.11
CA TRP C 261 -20.30 1.62 32.38
C TRP C 261 -20.68 0.14 32.35
N TRP C 262 -21.68 -0.22 31.51
CA TRP C 262 -22.13 -1.61 31.30
C TRP C 262 -20.94 -2.40 30.74
N SER C 263 -20.29 -1.85 29.71
CA SER C 263 -19.12 -2.42 29.02
C SER C 263 -17.92 -2.62 29.95
N VAL C 264 -17.80 -1.79 31.02
CA VAL C 264 -16.75 -1.87 32.05
C VAL C 264 -16.93 -3.19 32.84
N GLY C 265 -18.20 -3.49 33.17
CA GLY C 265 -18.59 -4.70 33.88
C GLY C 265 -18.35 -5.95 33.06
N VAL C 266 -18.60 -5.86 31.73
CA VAL C 266 -18.39 -6.94 30.76
C VAL C 266 -16.88 -7.21 30.63
N PHE C 267 -16.06 -6.13 30.69
CA PHE C 267 -14.60 -6.19 30.65
C PHE C 267 -14.05 -6.88 31.91
N LEU C 268 -14.55 -6.49 33.10
CA LEU C 268 -14.14 -7.04 34.40
C LEU C 268 -14.48 -8.54 34.52
N TYR C 269 -15.65 -8.96 34.01
CA TYR C 269 -16.09 -10.36 34.01
C TYR C 269 -15.15 -11.20 33.14
N GLU C 270 -14.83 -10.72 31.92
CA GLU C 270 -13.94 -11.41 30.98
C GLU C 270 -12.50 -11.49 31.51
N MET C 271 -12.07 -10.48 32.29
CA MET C 271 -10.73 -10.41 32.89
C MET C 271 -10.52 -11.48 33.95
N LEU C 272 -11.58 -11.78 34.74
CA LEU C 272 -11.53 -12.72 35.84
C LEU C 272 -12.00 -14.14 35.48
N VAL C 273 -13.03 -14.27 34.62
CA VAL C 273 -13.59 -15.56 34.22
C VAL C 273 -12.82 -16.16 33.02
N GLY C 274 -12.60 -15.36 31.98
CA GLY C 274 -11.92 -15.78 30.77
C GLY C 274 -12.80 -15.70 29.54
N ASP C 275 -14.12 -15.77 29.75
CA ASP C 275 -15.16 -15.67 28.72
C ASP C 275 -16.04 -14.46 29.01
N THR C 276 -16.72 -13.92 27.97
CA THR C 276 -17.64 -12.79 28.12
C THR C 276 -18.91 -13.26 28.85
N PRO C 277 -19.57 -12.40 29.68
CA PRO C 277 -20.78 -12.87 30.41
C PRO C 277 -21.93 -13.35 29.53
N PHE C 278 -22.03 -12.83 28.29
CA PHE C 278 -23.10 -13.16 27.35
C PHE C 278 -22.61 -13.93 26.13
N TYR C 279 -21.45 -14.63 26.26
CA TYR C 279 -20.85 -15.42 25.18
C TYR C 279 -21.80 -16.52 24.71
N ALA C 280 -22.04 -16.55 23.40
CA ALA C 280 -22.90 -17.55 22.76
C ALA C 280 -22.23 -18.07 21.49
N ASP C 281 -22.35 -19.39 21.24
CA ASP C 281 -21.79 -20.09 20.08
C ASP C 281 -22.31 -19.52 18.75
N SER C 282 -23.53 -18.93 18.78
CA SER C 282 -24.17 -18.23 17.67
C SER C 282 -24.21 -16.75 18.05
N LEU C 283 -23.90 -15.85 17.10
CA LEU C 283 -23.87 -14.40 17.36
C LEU C 283 -25.24 -13.81 17.69
N VAL C 284 -26.33 -14.43 17.17
CA VAL C 284 -27.71 -14.01 17.44
C VAL C 284 -28.10 -14.36 18.89
N GLY C 285 -27.51 -15.44 19.41
CA GLY C 285 -27.72 -15.92 20.78
C GLY C 285 -27.26 -14.92 21.83
N THR C 286 -26.19 -14.15 21.51
CA THR C 286 -25.61 -13.11 22.36
C THR C 286 -26.60 -11.96 22.58
N TYR C 287 -27.29 -11.53 21.50
CA TYR C 287 -28.29 -10.47 21.49
C TYR C 287 -29.41 -10.74 22.50
N SER C 288 -29.94 -11.98 22.50
CA SER C 288 -31.01 -12.44 23.39
C SER C 288 -30.54 -12.57 24.83
N LYS C 289 -29.25 -12.94 25.03
CA LYS C 289 -28.64 -13.10 26.35
C LYS C 289 -28.48 -11.76 27.07
N ILE C 290 -28.10 -10.69 26.33
CA ILE C 290 -27.93 -9.33 26.87
C ILE C 290 -29.29 -8.79 27.36
N MET C 291 -30.35 -8.95 26.53
CA MET C 291 -31.71 -8.52 26.84
C MET C 291 -32.30 -9.23 28.07
N ASN C 292 -31.82 -10.46 28.36
CA ASN C 292 -32.26 -11.25 29.51
C ASN C 292 -31.11 -11.44 30.52
N HIS C 293 -30.37 -10.34 30.81
CA HIS C 293 -29.23 -10.30 31.75
C HIS C 293 -29.58 -10.70 33.18
N LYS C 294 -30.87 -10.58 33.57
CA LYS C 294 -31.40 -10.94 34.89
C LYS C 294 -31.34 -12.46 35.11
N ASN C 295 -31.37 -13.24 34.00
CA ASN C 295 -31.35 -14.72 34.05
C ASN C 295 -30.12 -15.32 33.34
N SER C 296 -29.54 -14.59 32.38
CA SER C 296 -28.37 -15.04 31.61
C SER C 296 -27.06 -14.97 32.38
N LEU C 297 -26.88 -13.90 33.21
CA LEU C 297 -25.68 -13.70 34.00
C LEU C 297 -25.51 -14.81 35.05
N THR C 298 -24.71 -15.83 34.67
CA THR C 298 -24.41 -17.02 35.47
C THR C 298 -22.91 -17.08 35.75
N PHE C 299 -22.47 -17.99 36.64
CA PHE C 299 -21.06 -18.14 36.99
C PHE C 299 -20.55 -19.59 36.83
N PRO C 300 -19.34 -19.82 36.24
CA PRO C 300 -18.86 -21.20 36.07
C PRO C 300 -18.61 -21.98 37.37
N ILE C 305 -12.58 -16.90 43.06
CA ILE C 305 -13.29 -15.65 42.78
C ILE C 305 -13.77 -14.97 44.07
N SER C 306 -13.66 -13.63 44.15
CA SER C 306 -14.06 -12.85 45.34
C SER C 306 -15.53 -12.39 45.32
N LYS C 307 -15.95 -11.75 46.42
CA LYS C 307 -17.30 -11.26 46.68
C LYS C 307 -17.54 -9.88 46.07
N GLU C 308 -16.64 -8.91 46.35
CA GLU C 308 -16.73 -7.51 45.89
C GLU C 308 -16.55 -7.35 44.38
N ALA C 309 -15.86 -8.30 43.72
CA ALA C 309 -15.65 -8.33 42.27
C ALA C 309 -16.97 -8.63 41.58
N LYS C 310 -17.70 -9.68 42.05
CA LYS C 310 -19.00 -10.09 41.53
C LYS C 310 -20.08 -9.02 41.77
N ASN C 311 -19.98 -8.32 42.92
CA ASN C 311 -20.89 -7.23 43.30
C ASN C 311 -20.80 -6.06 42.34
N LEU C 312 -19.57 -5.74 41.85
CA LEU C 312 -19.32 -4.67 40.87
C LEU C 312 -19.87 -5.03 39.51
N ILE C 313 -19.74 -6.32 39.09
CA ILE C 313 -20.23 -6.84 37.82
C ILE C 313 -21.76 -6.67 37.74
N CYS C 314 -22.48 -7.13 38.79
CA CYS C 314 -23.93 -7.04 38.90
C CYS C 314 -24.43 -5.60 38.97
N ALA C 315 -23.60 -4.67 39.52
CA ALA C 315 -23.90 -3.24 39.62
C ALA C 315 -23.92 -2.58 38.24
N PHE C 316 -22.95 -2.95 37.38
CA PHE C 316 -22.84 -2.46 36.00
C PHE C 316 -23.76 -3.24 35.06
N LEU C 317 -24.16 -4.47 35.45
CA LEU C 317 -25.02 -5.34 34.65
C LEU C 317 -26.45 -5.42 35.20
N THR C 318 -27.26 -4.39 34.88
CA THR C 318 -28.66 -4.22 35.25
C THR C 318 -29.37 -3.40 34.15
N ASP C 319 -30.26 -2.46 34.53
CA ASP C 319 -30.99 -1.59 33.60
C ASP C 319 -30.49 -0.15 33.74
N ARG C 320 -30.58 0.66 32.67
CA ARG C 320 -30.15 2.07 32.62
C ARG C 320 -30.75 2.91 33.76
N GLU C 321 -32.05 2.70 34.06
CA GLU C 321 -32.80 3.38 35.11
C GLU C 321 -32.32 3.03 36.53
N VAL C 322 -31.90 1.77 36.76
CA VAL C 322 -31.43 1.29 38.06
C VAL C 322 -30.01 0.64 37.91
N ARG C 323 -29.01 1.49 37.62
CA ARG C 323 -27.61 1.08 37.46
C ARG C 323 -26.67 1.84 38.40
N LEU C 324 -25.35 1.51 38.36
CA LEU C 324 -24.34 2.16 39.20
C LEU C 324 -24.09 3.61 38.75
N GLY C 325 -23.22 3.80 37.76
CA GLY C 325 -22.89 5.13 37.24
C GLY C 325 -24.01 5.75 36.42
N ARG C 326 -25.06 6.23 37.11
CA ARG C 326 -26.23 6.87 36.48
C ARG C 326 -26.24 8.39 36.68
N ASN C 327 -25.53 8.88 37.71
CA ASN C 327 -25.44 10.30 38.04
C ASN C 327 -24.01 10.86 38.06
N GLY C 328 -23.07 10.11 38.67
CA GLY C 328 -21.69 10.53 38.76
C GLY C 328 -20.66 9.42 38.68
N VAL C 329 -19.37 9.80 38.64
CA VAL C 329 -18.24 8.87 38.58
C VAL C 329 -17.74 8.49 40.00
N GLU C 330 -18.04 9.33 41.01
CA GLU C 330 -17.64 9.15 42.41
C GLU C 330 -18.23 7.91 43.07
N GLU C 331 -19.45 7.49 42.63
CA GLU C 331 -20.14 6.30 43.14
C GLU C 331 -19.44 5.00 42.69
N ILE C 332 -18.76 5.05 41.54
CA ILE C 332 -17.99 3.94 40.97
C ILE C 332 -16.67 3.84 41.76
N LYS C 333 -16.01 5.00 41.96
CA LYS C 333 -14.74 5.17 42.67
C LYS C 333 -14.78 4.71 44.14
N ARG C 334 -15.94 4.87 44.80
CA ARG C 334 -16.11 4.53 46.21
C ARG C 334 -16.49 3.07 46.49
N HIS C 335 -16.51 2.20 45.45
CA HIS C 335 -16.84 0.78 45.62
C HIS C 335 -15.71 0.04 46.36
N LEU C 336 -16.09 -0.96 47.21
CA LEU C 336 -15.15 -1.78 48.00
C LEU C 336 -14.08 -2.49 47.16
N PHE C 337 -14.39 -2.76 45.88
CA PHE C 337 -13.45 -3.40 44.96
C PHE C 337 -12.22 -2.53 44.69
N PHE C 338 -12.38 -1.20 44.67
CA PHE C 338 -11.28 -0.26 44.44
C PHE C 338 -10.50 0.11 45.71
N LYS C 339 -11.01 -0.31 46.89
CA LYS C 339 -10.35 -0.07 48.18
C LYS C 339 -9.12 -0.97 48.27
N ASN C 340 -7.95 -0.37 48.08
CA ASN C 340 -6.65 -1.06 48.09
C ASN C 340 -5.56 -0.23 48.77
N ASP C 341 -4.39 -0.85 48.98
CA ASP C 341 -3.22 -0.26 49.65
C ASP C 341 -2.14 0.19 48.66
N GLN C 342 -2.10 -0.43 47.46
CA GLN C 342 -1.10 -0.22 46.43
C GLN C 342 -1.19 1.13 45.70
N TRP C 343 -2.42 1.58 45.34
CA TRP C 343 -2.59 2.84 44.61
C TRP C 343 -3.73 3.73 45.13
N ALA C 344 -3.77 4.98 44.64
CA ALA C 344 -4.78 6.01 44.92
C ALA C 344 -5.28 6.58 43.59
N TRP C 345 -6.60 6.87 43.51
CA TRP C 345 -7.29 7.38 42.33
C TRP C 345 -6.62 8.57 41.61
N GLU C 346 -6.12 9.55 42.38
CA GLU C 346 -5.47 10.75 41.86
C GLU C 346 -4.02 10.53 41.37
N THR C 347 -3.33 9.49 41.87
CA THR C 347 -1.94 9.20 41.50
C THR C 347 -1.77 7.80 40.84
N LEU C 348 -2.88 7.19 40.39
CA LEU C 348 -2.94 5.86 39.76
C LEU C 348 -2.01 5.71 38.54
N ARG C 349 -1.97 6.71 37.65
CA ARG C 349 -1.12 6.64 36.46
C ARG C 349 0.36 6.87 36.77
N ASP C 350 0.67 7.42 37.95
CA ASP C 350 2.04 7.69 38.40
C ASP C 350 2.67 6.45 39.05
N THR C 351 1.84 5.49 39.53
CA THR C 351 2.29 4.25 40.16
C THR C 351 2.79 3.22 39.13
N VAL C 352 3.53 2.18 39.57
CA VAL C 352 4.06 1.14 38.70
C VAL C 352 2.93 0.22 38.23
N ALA C 353 2.85 0.03 36.90
CA ALA C 353 1.88 -0.80 36.21
C ALA C 353 2.14 -2.31 36.47
N PRO C 354 1.12 -3.20 36.42
CA PRO C 354 1.36 -4.64 36.66
C PRO C 354 2.26 -5.29 35.61
N VAL C 355 2.07 -4.94 34.33
CA VAL C 355 2.86 -5.45 33.21
C VAL C 355 3.56 -4.28 32.53
N VAL C 356 4.89 -4.23 32.66
CA VAL C 356 5.73 -3.20 32.04
C VAL C 356 6.40 -3.88 30.83
N PRO C 357 6.09 -3.44 29.59
CA PRO C 357 6.65 -4.13 28.42
C PRO C 357 8.18 -4.12 28.32
N ASP C 358 8.76 -5.31 28.10
CA ASP C 358 10.20 -5.51 27.93
C ASP C 358 10.51 -5.16 26.49
N LEU C 359 10.99 -3.94 26.26
CA LEU C 359 11.27 -3.44 24.92
C LEU C 359 12.76 -3.39 24.63
N SER C 360 13.14 -3.96 23.47
CA SER C 360 14.53 -4.04 23.00
C SER C 360 14.91 -2.86 22.09
N SER C 361 13.96 -2.40 21.27
CA SER C 361 14.17 -1.29 20.33
C SER C 361 12.95 -0.38 20.26
N ASP C 362 13.09 0.79 19.62
CA ASP C 362 12.01 1.77 19.43
C ASP C 362 10.93 1.27 18.45
N ILE C 363 11.24 0.20 17.68
CA ILE C 363 10.34 -0.42 16.71
C ILE C 363 9.98 -1.88 17.11
N ASP C 364 9.99 -2.17 18.42
CA ASP C 364 9.66 -3.48 18.99
C ASP C 364 8.14 -3.71 18.86
N THR C 365 7.75 -4.87 18.29
CA THR C 365 6.36 -5.24 18.05
C THR C 365 5.97 -6.59 18.68
N SER C 366 6.71 -7.03 19.72
CA SER C 366 6.48 -8.30 20.43
C SER C 366 5.07 -8.43 21.01
N ASN C 367 4.51 -7.30 21.51
CA ASN C 367 3.18 -7.24 22.11
C ASN C 367 2.04 -7.19 21.06
N PHE C 368 2.39 -7.18 19.76
CA PHE C 368 1.43 -7.17 18.65
C PHE C 368 1.54 -8.44 17.81
N ASP C 369 0.45 -9.22 17.74
CA ASP C 369 0.43 -10.45 16.93
C ASP C 369 0.44 -10.12 15.44
N ASP C 370 1.28 -10.83 14.68
CA ASP C 370 1.49 -10.70 13.23
C ASP C 370 0.21 -10.79 12.43
N LEU C 371 0.10 -9.96 11.38
CA LEU C 371 -1.07 -9.89 10.50
C LEU C 371 -0.77 -10.10 9.02
N GLU C 372 -1.84 -10.16 8.22
CA GLU C 372 -1.87 -10.33 6.76
C GLU C 372 -1.30 -9.04 6.04
N GLU C 373 -1.29 -8.89 4.68
CA GLU C 373 -1.75 -9.78 3.60
C GLU C 373 -0.56 -10.24 2.75
N GLU C 377 -5.75 -6.24 -6.37
CA GLU C 377 -7.05 -6.32 -5.69
C GLU C 377 -7.49 -4.98 -5.03
N GLU C 378 -6.52 -4.06 -4.80
CA GLU C 378 -6.70 -2.75 -4.19
C GLU C 378 -7.68 -1.87 -5.00
N GLU C 379 -8.94 -1.82 -4.53
CA GLU C 379 -10.04 -1.07 -5.14
C GLU C 379 -9.78 0.43 -5.16
N THR C 380 -10.10 1.06 -6.31
CA THR C 380 -9.93 2.50 -6.58
C THR C 380 -11.14 3.07 -7.33
N PHE C 381 -11.36 4.40 -7.25
CA PHE C 381 -12.49 5.08 -7.90
C PHE C 381 -12.37 5.06 -9.42
N PRO C 382 -13.44 4.68 -10.16
CA PRO C 382 -13.35 4.70 -11.63
C PRO C 382 -13.30 6.13 -12.17
N ILE C 383 -12.67 6.31 -13.36
CA ILE C 383 -12.54 7.60 -14.03
C ILE C 383 -13.94 8.17 -14.32
N PRO C 384 -14.30 9.33 -13.71
CA PRO C 384 -15.65 9.87 -13.90
C PRO C 384 -15.92 10.49 -15.26
N LYS C 385 -17.17 10.37 -15.72
CA LYS C 385 -17.66 10.91 -17.00
C LYS C 385 -18.20 12.33 -16.79
N ALA C 386 -18.44 12.69 -15.51
CA ALA C 386 -18.92 13.99 -15.04
C ALA C 386 -18.48 14.19 -13.58
N PHE C 387 -18.57 15.42 -13.05
CA PHE C 387 -18.17 15.73 -11.68
C PHE C 387 -18.96 14.94 -10.62
N VAL C 388 -18.24 14.06 -9.89
CA VAL C 388 -18.78 13.24 -8.81
C VAL C 388 -18.39 13.81 -7.45
N GLY C 389 -17.16 14.32 -7.36
CA GLY C 389 -16.63 14.94 -6.16
C GLY C 389 -16.44 14.02 -4.96
N ASN C 390 -15.76 12.86 -5.17
CA ASN C 390 -15.52 11.88 -4.10
C ASN C 390 -14.58 12.38 -3.00
N GLN C 391 -13.81 13.45 -3.27
CA GLN C 391 -12.86 14.02 -2.30
C GLN C 391 -13.49 15.07 -1.37
N LEU C 392 -14.70 15.56 -1.72
CA LEU C 392 -15.44 16.56 -0.95
C LEU C 392 -15.74 16.17 0.51
N PRO C 393 -16.21 14.91 0.85
CA PRO C 393 -16.51 14.61 2.27
C PRO C 393 -15.29 14.53 3.21
N PHE C 394 -14.08 14.66 2.64
CA PHE C 394 -12.81 14.58 3.36
C PHE C 394 -12.11 15.92 3.54
N VAL C 395 -12.65 16.99 2.91
CA VAL C 395 -12.14 18.36 2.98
C VAL C 395 -12.19 18.83 4.44
N GLY C 396 -11.04 19.21 4.97
CA GLY C 396 -10.90 19.70 6.34
C GLY C 396 -10.32 18.71 7.33
N PHE C 397 -9.94 17.51 6.85
CA PHE C 397 -9.35 16.48 7.70
C PHE C 397 -7.91 16.78 8.12
N THR C 398 -7.14 17.52 7.29
CA THR C 398 -5.74 17.85 7.59
C THR C 398 -5.63 18.64 8.89
N TYR C 399 -4.80 18.12 9.81
CA TYR C 399 -4.48 18.71 11.10
C TYR C 399 -2.99 18.60 11.36
N TYR C 400 -2.39 19.68 11.87
CA TYR C 400 -0.99 19.74 12.26
C TYR C 400 -0.88 20.25 13.70
N SER C 401 -0.19 19.51 14.57
CA SER C 401 0.05 19.91 15.96
C SER C 401 1.26 20.86 16.01
N ASN C 402 1.68 21.36 14.81
CA ASN C 402 2.78 22.29 14.50
C ASN C 402 4.16 21.63 14.61
N PHE D 7 12.70 18.80 6.92
CA PHE D 7 11.25 18.75 7.00
C PHE D 7 10.63 19.97 7.69
N GLU D 8 11.21 20.42 8.83
CA GLU D 8 10.71 21.58 9.59
C GLU D 8 10.72 22.87 8.75
N THR D 9 11.58 22.89 7.72
CA THR D 9 11.73 23.98 6.75
C THR D 9 10.60 23.96 5.70
N ARG D 10 9.92 22.79 5.51
CA ARG D 10 8.80 22.66 4.57
C ARG D 10 7.63 23.45 5.11
N PHE D 11 7.41 23.36 6.44
CA PHE D 11 6.36 24.06 7.17
C PHE D 11 6.60 25.57 7.11
N GLU D 12 7.89 25.98 7.05
CA GLU D 12 8.32 27.39 6.93
C GLU D 12 7.93 27.90 5.54
N LYS D 13 8.24 27.12 4.48
CA LYS D 13 7.93 27.47 3.09
C LYS D 13 6.41 27.51 2.86
N MET D 14 5.68 26.56 3.48
CA MET D 14 4.22 26.46 3.43
C MET D 14 3.56 27.66 4.09
N ASP D 15 4.09 28.08 5.26
CA ASP D 15 3.59 29.23 6.03
C ASP D 15 3.73 30.52 5.24
N ASN D 16 4.84 30.67 4.48
CA ASN D 16 5.10 31.83 3.63
C ASN D 16 4.10 31.88 2.48
N LEU D 17 3.82 30.72 1.86
CA LEU D 17 2.86 30.54 0.75
C LEU D 17 1.43 30.95 1.14
N LEU D 18 1.07 30.80 2.41
CA LEU D 18 -0.24 31.13 2.95
C LEU D 18 -0.35 32.60 3.39
N ARG D 19 0.78 33.23 3.75
CA ARG D 19 0.84 34.62 4.21
C ARG D 19 1.12 35.63 3.10
N ASP D 20 1.98 35.27 2.12
CA ASP D 20 2.38 36.13 1.00
C ASP D 20 1.21 36.69 0.19
N PRO D 21 1.11 38.03 0.02
CA PRO D 21 -0.01 38.59 -0.75
C PRO D 21 0.07 38.31 -2.25
N LYS D 22 1.29 38.06 -2.75
CA LYS D 22 1.57 37.76 -4.16
C LYS D 22 1.32 36.29 -4.52
N SER D 23 1.18 35.44 -3.49
CA SER D 23 0.95 34.00 -3.64
C SER D 23 -0.44 33.68 -4.21
N GLU D 24 -0.51 32.65 -5.07
CA GLU D 24 -1.75 32.18 -5.70
C GLU D 24 -2.58 31.34 -4.73
N VAL D 25 -1.93 30.86 -3.63
CA VAL D 25 -2.54 29.99 -2.63
C VAL D 25 -2.52 30.60 -1.20
N ASN D 26 -2.68 31.93 -1.09
CA ASN D 26 -2.73 32.56 0.23
C ASN D 26 -4.12 32.40 0.86
N SER D 27 -4.24 32.74 2.15
CA SER D 27 -5.44 32.67 2.97
C SER D 27 -6.71 33.10 2.23
N ASP D 28 -6.71 34.31 1.63
CA ASP D 28 -7.87 34.84 0.91
C ASP D 28 -8.15 34.13 -0.41
N CYS D 29 -7.11 33.67 -1.13
CA CYS D 29 -7.27 32.94 -2.40
C CYS D 29 -7.91 31.58 -2.19
N LEU D 30 -7.63 30.95 -1.04
CA LEU D 30 -8.15 29.64 -0.67
C LEU D 30 -9.60 29.69 -0.24
N LEU D 31 -10.01 30.81 0.40
CA LEU D 31 -11.40 31.03 0.82
C LEU D 31 -12.26 31.20 -0.43
N ASP D 32 -11.70 31.80 -1.50
CA ASP D 32 -12.36 32.00 -2.78
C ASP D 32 -12.77 30.66 -3.38
N GLY D 33 -11.90 29.66 -3.24
CA GLY D 33 -12.11 28.30 -3.71
C GLY D 33 -13.30 27.64 -3.04
N LEU D 34 -13.33 27.72 -1.70
CA LEU D 34 -14.42 27.19 -0.86
C LEU D 34 -15.72 27.92 -1.17
N ASP D 35 -15.65 29.25 -1.35
CA ASP D 35 -16.78 30.12 -1.66
C ASP D 35 -17.37 29.79 -3.03
N ALA D 36 -16.50 29.61 -4.04
CA ALA D 36 -16.89 29.26 -5.41
C ALA D 36 -17.56 27.91 -5.46
N LEU D 37 -17.01 26.95 -4.72
CA LEU D 37 -17.48 25.58 -4.62
C LEU D 37 -18.91 25.54 -4.10
N VAL D 38 -19.23 26.34 -3.05
CA VAL D 38 -20.56 26.45 -2.46
C VAL D 38 -21.55 27.02 -3.51
N TYR D 39 -21.17 28.14 -4.17
CA TYR D 39 -21.97 28.79 -5.22
C TYR D 39 -22.33 27.81 -6.35
N ASP D 40 -21.31 27.10 -6.89
CA ASP D 40 -21.43 26.16 -8.00
C ASP D 40 -22.11 24.81 -7.70
N LEU D 41 -22.15 24.39 -6.42
CA LEU D 41 -22.74 23.09 -6.05
C LEU D 41 -24.16 23.17 -5.46
N ASP D 42 -24.51 24.27 -4.78
CA ASP D 42 -25.81 24.41 -4.12
C ASP D 42 -26.98 24.57 -5.11
N PHE D 43 -27.41 23.45 -5.69
CA PHE D 43 -28.53 23.33 -6.64
C PHE D 43 -29.20 21.96 -6.42
N PRO D 44 -30.56 21.87 -6.48
CA PRO D 44 -31.23 20.58 -6.19
C PRO D 44 -30.75 19.36 -6.99
N ALA D 45 -30.50 19.53 -8.30
CA ALA D 45 -30.03 18.45 -9.18
C ALA D 45 -28.67 17.93 -8.72
N LEU D 46 -27.75 18.84 -8.34
CA LEU D 46 -26.41 18.54 -7.87
C LEU D 46 -26.42 17.96 -6.44
N ARG D 47 -27.33 18.48 -5.58
CA ARG D 47 -27.51 18.08 -4.18
C ARG D 47 -27.94 16.61 -4.04
N LYS D 48 -28.44 15.98 -5.14
CA LYS D 48 -28.85 14.57 -5.19
C LYS D 48 -27.65 13.65 -4.90
N ASN D 49 -26.43 14.10 -5.27
CA ASN D 49 -25.16 13.42 -5.06
C ASN D 49 -24.83 13.48 -3.57
N LYS D 50 -24.64 12.30 -2.94
CA LYS D 50 -24.34 12.14 -1.52
C LYS D 50 -23.11 12.94 -1.08
N ASN D 51 -22.05 12.96 -1.92
CA ASN D 51 -20.79 13.68 -1.68
C ASN D 51 -21.00 15.19 -1.68
N ILE D 52 -21.78 15.71 -2.67
CA ILE D 52 -22.10 17.14 -2.81
C ILE D 52 -22.97 17.61 -1.64
N ASP D 53 -23.92 16.74 -1.21
CA ASP D 53 -24.80 17.01 -0.07
C ASP D 53 -24.01 17.01 1.26
N ASN D 54 -23.05 16.07 1.39
CA ASN D 54 -22.16 15.92 2.56
C ASN D 54 -21.32 17.18 2.77
N PHE D 55 -20.78 17.73 1.68
CA PHE D 55 -19.94 18.93 1.70
C PHE D 55 -20.75 20.17 2.05
N LEU D 56 -21.89 20.37 1.34
CA LEU D 56 -22.77 21.53 1.54
C LEU D 56 -23.35 21.60 2.95
N SER D 57 -23.79 20.47 3.51
CA SER D 57 -24.34 20.43 4.87
C SER D 57 -23.28 20.82 5.92
N ARG D 58 -22.01 20.53 5.61
CA ARG D 58 -20.86 20.76 6.46
C ARG D 58 -20.23 22.16 6.32
N TYR D 59 -20.36 22.80 5.14
CA TYR D 59 -19.73 24.09 4.87
C TYR D 59 -20.65 25.26 4.48
N LYS D 60 -21.94 25.02 4.16
CA LYS D 60 -22.88 26.08 3.72
C LYS D 60 -23.03 27.21 4.76
N ASP D 61 -23.26 26.84 6.02
CA ASP D 61 -23.47 27.77 7.13
C ASP D 61 -22.25 28.63 7.45
N THR D 62 -21.05 28.02 7.52
CA THR D 62 -19.80 28.73 7.82
C THR D 62 -19.40 29.66 6.67
N ILE D 63 -19.67 29.26 5.40
CA ILE D 63 -19.36 30.07 4.23
C ILE D 63 -20.25 31.31 4.20
N ASN D 64 -21.52 31.18 4.64
CA ASN D 64 -22.48 32.28 4.74
C ASN D 64 -22.00 33.30 5.79
N LYS D 65 -21.41 32.77 6.88
CA LYS D 65 -20.82 33.55 7.99
C LYS D 65 -19.62 34.34 7.45
N ILE D 66 -18.77 33.69 6.63
CA ILE D 66 -17.59 34.28 6.01
C ILE D 66 -17.99 35.37 5.01
N ARG D 67 -19.02 35.12 4.18
CA ARG D 67 -19.56 36.06 3.18
C ARG D 67 -19.99 37.40 3.80
N ASP D 68 -20.57 37.32 5.01
CA ASP D 68 -21.03 38.46 5.80
C ASP D 68 -19.86 39.21 6.41
N LEU D 69 -18.83 38.48 6.87
CA LEU D 69 -17.60 39.03 7.47
C LEU D 69 -16.71 39.71 6.44
N ARG D 70 -16.45 39.02 5.31
CA ARG D 70 -15.63 39.49 4.19
C ARG D 70 -16.25 40.70 3.50
N MET D 71 -15.41 41.45 2.75
CA MET D 71 -15.83 42.64 2.03
C MET D 71 -16.87 42.29 0.96
N LYS D 72 -17.93 43.09 0.91
CA LYS D 72 -19.05 42.93 -0.02
C LYS D 72 -19.47 44.29 -0.63
N ALA D 73 -20.22 44.24 -1.74
CA ALA D 73 -20.71 45.43 -2.45
C ALA D 73 -21.59 46.31 -1.57
N GLU D 74 -22.28 45.69 -0.57
CA GLU D 74 -23.16 46.35 0.40
C GLU D 74 -22.41 47.35 1.28
N ASP D 75 -21.10 47.11 1.51
CA ASP D 75 -20.23 47.96 2.33
C ASP D 75 -19.95 49.34 1.68
N TYR D 76 -20.23 49.47 0.37
CA TYR D 76 -19.98 50.70 -0.39
C TYR D 76 -21.24 51.38 -0.89
N GLU D 77 -21.30 52.72 -0.69
CA GLU D 77 -22.40 53.59 -1.12
C GLU D 77 -21.97 54.19 -2.47
N VAL D 78 -22.70 53.85 -3.54
CA VAL D 78 -22.39 54.36 -4.88
C VAL D 78 -22.87 55.82 -5.06
N VAL D 79 -21.93 56.74 -5.34
CA VAL D 79 -22.15 58.16 -5.56
C VAL D 79 -22.73 58.36 -6.97
N LYS D 80 -21.98 57.95 -8.02
CA LYS D 80 -22.37 57.99 -9.44
C LYS D 80 -21.42 57.17 -10.34
N VAL D 81 -21.94 56.72 -11.50
CA VAL D 81 -21.18 55.98 -12.50
C VAL D 81 -20.31 56.99 -13.28
N ILE D 82 -18.97 56.82 -13.19
CA ILE D 82 -18.01 57.74 -13.83
C ILE D 82 -17.42 57.18 -15.14
N GLY D 83 -17.55 55.88 -15.34
CA GLY D 83 -17.03 55.20 -16.52
C GLY D 83 -17.75 53.92 -16.85
N ARG D 84 -17.58 53.43 -18.07
CA ARG D 84 -18.19 52.18 -18.55
C ARG D 84 -17.32 51.54 -19.62
N GLY D 85 -17.02 50.26 -19.43
CA GLY D 85 -16.24 49.45 -20.35
C GLY D 85 -17.09 48.37 -20.99
N ALA D 86 -16.43 47.39 -21.61
CA ALA D 86 -17.09 46.30 -22.29
C ALA D 86 -17.80 45.32 -21.35
N PHE D 87 -17.15 44.93 -20.23
CA PHE D 87 -17.70 43.97 -19.27
C PHE D 87 -18.14 44.58 -17.93
N GLY D 88 -18.18 45.90 -17.84
CA GLY D 88 -18.61 46.54 -16.61
C GLY D 88 -18.61 48.05 -16.62
N GLU D 89 -18.62 48.62 -15.42
CA GLU D 89 -18.66 50.05 -15.18
C GLU D 89 -17.80 50.47 -13.99
N VAL D 90 -17.27 51.70 -14.04
CA VAL D 90 -16.48 52.30 -12.97
C VAL D 90 -17.37 53.31 -12.29
N GLN D 91 -17.58 53.15 -10.99
CA GLN D 91 -18.43 54.04 -10.21
C GLN D 91 -17.71 54.62 -9.00
N LEU D 92 -17.96 55.91 -8.72
CA LEU D 92 -17.40 56.60 -7.57
C LEU D 92 -18.15 56.09 -6.33
N VAL D 93 -17.41 55.52 -5.37
CA VAL D 93 -18.02 54.96 -4.15
C VAL D 93 -17.43 55.55 -2.88
N ARG D 94 -18.20 55.44 -1.79
CA ARG D 94 -17.79 55.85 -0.46
C ARG D 94 -18.02 54.64 0.44
N HIS D 95 -16.95 54.18 1.13
CA HIS D 95 -17.07 53.06 2.04
C HIS D 95 -17.96 53.51 3.22
N LYS D 96 -19.05 52.78 3.49
CA LYS D 96 -20.04 53.10 4.53
C LYS D 96 -19.45 53.30 5.94
N SER D 97 -18.51 52.41 6.35
CA SER D 97 -17.88 52.45 7.67
C SER D 97 -16.78 53.50 7.78
N THR D 98 -15.72 53.39 6.95
CA THR D 98 -14.55 54.28 6.98
C THR D 98 -14.81 55.67 6.39
N ARG D 99 -15.85 55.80 5.55
CA ARG D 99 -16.26 57.02 4.84
C ARG D 99 -15.21 57.48 3.79
N LYS D 100 -14.28 56.58 3.44
CA LYS D 100 -13.23 56.83 2.46
C LYS D 100 -13.79 56.73 1.04
N VAL D 101 -13.38 57.69 0.18
CA VAL D 101 -13.83 57.79 -1.21
C VAL D 101 -12.88 57.03 -2.15
N TYR D 102 -13.47 56.13 -2.95
CA TYR D 102 -12.75 55.29 -3.92
C TYR D 102 -13.46 55.28 -5.27
N ALA D 103 -12.83 54.63 -6.27
CA ALA D 103 -13.36 54.40 -7.60
C ALA D 103 -13.46 52.87 -7.71
N MET D 104 -14.69 52.35 -7.82
CA MET D 104 -14.93 50.90 -7.88
C MET D 104 -15.24 50.42 -9.30
N LYS D 105 -14.46 49.44 -9.78
CA LYS D 105 -14.62 48.85 -11.10
C LYS D 105 -15.35 47.53 -10.93
N LEU D 106 -16.46 47.35 -11.65
CA LEU D 106 -17.27 46.14 -11.65
C LEU D 106 -17.03 45.36 -12.93
N LEU D 107 -16.99 44.03 -12.84
CA LEU D 107 -16.81 43.19 -14.02
C LEU D 107 -17.81 42.06 -13.98
N SER D 108 -18.76 42.05 -14.94
CA SER D 108 -19.84 41.07 -15.05
C SER D 108 -19.33 39.68 -15.33
N LYS D 109 -19.50 38.76 -14.35
CA LYS D 109 -19.10 37.35 -14.47
C LYS D 109 -19.91 36.67 -15.57
N PHE D 110 -21.19 37.05 -15.72
CA PHE D 110 -22.07 36.51 -16.75
C PHE D 110 -21.52 36.83 -18.14
N GLU D 111 -21.24 38.13 -18.40
CA GLU D 111 -20.70 38.61 -19.67
C GLU D 111 -19.36 37.98 -19.99
N MET D 112 -18.51 37.81 -18.95
CA MET D 112 -17.19 37.20 -19.06
C MET D 112 -17.28 35.73 -19.46
N ILE D 113 -18.23 34.97 -18.85
CA ILE D 113 -18.49 33.55 -19.12
C ILE D 113 -19.14 33.37 -20.51
N LYS D 114 -20.13 34.24 -20.85
CA LYS D 114 -20.86 34.25 -22.14
C LYS D 114 -19.88 34.21 -23.33
N ARG D 115 -18.84 35.08 -23.30
CA ARG D 115 -17.78 35.15 -24.31
C ARG D 115 -16.78 34.02 -23.99
N SER D 116 -15.59 34.39 -23.47
CA SER D 116 -14.51 33.48 -23.05
C SER D 116 -13.48 34.22 -22.21
N ASP D 117 -13.56 35.58 -22.21
CA ASP D 117 -12.68 36.47 -21.46
C ASP D 117 -12.84 36.24 -19.95
N SER D 118 -11.89 35.52 -19.35
CA SER D 118 -11.87 35.20 -17.92
C SER D 118 -10.42 35.15 -17.41
N ALA D 119 -9.51 35.89 -18.09
CA ALA D 119 -8.09 35.93 -17.77
C ALA D 119 -7.42 37.32 -17.86
N PHE D 120 -8.08 38.26 -18.56
CA PHE D 120 -7.58 39.62 -18.79
C PHE D 120 -7.37 40.46 -17.49
N PHE D 121 -8.26 40.28 -16.51
CA PHE D 121 -8.24 41.00 -15.23
C PHE D 121 -7.08 40.66 -14.30
N TRP D 122 -6.45 39.47 -14.46
CA TRP D 122 -5.33 39.02 -13.62
C TRP D 122 -4.13 39.96 -13.63
N GLU D 123 -3.75 40.47 -14.82
CA GLU D 123 -2.63 41.39 -14.99
C GLU D 123 -2.94 42.72 -14.32
N GLU D 124 -4.15 43.30 -14.58
CA GLU D 124 -4.61 44.57 -13.99
C GLU D 124 -4.60 44.49 -12.47
N ARG D 125 -5.09 43.38 -11.89
CA ARG D 125 -5.12 43.13 -10.45
C ARG D 125 -3.69 43.14 -9.89
N ASP D 126 -2.79 42.37 -10.51
CA ASP D 126 -1.39 42.24 -10.12
C ASP D 126 -0.63 43.57 -10.20
N ILE D 127 -0.77 44.29 -11.33
CA ILE D 127 -0.11 45.58 -11.55
C ILE D 127 -0.55 46.60 -10.51
N MET D 128 -1.85 46.93 -10.46
CA MET D 128 -2.44 47.91 -9.55
C MET D 128 -2.18 47.64 -8.06
N ALA D 129 -2.25 46.36 -7.66
CA ALA D 129 -2.06 45.98 -6.26
C ALA D 129 -0.63 45.94 -5.79
N PHE D 130 0.33 45.58 -6.68
CA PHE D 130 1.73 45.43 -6.28
C PHE D 130 2.72 46.37 -6.96
N ALA D 131 2.23 47.43 -7.62
CA ALA D 131 3.11 48.38 -8.28
C ALA D 131 3.90 49.24 -7.31
N ASN D 132 3.21 49.87 -6.32
CA ASN D 132 3.79 50.78 -5.32
C ASN D 132 4.56 51.92 -6.03
N SER D 133 3.92 52.49 -7.07
CA SER D 133 4.46 53.56 -7.89
C SER D 133 3.45 54.71 -8.01
N PRO D 134 3.93 55.98 -7.99
CA PRO D 134 2.99 57.10 -8.14
C PRO D 134 2.48 57.26 -9.58
N TRP D 135 2.85 56.32 -10.47
CA TRP D 135 2.47 56.33 -11.87
C TRP D 135 1.35 55.31 -12.18
N VAL D 136 1.04 54.45 -11.21
CA VAL D 136 0.02 53.42 -11.34
C VAL D 136 -1.10 53.67 -10.33
N VAL D 137 -2.36 53.62 -10.80
CA VAL D 137 -3.57 53.77 -9.96
C VAL D 137 -3.56 52.58 -8.99
N GLN D 138 -3.51 52.87 -7.68
CA GLN D 138 -3.43 51.86 -6.63
C GLN D 138 -4.73 51.11 -6.40
N LEU D 139 -4.64 49.78 -6.20
CA LEU D 139 -5.76 48.91 -5.88
C LEU D 139 -5.65 48.60 -4.39
N PHE D 140 -6.63 49.07 -3.61
CA PHE D 140 -6.64 48.85 -2.17
C PHE D 140 -7.32 47.52 -1.82
N TYR D 141 -8.45 47.20 -2.47
CA TYR D 141 -9.17 45.96 -2.21
C TYR D 141 -9.75 45.36 -3.48
N ALA D 142 -9.70 44.03 -3.57
CA ALA D 142 -10.29 43.26 -4.67
C ALA D 142 -11.20 42.19 -4.05
N PHE D 143 -12.46 42.17 -4.46
CA PHE D 143 -13.43 41.20 -3.93
C PHE D 143 -14.40 40.74 -5.01
N GLN D 144 -15.25 39.76 -4.67
CA GLN D 144 -16.18 39.18 -5.63
C GLN D 144 -17.41 38.54 -4.98
N ASP D 145 -18.49 38.41 -5.76
CA ASP D 145 -19.71 37.70 -5.39
C ASP D 145 -20.05 36.79 -6.58
N ASP D 146 -21.23 36.16 -6.59
CA ASP D 146 -21.62 35.27 -7.68
C ASP D 146 -21.83 35.97 -9.03
N ARG D 147 -22.02 37.32 -9.01
CA ARG D 147 -22.31 38.09 -10.22
C ARG D 147 -21.16 38.98 -10.72
N TYR D 148 -20.36 39.58 -9.82
CA TYR D 148 -19.30 40.51 -10.23
C TYR D 148 -17.94 40.33 -9.58
N LEU D 149 -16.94 40.99 -10.18
CA LEU D 149 -15.56 41.13 -9.71
C LEU D 149 -15.43 42.63 -9.39
N TYR D 150 -15.05 42.96 -8.15
CA TYR D 150 -14.93 44.34 -7.71
C TYR D 150 -13.50 44.76 -7.48
N MET D 151 -13.14 45.93 -7.99
CA MET D 151 -11.81 46.51 -7.85
C MET D 151 -11.91 47.88 -7.20
N VAL D 152 -11.59 47.95 -5.89
CA VAL D 152 -11.61 49.18 -5.12
C VAL D 152 -10.25 49.88 -5.31
N MET D 153 -10.23 50.90 -6.19
CA MET D 153 -9.03 51.65 -6.56
C MET D 153 -9.12 53.11 -6.10
N GLU D 154 -7.98 53.84 -6.19
CA GLU D 154 -7.95 55.26 -5.84
C GLU D 154 -8.65 56.09 -6.90
N TYR D 155 -9.46 57.06 -6.46
CA TYR D 155 -10.19 57.93 -7.36
C TYR D 155 -9.26 58.99 -7.97
N MET D 156 -9.41 59.19 -9.29
CA MET D 156 -8.63 60.17 -10.08
C MET D 156 -9.54 61.36 -10.39
N PRO D 157 -9.56 62.43 -9.54
CA PRO D 157 -10.53 63.52 -9.75
C PRO D 157 -10.30 64.40 -10.98
N GLY D 158 -9.10 64.38 -11.53
CA GLY D 158 -8.74 65.17 -12.71
C GLY D 158 -9.22 64.63 -14.04
N GLY D 159 -9.80 63.43 -14.02
CA GLY D 159 -10.32 62.76 -15.20
C GLY D 159 -9.25 62.23 -16.13
N ASP D 160 -9.63 61.92 -17.39
CA ASP D 160 -8.70 61.38 -18.39
C ASP D 160 -8.17 62.46 -19.35
N LEU D 161 -7.13 62.11 -20.14
CA LEU D 161 -6.49 63.00 -21.11
C LEU D 161 -7.37 63.28 -22.33
N VAL D 162 -8.38 62.40 -22.60
CA VAL D 162 -9.36 62.54 -23.68
C VAL D 162 -10.19 63.80 -23.37
N ASN D 163 -10.67 63.92 -22.11
CA ASN D 163 -11.46 65.04 -21.61
C ASN D 163 -10.64 66.33 -21.66
N LEU D 164 -9.34 66.26 -21.28
CA LEU D 164 -8.42 67.40 -21.30
C LEU D 164 -8.18 67.93 -22.73
N MET D 165 -7.91 67.02 -23.68
CA MET D 165 -7.66 67.35 -25.08
C MET D 165 -8.89 67.94 -25.78
N SER D 166 -10.10 67.57 -25.31
CA SER D 166 -11.36 68.08 -25.86
C SER D 166 -11.72 69.43 -25.22
N ASN D 167 -11.35 69.63 -23.95
CA ASN D 167 -11.62 70.84 -23.19
C ASN D 167 -10.53 71.93 -23.31
N TYR D 168 -9.34 71.58 -23.87
CA TYR D 168 -8.23 72.53 -24.02
C TYR D 168 -7.49 72.36 -25.34
N ASP D 169 -6.94 73.47 -25.88
CA ASP D 169 -6.09 73.44 -27.07
C ASP D 169 -4.67 73.36 -26.49
N VAL D 170 -4.23 72.12 -26.22
CA VAL D 170 -2.96 71.75 -25.59
C VAL D 170 -1.72 72.37 -26.30
N PRO D 171 -1.02 73.33 -25.64
CA PRO D 171 0.20 73.88 -26.23
C PRO D 171 1.37 72.91 -26.05
N GLU D 172 2.52 73.20 -26.67
CA GLU D 172 3.72 72.36 -26.59
C GLU D 172 4.30 72.24 -25.17
N LYS D 173 4.14 73.29 -24.34
CA LYS D 173 4.61 73.36 -22.95
C LYS D 173 3.94 72.27 -22.11
N TRP D 174 2.62 72.03 -22.36
CA TRP D 174 1.79 71.03 -21.70
C TRP D 174 2.08 69.67 -22.28
N ALA D 175 2.09 69.58 -23.63
CA ALA D 175 2.35 68.35 -24.38
C ALA D 175 3.67 67.69 -23.97
N ARG D 176 4.70 68.52 -23.63
CA ARG D 176 6.01 68.07 -23.18
C ARG D 176 5.90 67.38 -21.82
N PHE D 177 5.09 67.95 -20.93
CA PHE D 177 4.84 67.46 -19.57
C PHE D 177 4.13 66.10 -19.59
N TYR D 178 2.94 66.03 -20.23
CA TYR D 178 2.13 64.82 -20.30
C TYR D 178 2.81 63.66 -21.05
N THR D 179 3.63 63.95 -22.08
CA THR D 179 4.37 62.92 -22.81
C THR D 179 5.44 62.31 -21.90
N ALA D 180 6.20 63.16 -21.18
CA ALA D 180 7.26 62.76 -20.26
C ALA D 180 6.73 61.94 -19.09
N GLU D 181 5.52 62.28 -18.58
CA GLU D 181 4.87 61.58 -17.49
C GLU D 181 4.43 60.17 -17.92
N VAL D 182 4.02 60.03 -19.20
CA VAL D 182 3.64 58.75 -19.83
C VAL D 182 4.90 57.87 -19.96
N VAL D 183 6.04 58.49 -20.33
CA VAL D 183 7.34 57.82 -20.49
C VAL D 183 7.79 57.20 -19.16
N LEU D 184 7.78 58.00 -18.06
CA LEU D 184 8.16 57.54 -16.73
C LEU D 184 7.19 56.47 -16.22
N ALA D 185 5.88 56.64 -16.54
CA ALA D 185 4.82 55.71 -16.17
C ALA D 185 4.98 54.36 -16.86
N LEU D 186 5.28 54.38 -18.17
CA LEU D 186 5.49 53.17 -18.96
C LEU D 186 6.76 52.43 -18.57
N ASP D 187 7.84 53.18 -18.22
CA ASP D 187 9.11 52.62 -17.77
C ASP D 187 8.93 51.82 -16.47
N ALA D 188 8.01 52.29 -15.60
CA ALA D 188 7.66 51.63 -14.34
C ALA D 188 6.97 50.29 -14.63
N ILE D 189 6.09 50.25 -15.67
CA ILE D 189 5.36 49.07 -16.12
C ILE D 189 6.35 48.07 -16.73
N HIS D 190 7.33 48.59 -17.50
CA HIS D 190 8.36 47.78 -18.14
C HIS D 190 9.30 47.17 -17.09
N SER D 191 9.68 47.96 -16.06
CA SER D 191 10.54 47.49 -14.97
C SER D 191 9.86 46.41 -14.11
N MET D 192 8.51 46.37 -14.15
CA MET D 192 7.70 45.36 -13.46
C MET D 192 7.60 44.09 -14.31
N GLY D 193 8.07 44.17 -15.56
CA GLY D 193 8.07 43.08 -16.52
C GLY D 193 6.77 42.94 -17.28
N PHE D 194 6.11 44.07 -17.60
CA PHE D 194 4.84 44.09 -18.33
C PHE D 194 4.85 45.03 -19.52
N ILE D 195 4.10 44.67 -20.57
CA ILE D 195 3.90 45.47 -21.78
C ILE D 195 2.44 45.94 -21.74
N HIS D 196 2.20 47.25 -21.91
CA HIS D 196 0.84 47.81 -21.88
C HIS D 196 -0.02 47.37 -23.06
N ARG D 197 0.56 47.35 -24.28
CA ARG D 197 -0.03 46.98 -25.58
C ARG D 197 -1.24 47.85 -26.02
N ASP D 198 -1.71 48.78 -25.16
CA ASP D 198 -2.83 49.66 -25.47
C ASP D 198 -2.71 51.02 -24.76
N VAL D 199 -1.62 51.74 -25.05
CA VAL D 199 -1.40 53.06 -24.45
C VAL D 199 -2.24 54.08 -25.22
N LYS D 200 -3.19 54.72 -24.54
CA LYS D 200 -4.13 55.70 -25.11
C LYS D 200 -4.60 56.72 -24.06
N PRO D 201 -4.98 57.97 -24.45
CA PRO D 201 -5.41 58.96 -23.45
C PRO D 201 -6.59 58.54 -22.56
N ASP D 202 -7.35 57.51 -22.96
CA ASP D 202 -8.47 56.93 -22.23
C ASP D 202 -7.98 56.25 -20.94
N ASN D 203 -6.73 55.73 -20.98
CA ASN D 203 -6.03 55.02 -19.90
C ASN D 203 -5.18 55.95 -19.03
N MET D 204 -4.90 57.16 -19.52
CA MET D 204 -4.13 58.17 -18.79
C MET D 204 -5.08 58.97 -17.94
N LEU D 205 -4.97 58.84 -16.61
CA LEU D 205 -5.84 59.51 -15.64
C LEU D 205 -5.04 60.51 -14.80
N LEU D 206 -5.69 61.60 -14.35
CA LEU D 206 -5.04 62.67 -13.56
C LEU D 206 -5.59 62.73 -12.14
N ASP D 207 -4.69 62.91 -11.14
CA ASP D 207 -5.06 62.98 -9.72
C ASP D 207 -5.55 64.38 -9.31
N LYS D 208 -5.70 64.64 -7.99
CA LYS D 208 -6.11 65.94 -7.45
C LYS D 208 -5.09 67.04 -7.76
N SER D 209 -3.81 66.65 -7.91
CA SER D 209 -2.67 67.54 -8.19
C SER D 209 -2.62 67.89 -9.68
N GLY D 210 -3.15 67.00 -10.52
CA GLY D 210 -3.17 67.15 -11.97
C GLY D 210 -2.07 66.37 -12.67
N HIS D 211 -1.47 65.41 -11.95
CA HIS D 211 -0.40 64.54 -12.45
C HIS D 211 -0.92 63.20 -12.96
N LEU D 212 -0.29 62.71 -14.04
CA LEU D 212 -0.64 61.47 -14.75
C LEU D 212 -0.41 60.20 -13.95
N LYS D 213 -1.27 59.18 -14.22
CA LYS D 213 -1.27 57.84 -13.65
C LYS D 213 -1.96 56.91 -14.66
N LEU D 214 -1.34 55.76 -14.97
CA LEU D 214 -1.94 54.79 -15.89
C LEU D 214 -3.05 54.02 -15.14
N ALA D 215 -4.20 53.82 -15.79
CA ALA D 215 -5.36 53.17 -15.15
C ALA D 215 -5.74 51.79 -15.72
N ASP D 216 -6.25 51.70 -16.95
CA ASP D 216 -6.67 50.40 -17.49
C ASP D 216 -5.45 49.59 -17.93
N PHE D 217 -5.35 48.33 -17.46
CA PHE D 217 -4.26 47.42 -17.80
C PHE D 217 -4.81 46.10 -18.37
N GLY D 218 -5.91 46.20 -19.10
CA GLY D 218 -6.61 45.07 -19.71
C GLY D 218 -5.79 44.22 -20.66
N THR D 219 -5.07 44.86 -21.60
CA THR D 219 -4.26 44.15 -22.60
C THR D 219 -2.77 44.03 -22.17
N CYS D 220 -2.50 43.87 -20.87
CA CYS D 220 -1.14 43.73 -20.37
C CYS D 220 -0.64 42.30 -20.50
N MET D 221 0.65 42.14 -20.80
CA MET D 221 1.26 40.82 -20.93
C MET D 221 2.63 40.80 -20.30
N LYS D 222 2.88 39.81 -19.43
CA LYS D 222 4.16 39.63 -18.76
C LYS D 222 5.25 39.22 -19.74
N MET D 223 6.44 39.79 -19.57
CA MET D 223 7.63 39.54 -20.39
C MET D 223 8.37 38.27 -19.91
N ASN D 224 9.68 38.17 -20.24
CA ASN D 224 10.56 37.06 -19.86
C ASN D 224 11.94 37.60 -19.44
N LYS D 225 12.93 36.70 -19.25
CA LYS D 225 14.31 37.03 -18.83
C LYS D 225 15.06 37.96 -19.82
N GLU D 226 14.52 38.14 -21.05
CA GLU D 226 15.08 39.03 -22.08
C GLU D 226 14.25 40.30 -22.28
N GLY D 227 12.92 40.18 -22.11
CA GLY D 227 11.98 41.28 -22.23
C GLY D 227 11.15 41.28 -23.50
N MET D 228 10.71 40.07 -23.94
CA MET D 228 9.91 39.89 -25.16
C MET D 228 8.60 39.14 -24.86
N VAL D 229 7.64 39.19 -25.81
CA VAL D 229 6.35 38.50 -25.73
C VAL D 229 6.01 37.79 -27.05
N ARG D 230 5.41 36.60 -26.95
CA ARG D 230 4.99 35.80 -28.10
C ARG D 230 3.46 35.91 -28.18
N CYS D 231 2.95 36.55 -29.26
CA CYS D 231 1.51 36.77 -29.40
C CYS D 231 1.00 36.61 -30.82
N ASP D 232 -0.11 35.86 -30.97
CA ASP D 232 -0.79 35.63 -32.24
C ASP D 232 -1.88 36.71 -32.40
N THR D 233 -2.77 36.83 -31.39
CA THR D 233 -3.88 37.79 -31.38
C THR D 233 -3.39 39.23 -31.23
N ALA D 234 -3.87 40.12 -32.13
CA ALA D 234 -3.59 41.55 -32.10
C ALA D 234 -4.49 42.20 -31.02
N VAL D 235 -3.92 43.10 -30.19
CA VAL D 235 -4.64 43.78 -29.10
C VAL D 235 -4.38 45.29 -29.08
N GLY D 236 -5.36 46.05 -28.59
CA GLY D 236 -5.27 47.49 -28.44
C GLY D 236 -6.43 48.28 -29.02
N THR D 237 -6.12 49.53 -29.45
CA THR D 237 -7.04 50.51 -30.07
C THR D 237 -6.58 50.67 -31.55
N PRO D 238 -7.50 50.77 -32.56
CA PRO D 238 -7.03 50.82 -33.94
C PRO D 238 -6.18 52.05 -34.30
N ASP D 239 -6.24 53.14 -33.53
CA ASP D 239 -5.43 54.33 -33.82
C ASP D 239 -4.04 54.26 -33.20
N TYR D 240 -3.93 53.65 -32.02
CA TYR D 240 -2.68 53.62 -31.27
C TYR D 240 -1.86 52.34 -31.44
N ILE D 241 -2.39 51.33 -32.17
CA ILE D 241 -1.73 50.05 -32.43
C ILE D 241 -0.48 50.22 -33.32
N SER D 242 0.61 49.51 -32.98
CA SER D 242 1.87 49.51 -33.71
C SER D 242 1.85 48.48 -34.84
N PRO D 243 2.64 48.65 -35.94
CA PRO D 243 2.60 47.69 -37.05
C PRO D 243 2.95 46.25 -36.68
N GLU D 244 3.86 46.05 -35.71
CA GLU D 244 4.30 44.72 -35.25
C GLU D 244 3.20 43.95 -34.50
N VAL D 245 2.31 44.68 -33.78
CA VAL D 245 1.21 44.09 -33.00
C VAL D 245 0.11 43.58 -33.93
N LEU D 246 -0.20 44.32 -35.03
CA LEU D 246 -1.20 43.87 -35.99
C LEU D 246 -0.58 42.96 -37.08
N LYS D 247 0.76 43.02 -37.24
CA LYS D 247 1.54 42.19 -38.17
C LYS D 247 1.73 40.80 -37.54
N SER D 248 1.63 40.73 -36.19
CA SER D 248 1.72 39.49 -35.41
C SER D 248 0.47 38.61 -35.59
N GLN D 249 -0.58 39.17 -36.22
CA GLN D 249 -1.83 38.46 -36.50
C GLN D 249 -1.59 37.30 -37.49
N GLY D 250 -1.24 36.16 -36.92
CA GLY D 250 -0.90 34.94 -37.64
C GLY D 250 0.58 34.87 -37.97
N GLY D 251 1.21 33.73 -37.64
CA GLY D 251 2.61 33.45 -37.90
C GLY D 251 3.59 34.20 -37.02
N ASP D 252 3.74 35.53 -37.27
CA ASP D 252 4.61 36.44 -36.53
C ASP D 252 4.11 36.60 -35.08
N GLY D 253 4.98 37.08 -34.20
CA GLY D 253 4.64 37.28 -32.80
C GLY D 253 5.85 37.25 -31.88
N TYR D 254 6.69 38.27 -31.98
CA TYR D 254 7.89 38.42 -31.17
C TYR D 254 8.25 39.89 -31.09
N TYR D 255 7.66 40.60 -30.13
CA TYR D 255 7.87 42.02 -29.93
C TYR D 255 8.15 42.38 -28.47
N GLY D 256 8.98 43.40 -28.29
CA GLY D 256 9.37 43.87 -26.97
C GLY D 256 8.55 45.04 -26.48
N ARG D 257 9.19 45.94 -25.70
CA ARG D 257 8.57 47.13 -25.11
C ARG D 257 8.45 48.30 -26.11
N GLU D 258 9.12 48.19 -27.27
CA GLU D 258 9.15 49.22 -28.32
C GLU D 258 7.76 49.51 -28.94
N CYS D 259 6.80 48.56 -28.83
CA CYS D 259 5.44 48.74 -29.34
C CYS D 259 4.66 49.79 -28.54
N ASP D 260 4.99 49.94 -27.23
CA ASP D 260 4.36 50.93 -26.34
C ASP D 260 4.86 52.32 -26.65
N TRP D 261 6.12 52.44 -27.13
CA TRP D 261 6.72 53.73 -27.49
C TRP D 261 6.11 54.31 -28.77
N TRP D 262 5.60 53.44 -29.66
CA TRP D 262 4.91 53.84 -30.90
C TRP D 262 3.66 54.64 -30.49
N SER D 263 2.88 54.09 -29.55
CA SER D 263 1.65 54.69 -29.00
C SER D 263 1.89 56.05 -28.34
N VAL D 264 3.11 56.29 -27.81
CA VAL D 264 3.52 57.54 -27.18
C VAL D 264 3.58 58.63 -28.27
N GLY D 265 4.13 58.26 -29.43
CA GLY D 265 4.25 59.14 -30.60
C GLY D 265 2.90 59.49 -31.18
N VAL D 266 1.96 58.51 -31.16
CA VAL D 266 0.58 58.67 -31.65
C VAL D 266 -0.14 59.66 -30.73
N PHE D 267 0.11 59.53 -29.41
CA PHE D 267 -0.46 60.38 -28.37
C PHE D 267 0.03 61.83 -28.54
N LEU D 268 1.35 62.02 -28.76
CA LEU D 268 1.99 63.33 -28.95
C LEU D 268 1.47 64.05 -30.20
N TYR D 269 1.28 63.31 -31.30
CA TYR D 269 0.77 63.84 -32.57
C TYR D 269 -0.67 64.35 -32.37
N GLU D 270 -1.51 63.53 -31.70
CA GLU D 270 -2.91 63.83 -31.40
C GLU D 270 -3.03 65.07 -30.52
N MET D 271 -2.12 65.20 -29.54
CA MET D 271 -2.06 66.30 -28.58
C MET D 271 -1.80 67.65 -29.24
N LEU D 272 -0.94 67.67 -30.26
CA LEU D 272 -0.51 68.89 -30.95
C LEU D 272 -1.31 69.22 -32.22
N VAL D 273 -1.70 68.20 -33.00
CA VAL D 273 -2.44 68.37 -34.25
C VAL D 273 -3.97 68.46 -33.99
N GLY D 274 -4.50 67.55 -33.19
CA GLY D 274 -5.92 67.49 -32.86
C GLY D 274 -6.56 66.19 -33.32
N ASP D 275 -5.96 65.57 -34.35
CA ASP D 275 -6.38 64.31 -34.95
C ASP D 275 -5.26 63.29 -34.79
N THR D 276 -5.60 61.99 -34.81
CA THR D 276 -4.62 60.90 -34.73
C THR D 276 -3.82 60.83 -36.04
N PRO D 277 -2.51 60.45 -36.04
CA PRO D 277 -1.74 60.43 -37.30
C PRO D 277 -2.29 59.52 -38.40
N PHE D 278 -2.98 58.44 -38.02
CA PHE D 278 -3.54 57.51 -38.99
C PHE D 278 -5.06 57.49 -38.95
N TYR D 279 -5.68 58.66 -38.63
CA TYR D 279 -7.13 58.81 -38.61
C TYR D 279 -7.74 58.62 -40.00
N ALA D 280 -8.73 57.74 -40.08
CA ALA D 280 -9.44 57.43 -41.31
C ALA D 280 -10.94 57.39 -41.04
N ASP D 281 -11.74 57.92 -41.97
CA ASP D 281 -13.21 57.99 -41.91
C ASP D 281 -13.84 56.60 -41.78
N SER D 282 -13.14 55.57 -42.29
CA SER D 282 -13.48 54.16 -42.18
C SER D 282 -12.43 53.52 -41.23
N LEU D 283 -12.87 52.70 -40.28
CA LEU D 283 -11.97 52.09 -39.30
C LEU D 283 -10.96 51.11 -39.93
N VAL D 284 -11.33 50.48 -41.07
CA VAL D 284 -10.46 49.56 -41.79
C VAL D 284 -9.31 50.34 -42.49
N GLY D 285 -9.59 51.58 -42.86
CA GLY D 285 -8.65 52.49 -43.49
C GLY D 285 -7.46 52.83 -42.61
N THR D 286 -7.69 52.84 -41.28
CA THR D 286 -6.69 53.11 -40.25
C THR D 286 -5.60 52.02 -40.22
N TYR D 287 -5.99 50.71 -40.27
CA TYR D 287 -5.01 49.60 -40.26
C TYR D 287 -4.04 49.71 -41.45
N SER D 288 -4.56 49.99 -42.65
CA SER D 288 -3.75 50.13 -43.86
C SER D 288 -2.79 51.33 -43.77
N LYS D 289 -3.24 52.41 -43.09
CA LYS D 289 -2.46 53.64 -42.89
C LYS D 289 -1.27 53.39 -41.96
N ILE D 290 -1.47 52.60 -40.88
CA ILE D 290 -0.43 52.23 -39.91
C ILE D 290 0.67 51.41 -40.60
N MET D 291 0.29 50.41 -41.40
CA MET D 291 1.21 49.55 -42.16
C MET D 291 2.04 50.32 -43.19
N ASN D 292 1.52 51.46 -43.67
CA ASN D 292 2.20 52.33 -44.63
C ASN D 292 2.55 53.70 -44.01
N HIS D 293 3.07 53.67 -42.76
CA HIS D 293 3.46 54.86 -41.98
C HIS D 293 4.54 55.72 -42.63
N LYS D 294 5.34 55.12 -43.54
CA LYS D 294 6.41 55.79 -44.29
C LYS D 294 5.83 56.81 -45.28
N ASN D 295 4.57 56.59 -45.73
CA ASN D 295 3.88 57.46 -46.69
C ASN D 295 2.62 58.13 -46.13
N SER D 296 1.96 57.50 -45.13
CA SER D 296 0.73 58.02 -44.53
C SER D 296 0.95 59.14 -43.52
N LEU D 297 2.08 59.13 -42.78
CA LEU D 297 2.38 60.15 -41.78
C LEU D 297 2.69 61.51 -42.44
N THR D 298 1.71 62.43 -42.33
CA THR D 298 1.80 63.77 -42.91
C THR D 298 1.29 64.84 -41.93
N PHE D 299 2.14 65.85 -41.67
CA PHE D 299 1.81 66.98 -40.82
C PHE D 299 1.03 68.02 -41.66
N PRO D 300 -0.01 68.67 -41.07
CA PRO D 300 -0.86 69.60 -41.85
C PRO D 300 -0.15 70.82 -42.45
N ASP D 301 -0.77 71.43 -43.49
CA ASP D 301 -0.31 72.62 -44.22
C ASP D 301 -0.02 73.79 -43.27
N ASP D 302 -0.85 73.95 -42.22
CA ASP D 302 -0.68 74.97 -41.18
C ASP D 302 0.10 74.34 -40.02
N ASN D 303 1.39 74.70 -39.90
CA ASN D 303 2.28 74.14 -38.89
C ASN D 303 3.04 75.19 -38.08
N ASP D 304 2.68 75.30 -36.81
CA ASP D 304 3.30 76.16 -35.80
C ASP D 304 4.12 75.25 -34.88
N ILE D 305 3.90 73.92 -35.02
CA ILE D 305 4.53 72.82 -34.27
C ILE D 305 6.04 72.79 -34.53
N SER D 306 6.82 72.84 -33.43
CA SER D 306 8.29 72.91 -33.42
C SER D 306 9.00 71.70 -34.04
N LYS D 307 10.19 71.97 -34.60
CA LYS D 307 11.11 71.06 -35.29
C LYS D 307 11.37 69.78 -34.50
N GLU D 308 11.77 69.91 -33.22
CA GLU D 308 12.10 68.79 -32.33
C GLU D 308 10.88 67.95 -31.93
N ALA D 309 9.66 68.54 -31.97
CA ALA D 309 8.43 67.80 -31.65
C ALA D 309 8.14 66.83 -32.78
N LYS D 310 8.22 67.30 -34.06
CA LYS D 310 8.01 66.50 -35.27
C LYS D 310 9.05 65.39 -35.38
N ASN D 311 10.31 65.66 -34.96
CA ASN D 311 11.42 64.73 -34.97
C ASN D 311 11.17 63.55 -34.04
N LEU D 312 10.59 63.82 -32.85
CA LEU D 312 10.25 62.81 -31.84
C LEU D 312 9.15 61.90 -32.36
N ILE D 313 8.09 62.50 -32.94
CA ILE D 313 6.95 61.78 -33.50
C ILE D 313 7.45 60.80 -34.56
N CYS D 314 8.39 61.26 -35.41
CA CYS D 314 8.99 60.43 -36.45
C CYS D 314 10.02 59.44 -35.92
N ALA D 315 10.61 59.71 -34.73
CA ALA D 315 11.57 58.79 -34.11
C ALA D 315 10.84 57.59 -33.50
N PHE D 316 9.58 57.82 -33.05
CA PHE D 316 8.70 56.81 -32.47
C PHE D 316 7.85 56.11 -33.52
N LEU D 317 7.39 56.86 -34.56
CA LEU D 317 6.54 56.33 -35.62
C LEU D 317 7.37 55.77 -36.80
N THR D 318 8.18 54.76 -36.48
CA THR D 318 9.04 54.02 -37.41
C THR D 318 8.91 52.51 -37.14
N ASP D 319 9.92 51.71 -37.54
CA ASP D 319 9.88 50.28 -37.34
C ASP D 319 10.54 49.81 -36.06
N ARG D 320 10.07 48.66 -35.54
CA ARG D 320 10.51 47.91 -34.34
C ARG D 320 12.04 47.89 -34.19
N GLU D 321 12.77 47.92 -35.33
CA GLU D 321 14.23 47.87 -35.39
C GLU D 321 14.93 49.23 -35.32
N VAL D 322 14.31 50.30 -35.88
CA VAL D 322 14.90 51.64 -35.92
C VAL D 322 14.14 52.66 -35.00
N ARG D 323 13.26 52.14 -34.12
CA ARG D 323 12.46 52.94 -33.19
C ARG D 323 13.26 53.45 -32.00
N LEU D 324 12.98 54.71 -31.57
CA LEU D 324 13.62 55.32 -30.40
C LEU D 324 13.06 54.66 -29.14
N GLY D 325 13.92 53.94 -28.44
CA GLY D 325 13.58 53.20 -27.23
C GLY D 325 13.72 51.70 -27.38
N ARG D 326 14.63 51.28 -28.26
CA ARG D 326 14.95 49.87 -28.53
C ARG D 326 16.07 49.39 -27.60
N ASN D 327 17.04 50.30 -27.30
CA ASN D 327 18.20 50.02 -26.45
C ASN D 327 17.96 50.33 -24.96
N GLY D 328 16.97 51.17 -24.68
CA GLY D 328 16.58 51.58 -23.34
C GLY D 328 15.66 52.79 -23.29
N VAL D 329 15.38 53.28 -22.07
CA VAL D 329 14.52 54.44 -21.82
C VAL D 329 15.32 55.78 -21.81
N GLU D 330 16.64 55.70 -21.57
CA GLU D 330 17.57 56.83 -21.51
C GLU D 330 17.69 57.61 -22.82
N GLU D 331 17.59 56.92 -23.97
CA GLU D 331 17.65 57.56 -25.29
C GLU D 331 16.42 58.44 -25.53
N ILE D 332 15.24 58.03 -25.00
CA ILE D 332 13.98 58.77 -25.09
C ILE D 332 14.11 60.05 -24.26
N LYS D 333 14.58 59.92 -23.01
CA LYS D 333 14.77 61.01 -22.06
C LYS D 333 15.76 62.07 -22.54
N ARG D 334 16.80 61.66 -23.30
CA ARG D 334 17.84 62.57 -23.80
C ARG D 334 17.49 63.29 -25.12
N HIS D 335 16.25 63.15 -25.64
CA HIS D 335 15.81 63.83 -26.86
C HIS D 335 15.67 65.33 -26.60
N LEU D 336 16.01 66.15 -27.61
CA LEU D 336 15.97 67.62 -27.57
C LEU D 336 14.59 68.19 -27.20
N PHE D 337 13.50 67.44 -27.48
CA PHE D 337 12.13 67.84 -27.16
C PHE D 337 11.93 67.98 -25.65
N PHE D 338 12.47 67.03 -24.87
CA PHE D 338 12.37 67.02 -23.39
C PHE D 338 13.35 67.99 -22.71
N LYS D 339 14.22 68.66 -23.49
CA LYS D 339 15.15 69.64 -22.96
C LYS D 339 14.37 70.93 -22.70
N ASN D 340 14.10 71.19 -21.42
CA ASN D 340 13.32 72.35 -20.97
C ASN D 340 13.90 72.98 -19.69
N ASP D 341 13.33 74.12 -19.30
CA ASP D 341 13.76 74.90 -18.15
C ASP D 341 12.83 74.74 -16.93
N GLN D 342 11.56 74.38 -17.19
CA GLN D 342 10.48 74.25 -16.20
C GLN D 342 10.61 73.05 -15.28
N TRP D 343 10.97 71.86 -15.80
CA TRP D 343 11.07 70.64 -14.98
C TRP D 343 12.32 69.79 -15.27
N ALA D 344 12.55 68.79 -14.39
CA ALA D 344 13.63 67.79 -14.46
C ALA D 344 13.02 66.39 -14.31
N TRP D 345 13.54 65.41 -15.06
CA TRP D 345 13.08 64.01 -15.09
C TRP D 345 12.89 63.34 -13.73
N GLU D 346 13.82 63.57 -12.78
CA GLU D 346 13.78 62.99 -11.44
C GLU D 346 12.80 63.67 -10.47
N THR D 347 12.44 64.95 -10.73
CA THR D 347 11.52 65.71 -9.86
C THR D 347 10.24 66.19 -10.62
N LEU D 348 9.96 65.60 -11.80
CA LEU D 348 8.82 65.93 -12.66
C LEU D 348 7.45 65.85 -11.96
N ARG D 349 7.22 64.80 -11.16
CA ARG D 349 5.94 64.65 -10.45
C ARG D 349 5.80 65.59 -9.25
N ASP D 350 6.92 66.15 -8.78
CA ASP D 350 6.94 67.08 -7.65
C ASP D 350 6.64 68.52 -8.10
N THR D 351 6.83 68.84 -9.39
CA THR D 351 6.58 70.17 -9.98
C THR D 351 5.07 70.41 -10.20
N VAL D 352 4.67 71.68 -10.42
CA VAL D 352 3.27 72.07 -10.64
C VAL D 352 2.81 71.61 -12.03
N ALA D 353 1.68 70.89 -12.06
CA ALA D 353 1.03 70.36 -13.26
C ALA D 353 0.41 71.50 -14.11
N PRO D 354 0.28 71.36 -15.45
CA PRO D 354 -0.34 72.44 -16.26
C PRO D 354 -1.81 72.69 -15.90
N VAL D 355 -2.59 71.62 -15.70
CA VAL D 355 -4.00 71.71 -15.34
C VAL D 355 -4.21 71.06 -13.97
N VAL D 356 -4.54 71.89 -12.97
CA VAL D 356 -4.82 71.45 -11.60
C VAL D 356 -6.34 71.49 -11.44
N PRO D 357 -7.01 70.32 -11.23
CA PRO D 357 -8.48 70.32 -11.14
C PRO D 357 -9.06 71.15 -9.99
N ASP D 358 -10.05 72.00 -10.33
CA ASP D 358 -10.76 72.86 -9.39
C ASP D 358 -11.84 71.99 -8.74
N LEU D 359 -11.54 71.47 -7.55
CA LEU D 359 -12.43 70.56 -6.83
C LEU D 359 -13.13 71.22 -5.64
N SER D 360 -14.45 71.04 -5.57
CA SER D 360 -15.32 71.60 -4.53
C SER D 360 -15.53 70.65 -3.35
N SER D 361 -15.63 69.33 -3.64
CA SER D 361 -15.87 68.30 -2.63
C SER D 361 -15.07 67.03 -2.92
N ASP D 362 -15.06 66.08 -1.95
CA ASP D 362 -14.38 64.78 -2.06
C ASP D 362 -15.06 63.86 -3.09
N ILE D 363 -16.31 64.18 -3.47
CA ILE D 363 -17.12 63.43 -4.45
C ILE D 363 -17.41 64.26 -5.73
N ASP D 364 -16.52 65.21 -6.07
CA ASP D 364 -16.62 66.07 -7.25
C ASP D 364 -16.36 65.23 -8.51
N THR D 365 -17.25 65.32 -9.51
CA THR D 365 -17.16 64.56 -10.77
C THR D 365 -17.21 65.45 -12.02
N SER D 366 -16.86 66.75 -11.89
CA SER D 366 -16.88 67.73 -12.98
C SER D 366 -16.02 67.33 -14.19
N ASN D 367 -14.87 66.69 -13.93
CA ASN D 367 -13.93 66.23 -14.96
C ASN D 367 -14.35 64.92 -15.66
N PHE D 368 -15.50 64.34 -15.24
CA PHE D 368 -16.06 63.11 -15.80
C PHE D 368 -17.40 63.39 -16.44
N ASP D 369 -17.51 63.15 -17.77
CA ASP D 369 -18.76 63.34 -18.52
C ASP D 369 -19.83 62.34 -18.08
N ASP D 370 -21.05 62.84 -17.84
CA ASP D 370 -22.22 62.10 -17.37
C ASP D 370 -22.55 60.89 -18.20
N LEU D 371 -22.97 59.83 -17.51
CA LEU D 371 -23.38 58.55 -18.08
C LEU D 371 -24.72 58.14 -17.47
N GLU D 372 -25.53 57.37 -18.24
CA GLU D 372 -26.82 56.83 -17.81
C GLU D 372 -26.55 55.95 -16.57
N GLU D 373 -27.08 56.37 -15.40
CA GLU D 373 -26.88 55.69 -14.11
C GLU D 373 -27.46 54.27 -14.08
N ASP D 374 -26.66 53.30 -14.58
CA ASP D 374 -27.01 51.88 -14.65
C ASP D 374 -26.45 51.14 -13.42
N LYS D 375 -26.96 49.93 -13.15
CA LYS D 375 -26.58 49.11 -11.99
C LYS D 375 -26.13 47.69 -12.37
N GLY D 376 -26.93 47.05 -13.22
CA GLY D 376 -26.69 45.68 -13.68
C GLY D 376 -27.77 44.69 -13.26
N GLU D 377 -29.04 45.15 -13.28
CA GLU D 377 -30.24 44.37 -12.96
C GLU D 377 -30.71 43.57 -14.18
N GLU D 378 -29.76 42.85 -14.81
CA GLU D 378 -29.98 42.05 -16.03
C GLU D 378 -29.61 40.57 -15.82
N GLU D 379 -29.38 39.86 -16.95
CA GLU D 379 -29.05 38.44 -17.14
C GLU D 379 -28.21 37.79 -16.03
N THR D 380 -28.63 36.59 -15.61
CA THR D 380 -28.00 35.78 -14.57
C THR D 380 -27.78 34.37 -15.12
N PHE D 381 -26.78 33.63 -14.59
CA PHE D 381 -26.51 32.27 -15.03
C PHE D 381 -27.72 31.36 -14.76
N PRO D 382 -28.14 30.54 -15.74
CA PRO D 382 -29.29 29.64 -15.51
C PRO D 382 -28.95 28.52 -14.54
N ILE D 383 -29.98 27.99 -13.84
CA ILE D 383 -29.85 26.89 -12.87
C ILE D 383 -29.27 25.66 -13.58
N PRO D 384 -28.07 25.20 -13.20
CA PRO D 384 -27.47 24.06 -13.89
C PRO D 384 -28.07 22.70 -13.55
N LYS D 385 -28.10 21.81 -14.56
CA LYS D 385 -28.58 20.43 -14.45
C LYS D 385 -27.44 19.49 -14.04
N ALA D 386 -26.20 19.98 -14.15
CA ALA D 386 -24.95 19.29 -13.79
C ALA D 386 -23.88 20.35 -13.47
N PHE D 387 -22.75 19.94 -12.85
CA PHE D 387 -21.67 20.85 -12.50
C PHE D 387 -21.03 21.54 -13.71
N VAL D 388 -21.20 22.87 -13.79
CA VAL D 388 -20.65 23.73 -14.83
C VAL D 388 -19.41 24.48 -14.33
N GLY D 389 -19.46 24.90 -13.06
CA GLY D 389 -18.37 25.60 -12.38
C GLY D 389 -18.02 26.96 -12.94
N ASN D 390 -19.02 27.84 -13.11
CA ASN D 390 -18.84 29.20 -13.64
C ASN D 390 -18.02 30.10 -12.73
N GLN D 391 -17.89 29.76 -11.43
CA GLN D 391 -17.15 30.55 -10.45
C GLN D 391 -15.67 30.19 -10.37
N LEU D 392 -15.27 29.06 -10.97
CA LEU D 392 -13.88 28.56 -10.98
C LEU D 392 -12.87 29.52 -11.62
N PRO D 393 -13.12 30.18 -12.79
CA PRO D 393 -12.10 31.07 -13.37
C PRO D 393 -11.81 32.36 -12.60
N PHE D 394 -12.59 32.59 -11.52
CA PHE D 394 -12.49 33.79 -10.68
C PHE D 394 -11.85 33.53 -9.32
N VAL D 395 -11.60 32.24 -8.99
CA VAL D 395 -10.95 31.80 -7.75
C VAL D 395 -9.56 32.41 -7.65
N GLY D 396 -9.32 33.15 -6.58
CA GLY D 396 -8.03 33.78 -6.31
C GLY D 396 -7.98 35.27 -6.58
N PHE D 397 -9.12 35.86 -7.00
CA PHE D 397 -9.19 37.29 -7.30
C PHE D 397 -9.20 38.18 -6.04
N THR D 398 -9.74 37.68 -4.91
CA THR D 398 -9.82 38.44 -3.65
C THR D 398 -8.43 38.88 -3.15
N TYR D 399 -8.31 40.18 -2.86
CA TYR D 399 -7.10 40.83 -2.36
C TYR D 399 -7.44 41.90 -1.31
N TYR D 400 -6.65 41.95 -0.22
CA TYR D 400 -6.78 42.92 0.87
C TYR D 400 -5.42 43.53 1.21
N SER D 401 -5.35 44.88 1.25
CA SER D 401 -4.13 45.59 1.60
C SER D 401 -4.42 46.71 2.61
N ASN D 402 -3.98 46.58 3.89
CA ASN D 402 -3.18 45.45 4.41
C ASN D 402 -3.97 44.54 5.38
#